data_9EOA
#
_entry.id   9EOA
#
_cell.length_a   1.00
_cell.length_b   1.00
_cell.length_c   1.00
_cell.angle_alpha   90.00
_cell.angle_beta   90.00
_cell.angle_gamma   90.00
#
_symmetry.space_group_name_H-M   'P 1'
#
loop_
_entity.id
_entity.type
_entity.pdbx_description
1 polymer 'Fanconi-associated nuclease 1'
2 polymer 'DNA (continuous)'
3 polymer 'DNA (pre-nick)'
4 polymer 'DNA (post-nick)'
5 polymer 'Proliferating cell nuclear antigen'
#
loop_
_entity_poly.entity_id
_entity_poly.type
_entity_poly.pdbx_seq_one_letter_code
_entity_poly.pdbx_strand_id
1 'polypeptide(L)'
;HPYYLRSFLVVLKTVLENEDDMLLFDEQEKGIVTKFYQLSATGQKLYVRLFQRKLSWIKMTKLEYEEIALDLTPVIEELT
NAGFLQTESELQELSEVLELLSAPELKSLAKTFHLVNPNGQKQQLVDAFLKLAKQRSVCTWGKNKPGIGAVILKRAKALA
GQSVRICKGPRAVFSRILLLFSLTDSMEDEDAACGGQGQLSTVLLVNLGRMEFPSYTINRKTHIFQDRDDLIRYAAATHM
LSDISSAMANGNWEEAKELAQCAKRDWNRLKNHPSLRCHEDLPLFLRCFTVGWIYTRILSRFVEILQRLHMYEEAVRELE
SLLSQRIYCPDSRGRWWDRLALNLHQHLKRLEPTIKCITEGLADPEVRTGHRLSLYQRAVRLRESPSCKKFKHLFQQLPE
MAVQDVKHVTITGRLCPQRGMCKSVFVMEAGEAADPTTVLCSVEELALAHYRRSGFDQGIHGEGSTFSTLYGLLLWDIIF
MDGIPDVFRNACQAFPLDLCTDSFFTSRRPALEARLQLIHDAPEESLRAWVAATWHEQEGRVASLVSWDRFTSLQQAQDL
VSCLGGPVLSGVCRHLAADFRHCRGGLPDLVVWNSQSRHFKLVEVKGPNDRLSHKQMIWLAELQKLGAEVEVCHVV
;
A
2 'polydeoxyribonucleotide'
;(DC)(DC)(DC)(DG)(DT)(DC)(DC)(DA)(DG)(DG)(DT)(DC)(DT)(DC)(DG)(DT)(DC)(DC)(DG)(DC)
(DG)(DC)(DC)(DA)(DC)(DT)(DC)(DG)(DT)(DG)(DT)(DC)(DC)(DA)(DG)(DC)(DG)(DT)(DC)(DG)
;
B
3 'polydeoxyribonucleotide'
;(DC)(DG)(DA)(DC)(DG)(DC)(DT)(DG)(DG)(DA)(DC)(DA)(DC)(DG)(DA)(DG)(DT)(DG)(DG)(DC)
(DT)(DT)(DT)(DT)(DT)(DT)(DT)(DT)
;
C
4 'polydeoxyribonucleotide'
;(DT)(DG)(DC)(DG)(DG)(DA)(DC)(DG)(DA)(DG)(DA)(DC)(DC)(DT)(DG)(DG)(DA)(DC)(DG)(DG)
(DG)
;
D
5 'polypeptide(L)'
;MFEARLVQGSILKKVLEALKDLINEACWDISSSGVNLQSMDSSHVSLVQLTLRSEGFDTYRCDRNLAMGVNLTSMSKILK
CAGNEDIITLRAEDNADTLALVFEAPNQEKVSDYEMKLMDLDVEQLGIPEQEYSCVVKMPSGEFARICRDLSHIGDAVVI
SCAKDGVKFSASGELGNGNIKLSQTSNVDKEEEAVTIEMNEPVQLTFALRYLNFFTKATPLSSTVTLSMSADVPLVVEYK
IADMGHLKYYLAPKIE
;
F,G,H
#
loop_
_chem_comp.id
_chem_comp.type
_chem_comp.name
_chem_comp.formula
DA DNA linking 2'-DEOXYADENOSINE-5'-MONOPHOSPHATE 'C10 H14 N5 O6 P'
DC DNA linking 2'-DEOXYCYTIDINE-5'-MONOPHOSPHATE 'C9 H14 N3 O7 P'
DG DNA linking 2'-DEOXYGUANOSINE-5'-MONOPHOSPHATE 'C10 H14 N5 O7 P'
DT DNA linking THYMIDINE-5'-MONOPHOSPHATE 'C10 H15 N2 O8 P'
#
# COMPACT_ATOMS: atom_id res chain seq x y z
N HIS A 1 20.99 -33.59 17.61
CA HIS A 1 19.91 -32.61 17.72
C HIS A 1 20.39 -31.20 17.40
N PRO A 2 19.59 -30.46 16.66
CA PRO A 2 19.85 -29.03 16.51
C PRO A 2 19.56 -28.28 17.80
N TYR A 3 19.82 -26.97 17.78
CA TYR A 3 19.84 -26.21 19.02
C TYR A 3 18.44 -25.98 19.58
N TYR A 4 17.46 -25.73 18.71
CA TYR A 4 16.14 -25.33 19.18
C TYR A 4 15.45 -26.49 19.90
N LEU A 5 15.52 -27.68 19.32
CA LEU A 5 14.94 -28.85 19.96
C LEU A 5 15.72 -29.23 21.21
N ARG A 6 17.04 -28.98 21.21
CA ARG A 6 17.83 -29.25 22.41
C ARG A 6 17.39 -28.36 23.56
N SER A 7 17.18 -27.07 23.27
CA SER A 7 16.65 -26.16 24.29
C SER A 7 15.27 -26.60 24.76
N PHE A 8 14.40 -26.96 23.82
CA PHE A 8 13.06 -27.39 24.18
C PHE A 8 13.09 -28.64 25.05
N LEU A 9 13.95 -29.59 24.71
CA LEU A 9 14.01 -30.84 25.47
C LEU A 9 14.58 -30.61 26.85
N VAL A 10 15.55 -29.71 26.99
CA VAL A 10 16.07 -29.40 28.31
C VAL A 10 14.99 -28.73 29.16
N VAL A 11 14.23 -27.80 28.57
CA VAL A 11 13.14 -27.17 29.31
C VAL A 11 12.13 -28.21 29.76
N LEU A 12 11.73 -29.10 28.84
CA LEU A 12 10.76 -30.13 29.17
C LEU A 12 11.27 -31.06 30.26
N LYS A 13 12.54 -31.48 30.16
CA LYS A 13 13.09 -32.38 31.16
C LYS A 13 13.12 -31.72 32.52
N THR A 14 13.54 -30.46 32.58
CA THR A 14 13.62 -29.75 33.86
C THR A 14 12.25 -29.60 34.48
N VAL A 15 11.23 -29.26 33.70
CA VAL A 15 9.89 -29.09 34.26
C VAL A 15 9.32 -30.44 34.67
N LEU A 16 9.52 -31.48 33.85
CA LEU A 16 8.96 -32.79 34.16
C LEU A 16 9.56 -33.35 35.44
N GLU A 17 10.86 -33.13 35.67
CA GLU A 17 11.48 -33.65 36.89
C GLU A 17 10.85 -33.06 38.14
N ASN A 18 10.28 -31.86 38.04
CA ASN A 18 9.58 -31.28 39.18
C ASN A 18 8.26 -32.03 39.42
N GLU A 19 8.06 -32.47 40.66
CA GLU A 19 6.80 -33.12 41.00
C GLU A 19 5.67 -32.11 41.16
N ASP A 20 5.98 -30.93 41.69
CA ASP A 20 4.96 -29.91 41.90
C ASP A 20 4.41 -29.40 40.57
N ASP A 21 5.31 -29.11 39.62
CA ASP A 21 4.87 -28.65 38.31
C ASP A 21 4.04 -29.71 37.60
N MET A 22 4.43 -30.98 37.74
CA MET A 22 3.63 -32.06 37.16
C MET A 22 2.26 -32.14 37.80
N LEU A 23 2.19 -31.96 39.12
CA LEU A 23 0.90 -31.88 39.80
C LEU A 23 0.08 -30.72 39.28
N LEU A 24 0.75 -29.65 38.85
CA LEU A 24 0.04 -28.45 38.38
C LEU A 24 -0.73 -28.72 37.10
N PHE A 25 -0.36 -29.75 36.35
CA PHE A 25 -1.03 -30.03 35.09
C PHE A 25 -2.19 -30.99 35.28
N ASP A 26 -3.06 -31.04 34.27
CA ASP A 26 -4.09 -32.06 34.20
C ASP A 26 -3.53 -33.30 33.50
N GLU A 27 -4.29 -34.39 33.56
CA GLU A 27 -3.82 -35.63 32.96
C GLU A 27 -3.76 -35.52 31.44
N GLN A 28 -4.69 -34.78 30.84
CA GLN A 28 -4.71 -34.61 29.40
C GLN A 28 -3.43 -33.93 28.92
N GLU A 29 -3.00 -32.88 29.63
CA GLU A 29 -1.80 -32.14 29.22
C GLU A 29 -0.55 -33.00 29.37
N LYS A 30 -0.50 -33.84 30.39
CA LYS A 30 0.55 -34.85 30.45
C LYS A 30 0.45 -35.79 29.25
N GLY A 31 -0.77 -36.03 28.75
CA GLY A 31 -0.92 -36.79 27.53
C GLY A 31 -0.30 -36.10 26.33
N ILE A 32 -0.51 -34.79 26.20
CA ILE A 32 0.18 -34.03 25.16
C ILE A 32 1.70 -34.15 25.31
N VAL A 33 2.20 -34.06 26.53
CA VAL A 33 3.65 -34.16 26.72
C VAL A 33 4.16 -35.52 26.26
N THR A 34 3.48 -36.59 26.69
CA THR A 34 3.95 -37.93 26.37
C THR A 34 3.74 -38.26 24.89
N LYS A 35 2.81 -37.56 24.23
CA LYS A 35 2.70 -37.71 22.78
C LYS A 35 3.81 -36.96 22.06
N PHE A 36 4.22 -35.80 22.61
CA PHE A 36 5.35 -35.08 22.05
C PHE A 36 6.62 -35.92 22.13
N TYR A 37 6.84 -36.58 23.27
CA TYR A 37 7.96 -37.52 23.36
C TYR A 37 7.79 -38.69 22.42
N GLN A 38 6.56 -38.99 22.01
CA GLN A 38 6.29 -40.12 21.11
C GLN A 38 6.23 -39.65 19.66
N LEU A 39 7.33 -39.06 19.21
CA LEU A 39 7.45 -38.61 17.82
C LEU A 39 8.85 -38.94 17.31
N SER A 40 8.99 -38.90 16.00
CA SER A 40 10.31 -39.00 15.40
C SER A 40 11.10 -37.72 15.65
N ALA A 41 12.41 -37.81 15.43
CA ALA A 41 13.27 -36.65 15.67
C ALA A 41 12.88 -35.48 14.79
N THR A 42 12.59 -35.76 13.51
CA THR A 42 12.16 -34.68 12.62
C THR A 42 10.84 -34.10 13.07
N GLY A 43 9.97 -34.93 13.65
CA GLY A 43 8.71 -34.41 14.16
C GLY A 43 8.91 -33.43 15.29
N GLN A 44 9.77 -33.78 16.25
CA GLN A 44 10.08 -32.87 17.35
C GLN A 44 10.71 -31.59 16.84
N LYS A 45 11.64 -31.72 15.89
CA LYS A 45 12.32 -30.55 15.35
C LYS A 45 11.31 -29.60 14.70
N LEU A 46 10.42 -30.13 13.88
CA LEU A 46 9.46 -29.30 13.19
C LEU A 46 8.44 -28.72 14.16
N TYR A 47 8.09 -29.46 15.21
CA TYR A 47 7.16 -28.91 16.18
C TYR A 47 7.79 -27.73 16.91
N VAL A 48 9.05 -27.87 17.32
CA VAL A 48 9.73 -26.76 18.00
C VAL A 48 9.81 -25.56 17.06
N ARG A 49 10.17 -25.81 15.80
CA ARG A 49 10.21 -24.73 14.82
C ARG A 49 8.88 -24.01 14.71
N LEU A 50 7.79 -24.77 14.55
CA LEU A 50 6.50 -24.13 14.39
C LEU A 50 6.05 -23.44 15.68
N PHE A 51 6.56 -23.92 16.83
CA PHE A 51 6.15 -23.35 18.14
C PHE A 51 6.86 -22.03 18.35
N GLN A 52 8.14 -21.97 18.01
CA GLN A 52 8.91 -20.71 18.14
C GLN A 52 8.25 -19.69 17.20
N ARG A 53 7.79 -20.16 16.05
CA ARG A 53 7.13 -19.28 15.04
C ARG A 53 5.77 -18.83 15.54
N LYS A 54 5.26 -17.73 15.01
CA LYS A 54 3.99 -17.12 15.48
C LYS A 54 2.84 -18.10 15.24
N LEU A 55 1.82 -18.07 16.10
CA LEU A 55 0.71 -19.06 16.00
C LEU A 55 -0.25 -18.55 14.95
N SER A 56 0.11 -18.79 13.69
CA SER A 56 -0.74 -18.40 12.54
C SER A 56 -0.58 -19.49 11.50
N TRP A 57 -1.55 -19.63 10.59
CA TRP A 57 -1.41 -20.62 9.50
C TRP A 57 -0.16 -20.30 8.68
N ILE A 58 0.62 -21.32 8.37
CA ILE A 58 1.80 -21.17 7.54
C ILE A 58 1.67 -22.11 6.35
N LYS A 59 1.87 -21.57 5.15
CA LYS A 59 1.74 -22.37 3.94
C LYS A 59 2.79 -23.46 3.91
N MET A 60 2.40 -24.63 3.40
CA MET A 60 3.34 -25.74 3.29
C MET A 60 4.49 -25.40 2.36
N THR A 61 4.24 -24.58 1.34
CA THR A 61 5.32 -24.15 0.46
C THR A 61 6.36 -23.32 1.20
N LYS A 62 5.91 -22.40 2.05
CA LYS A 62 6.83 -21.55 2.79
C LYS A 62 7.56 -22.29 3.91
N LEU A 63 7.11 -23.47 4.29
CA LEU A 63 7.83 -24.28 5.28
C LEU A 63 8.92 -25.04 4.53
N GLU A 64 10.13 -24.50 4.57
CA GLU A 64 11.30 -25.14 3.98
C GLU A 64 12.39 -25.18 5.03
N TYR A 65 12.55 -26.33 5.68
CA TYR A 65 13.57 -26.52 6.71
C TYR A 65 14.52 -27.60 6.20
N GLU A 66 15.74 -27.20 5.88
CA GLU A 66 16.68 -28.12 5.24
C GLU A 66 17.18 -29.19 6.20
N GLU A 67 17.29 -28.86 7.48
CA GLU A 67 17.93 -29.77 8.43
C GLU A 67 17.05 -30.95 8.78
N ILE A 68 15.72 -30.82 8.67
CA ILE A 68 14.84 -31.89 9.10
C ILE A 68 14.71 -32.93 7.99
N ALA A 69 14.20 -32.51 6.83
CA ALA A 69 14.00 -33.39 5.70
C ALA A 69 13.71 -32.52 4.48
N LEU A 70 14.15 -32.99 3.31
CA LEU A 70 13.91 -32.23 2.08
C LEU A 70 12.43 -32.10 1.80
N ASP A 71 11.66 -33.17 2.02
CA ASP A 71 10.22 -33.16 1.89
C ASP A 71 9.61 -33.31 3.29
N LEU A 72 8.80 -32.34 3.69
CA LEU A 72 8.28 -32.30 5.05
C LEU A 72 6.80 -32.65 5.13
N THR A 73 6.20 -33.13 4.04
CA THR A 73 4.82 -33.61 4.11
C THR A 73 4.66 -34.78 5.06
N PRO A 74 5.55 -35.80 5.07
CA PRO A 74 5.40 -36.84 6.10
C PRO A 74 5.45 -36.30 7.52
N VAL A 75 6.30 -35.30 7.77
CA VAL A 75 6.42 -34.76 9.13
C VAL A 75 5.14 -34.03 9.53
N ILE A 76 4.58 -33.24 8.62
CA ILE A 76 3.32 -32.55 8.91
C ILE A 76 2.20 -33.56 9.12
N GLU A 77 2.18 -34.62 8.31
CA GLU A 77 1.17 -35.66 8.49
C GLU A 77 1.32 -36.32 9.87
N GLU A 78 2.54 -36.62 10.28
CA GLU A 78 2.76 -37.23 11.58
C GLU A 78 2.31 -36.31 12.71
N LEU A 79 2.65 -35.03 12.60
CA LEU A 79 2.26 -34.09 13.65
C LEU A 79 0.75 -33.89 13.70
N THR A 80 0.08 -33.87 12.56
CA THR A 80 -1.38 -33.71 12.57
C THR A 80 -2.08 -34.98 13.00
N ASN A 81 -1.45 -36.14 12.82
CA ASN A 81 -1.94 -37.35 13.47
C ASN A 81 -1.80 -37.24 14.98
N ALA A 82 -0.67 -36.73 15.45
CA ALA A 82 -0.45 -36.61 16.88
C ALA A 82 -1.31 -35.54 17.53
N GLY A 83 -1.91 -34.67 16.73
CA GLY A 83 -2.84 -33.65 17.29
C GLY A 83 -2.24 -32.27 17.31
N PHE A 84 -0.92 -32.17 17.35
CA PHE A 84 -0.27 -30.85 17.50
C PHE A 84 -0.47 -29.95 16.28
N LEU A 85 -0.62 -30.54 15.09
CA LEU A 85 -0.68 -29.72 13.86
C LEU A 85 -2.07 -29.78 13.23
N GLN A 86 -2.60 -28.63 12.85
CA GLN A 86 -3.94 -28.60 12.21
C GLN A 86 -3.73 -28.36 10.72
N THR A 87 -4.29 -29.23 9.88
CA THR A 87 -4.17 -29.13 8.40
C THR A 87 -5.19 -28.12 7.89
N GLU A 88 -5.17 -27.79 6.61
CA GLU A 88 -6.04 -26.73 6.01
C GLU A 88 -7.50 -27.09 6.22
N SER A 89 -7.85 -28.37 6.33
CA SER A 89 -9.28 -28.74 6.42
C SER A 89 -9.92 -28.09 7.65
N GLU A 90 -9.23 -28.04 8.79
CA GLU A 90 -9.79 -27.35 9.98
C GLU A 90 -9.51 -25.84 9.91
N LEU A 91 -9.82 -25.20 8.79
CA LEU A 91 -9.52 -23.76 8.61
C LEU A 91 -10.85 -23.18 8.19
N GLN A 92 -11.86 -23.36 9.03
CA GLN A 92 -13.18 -22.94 8.59
C GLN A 92 -13.47 -21.48 8.93
N GLU A 93 -12.47 -20.73 9.39
CA GLU A 93 -12.64 -19.34 9.75
C GLU A 93 -12.08 -18.47 8.64
N LEU A 94 -12.93 -17.59 8.10
CA LEU A 94 -12.54 -16.83 6.92
C LEU A 94 -11.37 -15.91 7.20
N SER A 95 -11.37 -15.27 8.38
CA SER A 95 -10.31 -14.32 8.70
C SER A 95 -8.95 -15.00 8.69
N GLU A 96 -8.87 -16.22 9.20
CA GLU A 96 -7.60 -16.93 9.22
C GLU A 96 -7.10 -17.24 7.81
N VAL A 97 -8.00 -17.69 6.92
CA VAL A 97 -7.58 -17.96 5.54
C VAL A 97 -7.10 -16.68 4.88
N LEU A 98 -7.84 -15.59 5.07
CA LEU A 98 -7.46 -14.33 4.44
C LEU A 98 -6.11 -13.83 4.95
N GLU A 99 -5.88 -13.92 6.26
CA GLU A 99 -4.58 -13.52 6.80
C GLU A 99 -3.48 -14.42 6.27
N LEU A 100 -3.78 -15.71 6.08
CA LEU A 100 -2.79 -16.63 5.53
C LEU A 100 -2.41 -16.26 4.11
N LEU A 101 -3.37 -15.77 3.34
CA LEU A 101 -3.13 -15.43 1.94
C LEU A 101 -2.10 -14.33 1.82
N SER A 102 -1.25 -14.43 0.80
CA SER A 102 -0.30 -13.37 0.51
C SER A 102 -1.00 -12.22 -0.20
N ALA A 103 -0.31 -11.08 -0.25
CA ALA A 103 -0.88 -9.91 -0.91
C ALA A 103 -1.21 -10.14 -2.38
N PRO A 104 -0.35 -10.75 -3.21
CA PRO A 104 -0.77 -11.01 -4.59
C PRO A 104 -1.98 -11.94 -4.69
N GLU A 105 -1.99 -13.01 -3.90
CA GLU A 105 -3.12 -13.93 -3.94
C GLU A 105 -4.39 -13.28 -3.42
N LEU A 106 -4.27 -12.48 -2.36
CA LEU A 106 -5.44 -11.78 -1.84
C LEU A 106 -5.97 -10.78 -2.87
N LYS A 107 -5.07 -10.11 -3.59
CA LYS A 107 -5.49 -9.20 -4.64
C LYS A 107 -6.22 -9.95 -5.77
N SER A 108 -5.73 -11.16 -6.06
CA SER A 108 -6.38 -12.00 -7.10
C SER A 108 -7.78 -12.41 -6.65
N LEU A 109 -7.90 -12.86 -5.40
CA LEU A 109 -9.22 -13.28 -4.86
C LEU A 109 -10.12 -12.06 -4.90
N ALA A 110 -9.59 -10.89 -4.57
CA ALA A 110 -10.45 -9.70 -4.48
C ALA A 110 -11.08 -9.41 -5.83
N LYS A 111 -10.29 -9.53 -6.90
CA LYS A 111 -10.84 -9.26 -8.25
C LYS A 111 -11.93 -10.29 -8.54
N THR A 112 -11.71 -11.54 -8.16
CA THR A 112 -12.69 -12.61 -8.45
C THR A 112 -13.99 -12.30 -7.72
N PHE A 113 -13.89 -11.81 -6.48
CA PHE A 113 -15.12 -11.58 -5.68
C PHE A 113 -15.62 -10.17 -5.94
N HIS A 114 -14.96 -9.42 -6.81
CA HIS A 114 -15.47 -8.09 -7.22
C HIS A 114 -15.48 -7.15 -6.00
N LEU A 115 -14.44 -7.21 -5.19
CA LEU A 115 -14.29 -6.29 -4.07
C LEU A 115 -14.15 -4.87 -4.57
N VAL A 116 -14.31 -3.92 -3.65
CA VAL A 116 -14.23 -2.50 -4.00
C VAL A 116 -12.83 -2.16 -4.51
N ASN A 117 -11.80 -2.64 -3.83
CA ASN A 117 -10.42 -2.38 -4.21
C ASN A 117 -9.73 -3.70 -4.53
N PRO A 118 -9.61 -4.07 -5.79
CA PRO A 118 -8.84 -5.28 -6.12
C PRO A 118 -7.38 -5.14 -5.71
N ASN A 119 -6.92 -3.89 -5.61
CA ASN A 119 -5.59 -3.57 -5.14
C ASN A 119 -5.70 -2.63 -3.95
N GLY A 120 -4.89 -2.87 -2.94
CA GLY A 120 -4.94 -2.04 -1.75
C GLY A 120 -4.24 -2.72 -0.59
N GLN A 121 -4.45 -2.16 0.60
CA GLN A 121 -3.85 -2.72 1.80
C GLN A 121 -4.43 -4.10 2.09
N LYS A 122 -3.59 -4.98 2.62
CA LYS A 122 -4.03 -6.33 2.95
C LYS A 122 -5.13 -6.31 3.99
N GLN A 123 -4.97 -5.48 5.03
CA GLN A 123 -5.98 -5.41 6.07
C GLN A 123 -7.31 -4.87 5.54
N GLN A 124 -7.24 -3.88 4.66
CA GLN A 124 -8.46 -3.33 4.06
C GLN A 124 -9.17 -4.39 3.24
N LEU A 125 -8.42 -5.17 2.46
CA LEU A 125 -9.03 -6.24 1.68
C LEU A 125 -9.64 -7.31 2.58
N VAL A 126 -8.97 -7.65 3.67
CA VAL A 126 -9.50 -8.64 4.61
C VAL A 126 -10.81 -8.15 5.22
N ASP A 127 -10.83 -6.88 5.64
CA ASP A 127 -12.06 -6.33 6.21
C ASP A 127 -13.18 -6.30 5.18
N ALA A 128 -12.85 -5.94 3.93
CA ALA A 128 -13.86 -5.90 2.88
C ALA A 128 -14.42 -7.29 2.63
N PHE A 129 -13.56 -8.31 2.65
CA PHE A 129 -14.03 -9.68 2.50
C PHE A 129 -14.94 -10.08 3.65
N LEU A 130 -14.58 -9.71 4.89
CA LEU A 130 -15.44 -10.01 6.02
C LEU A 130 -16.80 -9.34 5.87
N LYS A 131 -16.81 -8.13 5.33
CA LYS A 131 -18.09 -7.47 5.05
C LYS A 131 -18.89 -8.23 4.00
N LEU A 132 -18.22 -8.73 2.96
CA LEU A 132 -18.93 -9.39 1.88
C LEU A 132 -19.47 -10.74 2.32
N ALA A 133 -18.79 -11.41 3.25
CA ALA A 133 -19.20 -12.74 3.66
C ALA A 133 -20.60 -12.75 4.27
N LYS A 134 -20.97 -11.66 4.94
CA LYS A 134 -22.24 -11.62 5.65
C LYS A 134 -23.44 -11.35 4.74
N GLN A 135 -23.21 -10.97 3.49
CA GLN A 135 -24.33 -10.66 2.61
C GLN A 135 -25.03 -11.94 2.17
N ARG A 136 -26.22 -11.77 1.59
CA ARG A 136 -27.05 -12.88 1.16
C ARG A 136 -26.82 -13.19 -0.31
N SER A 137 -26.82 -14.48 -0.64
CA SER A 137 -26.77 -14.90 -2.04
C SER A 137 -28.14 -14.78 -2.68
N VAL A 138 -28.18 -15.01 -3.99
CA VAL A 138 -29.42 -14.91 -4.75
C VAL A 138 -30.17 -16.25 -4.66
N CYS A 139 -29.66 -17.14 -3.81
CA CYS A 139 -30.29 -18.46 -3.64
C CYS A 139 -31.74 -18.35 -3.17
N THR A 140 -32.09 -17.25 -2.51
CA THR A 140 -33.45 -17.03 -2.06
C THR A 140 -34.40 -16.90 -3.25
N PRO A 146 -28.54 -18.92 4.65
CA PRO A 146 -27.35 -19.24 3.84
C PRO A 146 -26.21 -18.24 4.05
N GLY A 147 -25.09 -18.46 3.38
CA GLY A 147 -23.95 -17.58 3.51
C GLY A 147 -23.09 -17.47 2.27
N ILE A 148 -22.84 -16.23 1.83
CA ILE A 148 -21.93 -16.02 0.71
C ILE A 148 -20.50 -16.35 1.10
N GLY A 149 -20.14 -16.11 2.36
CA GLY A 149 -18.78 -16.35 2.80
C GLY A 149 -18.33 -17.79 2.65
N ALA A 150 -19.29 -18.71 2.51
CA ALA A 150 -18.93 -20.10 2.25
C ALA A 150 -18.18 -20.22 0.94
N VAL A 151 -18.63 -19.49 -0.09
CA VAL A 151 -17.91 -19.50 -1.36
C VAL A 151 -16.58 -18.77 -1.22
N ILE A 152 -16.56 -17.67 -0.46
CA ILE A 152 -15.31 -16.96 -0.21
C ILE A 152 -14.32 -17.89 0.49
N LEU A 153 -14.82 -18.62 1.49
CA LEU A 153 -13.97 -19.57 2.20
C LEU A 153 -13.40 -20.61 1.27
N LYS A 154 -14.24 -21.16 0.39
CA LYS A 154 -13.79 -22.21 -0.52
C LYS A 154 -12.72 -21.68 -1.48
N ARG A 155 -12.97 -20.51 -2.06
CA ARG A 155 -12.01 -19.98 -3.04
C ARG A 155 -10.71 -19.59 -2.36
N ALA A 156 -10.78 -18.99 -1.17
CA ALA A 156 -9.57 -18.61 -0.46
C ALA A 156 -8.77 -19.85 -0.06
N LYS A 157 -9.45 -20.92 0.36
CA LYS A 157 -8.75 -22.14 0.72
C LYS A 157 -8.10 -22.77 -0.51
N ALA A 158 -8.80 -22.76 -1.65
CA ALA A 158 -8.22 -23.31 -2.86
C ALA A 158 -7.01 -22.51 -3.29
N LEU A 159 -7.05 -21.19 -3.11
CA LEU A 159 -5.94 -20.33 -3.50
C LEU A 159 -4.75 -20.46 -2.56
N ALA A 160 -5.01 -20.58 -1.25
CA ALA A 160 -3.94 -20.66 -0.28
C ALA A 160 -3.13 -21.92 -0.45
N GLY A 161 -3.77 -23.02 -0.79
CA GLY A 161 -3.09 -24.28 -0.87
C GLY A 161 -2.93 -24.90 0.50
N GLN A 162 -2.14 -25.97 0.56
CA GLN A 162 -1.92 -26.66 1.82
C GLN A 162 -1.32 -25.70 2.85
N SER A 163 -1.92 -25.68 4.03
CA SER A 163 -1.46 -24.84 5.13
C SER A 163 -1.59 -25.59 6.43
N VAL A 164 -0.73 -25.26 7.39
CA VAL A 164 -0.71 -25.90 8.69
C VAL A 164 -0.68 -24.83 9.76
N ARG A 165 -1.14 -25.21 10.96
CA ARG A 165 -1.09 -24.32 12.12
C ARG A 165 -0.98 -25.18 13.36
N ILE A 166 -0.22 -24.69 14.34
CA ILE A 166 0.00 -25.45 15.56
C ILE A 166 -1.26 -25.37 16.42
N CYS A 167 -1.65 -26.50 17.01
CA CYS A 167 -2.88 -26.54 17.79
C CYS A 167 -2.72 -25.75 19.08
N LYS A 168 -3.76 -25.00 19.45
CA LYS A 168 -3.64 -24.08 20.56
C LYS A 168 -3.64 -24.79 21.91
N GLY A 169 -4.18 -26.00 21.98
CA GLY A 169 -4.21 -26.75 23.21
C GLY A 169 -2.84 -27.19 23.67
N PRO A 170 -2.20 -28.04 22.86
CA PRO A 170 -0.81 -28.39 23.13
C PRO A 170 0.12 -27.20 23.20
N ARG A 171 -0.16 -26.15 22.41
CA ARG A 171 0.65 -24.94 22.51
C ARG A 171 0.51 -24.30 23.87
N ALA A 172 -0.71 -24.27 24.42
CA ALA A 172 -0.88 -23.76 25.77
C ALA A 172 -0.14 -24.62 26.77
N VAL A 173 -0.16 -25.93 26.59
CA VAL A 173 0.56 -26.82 27.48
C VAL A 173 2.05 -26.48 27.49
N PHE A 174 2.64 -26.35 26.30
CA PHE A 174 4.07 -26.10 26.22
C PHE A 174 4.42 -24.67 26.63
N SER A 175 3.52 -23.71 26.41
CA SER A 175 3.75 -22.36 26.89
C SER A 175 3.75 -22.33 28.40
N ARG A 176 2.84 -23.07 29.04
CA ARG A 176 2.85 -23.15 30.50
C ARG A 176 4.09 -23.87 31.00
N ILE A 177 4.55 -24.90 30.29
CA ILE A 177 5.79 -25.56 30.66
C ILE A 177 6.96 -24.57 30.59
N LEU A 178 7.01 -23.79 29.51
CA LEU A 178 8.07 -22.80 29.37
C LEU A 178 8.00 -21.77 30.49
N LEU A 179 6.79 -21.37 30.86
CA LEU A 179 6.64 -20.38 31.93
C LEU A 179 7.13 -20.94 33.26
N LEU A 180 6.77 -22.20 33.57
CA LEU A 180 7.25 -22.81 34.80
C LEU A 180 8.76 -22.93 34.82
N PHE A 181 9.37 -23.27 33.67
CA PHE A 181 10.82 -23.33 33.62
C PHE A 181 11.45 -21.95 33.77
N SER A 182 10.96 -20.96 33.02
CA SER A 182 11.51 -19.62 33.03
C SER A 182 11.23 -18.87 34.32
N LEU A 183 10.37 -19.40 35.19
CA LEU A 183 10.20 -18.79 36.50
C LEU A 183 11.54 -18.66 37.20
N THR A 184 12.29 -19.74 37.29
CA THR A 184 13.59 -19.69 37.93
C THR A 184 14.61 -18.98 37.05
N ASP A 185 14.49 -19.15 35.73
CA ASP A 185 15.35 -18.46 34.76
C ASP A 185 16.83 -18.76 34.99
N LEU A 200 10.39 -19.35 23.86
CA LEU A 200 11.72 -19.30 24.47
C LEU A 200 12.45 -18.01 24.13
N SER A 201 13.09 -17.41 25.13
CA SER A 201 13.95 -16.26 24.89
C SER A 201 15.14 -16.67 24.04
N THR A 202 15.58 -15.76 23.17
CA THR A 202 16.64 -16.05 22.22
C THR A 202 17.94 -16.44 22.93
N VAL A 203 18.26 -15.77 24.03
CA VAL A 203 19.48 -16.10 24.78
C VAL A 203 19.42 -17.54 25.26
N LEU A 204 18.24 -18.00 25.65
CA LEU A 204 18.03 -19.38 26.08
C LEU A 204 17.59 -20.29 24.95
N LEU A 205 17.03 -19.74 23.86
CA LEU A 205 16.65 -20.57 22.73
C LEU A 205 17.87 -21.27 22.14
N VAL A 206 18.98 -20.55 22.01
CA VAL A 206 20.23 -21.11 21.54
C VAL A 206 21.17 -21.19 22.74
N ASN A 207 22.06 -22.18 22.70
CA ASN A 207 23.15 -22.42 23.63
C ASN A 207 22.68 -23.08 24.93
N LEU A 208 21.37 -23.22 25.16
CA LEU A 208 20.91 -23.73 26.45
C LEU A 208 21.40 -25.14 26.70
N GLY A 209 21.42 -25.98 25.67
CA GLY A 209 21.96 -27.32 25.82
C GLY A 209 23.43 -27.30 26.18
N ARG A 210 24.16 -26.29 25.72
CA ARG A 210 25.58 -26.21 25.98
C ARG A 210 25.91 -25.52 27.29
N MET A 211 25.06 -24.59 27.74
CA MET A 211 25.36 -23.88 28.99
C MET A 211 25.35 -24.85 30.16
N GLU A 212 26.43 -24.82 30.93
CA GLU A 212 26.62 -25.70 32.08
C GLU A 212 26.40 -24.86 33.33
N PHE A 213 25.33 -25.14 34.05
CA PHE A 213 24.91 -24.33 35.17
C PHE A 213 25.70 -24.64 36.44
N PRO A 214 25.74 -23.71 37.38
CA PRO A 214 26.48 -23.95 38.63
C PRO A 214 25.88 -25.10 39.42
N SER A 215 26.72 -25.71 40.25
CA SER A 215 26.31 -26.85 41.06
C SER A 215 25.65 -26.36 42.34
N TYR A 216 24.48 -26.89 42.64
CA TYR A 216 23.77 -26.60 43.87
C TYR A 216 22.82 -27.75 44.15
N THR A 217 22.40 -27.85 45.41
CA THR A 217 21.42 -28.84 45.80
C THR A 217 20.03 -28.22 45.80
N ILE A 218 19.10 -28.90 45.14
CA ILE A 218 17.74 -28.41 44.96
C ILE A 218 16.97 -28.66 46.25
N ASN A 219 16.36 -27.61 46.79
CA ASN A 219 15.56 -27.72 48.00
C ASN A 219 14.25 -26.98 47.74
N ARG A 220 13.15 -27.72 47.63
CA ARG A 220 11.85 -27.18 47.26
C ARG A 220 10.86 -27.51 48.37
N LYS A 221 10.58 -26.54 49.23
CA LYS A 221 9.65 -26.76 50.33
C LYS A 221 8.32 -26.07 50.10
N THR A 222 8.32 -24.93 49.43
CA THR A 222 7.12 -24.12 49.28
C THR A 222 6.61 -24.19 47.85
N HIS A 223 5.28 -24.15 47.71
CA HIS A 223 4.61 -24.20 46.43
C HIS A 223 4.14 -22.80 46.05
N ILE A 224 4.63 -22.30 44.91
CA ILE A 224 4.15 -21.01 44.42
C ILE A 224 2.73 -21.13 43.94
N PHE A 225 2.42 -22.20 43.21
CA PHE A 225 1.10 -22.44 42.66
C PHE A 225 0.42 -23.56 43.43
N GLN A 226 -0.89 -23.43 43.62
CA GLN A 226 -1.63 -24.39 44.43
C GLN A 226 -2.41 -25.36 43.55
N ASP A 227 -3.29 -24.84 42.70
CA ASP A 227 -4.13 -25.64 41.84
C ASP A 227 -3.76 -25.37 40.40
N ARG A 228 -4.20 -26.27 39.50
CA ARG A 228 -3.98 -26.06 38.07
C ARG A 228 -4.53 -24.73 37.62
N ASP A 229 -5.69 -24.34 38.15
CA ASP A 229 -6.29 -23.06 37.79
C ASP A 229 -5.36 -21.91 38.16
N ASP A 230 -4.61 -22.04 39.24
CA ASP A 230 -3.67 -20.99 39.62
C ASP A 230 -2.57 -20.83 38.58
N LEU A 231 -2.01 -21.93 38.08
CA LEU A 231 -0.98 -21.85 37.06
C LEU A 231 -1.55 -21.34 35.73
N ILE A 232 -2.76 -21.76 35.38
CA ILE A 232 -3.40 -21.25 34.17
C ILE A 232 -3.64 -19.75 34.28
N ARG A 233 -4.06 -19.30 35.45
CA ARG A 233 -4.28 -17.89 35.71
C ARG A 233 -2.97 -17.11 35.67
N TYR A 234 -1.91 -17.70 36.21
CA TYR A 234 -0.59 -17.08 36.11
C TYR A 234 -0.15 -16.96 34.66
N ALA A 235 -0.40 -18.00 33.86
CA ALA A 235 -0.05 -17.95 32.45
C ALA A 235 -0.85 -16.89 31.72
N ALA A 236 -2.13 -16.75 32.05
CA ALA A 236 -2.93 -15.70 31.45
C ALA A 236 -2.40 -14.33 31.81
N ALA A 237 -2.03 -14.13 33.07
CA ALA A 237 -1.46 -12.85 33.48
C ALA A 237 -0.12 -12.58 32.79
N THR A 238 0.71 -13.61 32.66
CA THR A 238 2.00 -13.45 31.98
C THR A 238 1.81 -13.14 30.51
N HIS A 239 0.85 -13.80 29.86
CA HIS A 239 0.57 -13.49 28.46
C HIS A 239 0.04 -12.08 28.30
N MET A 240 -0.80 -11.63 29.23
CA MET A 240 -1.27 -10.26 29.19
C MET A 240 -0.11 -9.27 29.32
N LEU A 241 0.81 -9.56 30.25
CA LEU A 241 1.97 -8.69 30.44
C LEU A 241 2.86 -8.70 29.20
N SER A 242 3.04 -9.87 28.59
CA SER A 242 3.87 -9.96 27.38
C SER A 242 3.24 -9.20 26.23
N ASP A 243 1.90 -9.29 26.09
CA ASP A 243 1.22 -8.54 25.05
C ASP A 243 1.33 -7.03 25.29
N ILE A 244 1.21 -6.60 26.54
CA ILE A 244 1.39 -5.18 26.86
C ILE A 244 2.80 -4.74 26.53
N SER A 245 3.79 -5.55 26.90
CA SER A 245 5.18 -5.19 26.62
C SER A 245 5.46 -5.14 25.13
N SER A 246 4.91 -6.09 24.36
CA SER A 246 5.09 -6.07 22.92
C SER A 246 4.41 -4.86 22.29
N ALA A 247 3.23 -4.49 22.79
CA ALA A 247 2.57 -3.28 22.31
C ALA A 247 3.40 -2.05 22.61
N MET A 248 4.03 -2.02 23.80
CA MET A 248 4.92 -0.92 24.13
C MET A 248 6.10 -0.86 23.18
N ALA A 249 6.71 -2.02 22.90
CA ALA A 249 7.88 -2.05 22.04
C ALA A 249 7.54 -1.63 20.61
N ASN A 250 6.41 -2.09 20.09
CA ASN A 250 6.00 -1.72 18.75
C ASN A 250 5.36 -0.34 18.68
N GLY A 251 5.14 0.32 19.82
CA GLY A 251 4.62 1.66 19.83
C GLY A 251 3.12 1.80 19.75
N ASN A 252 2.38 0.69 19.84
CA ASN A 252 0.91 0.73 19.83
C ASN A 252 0.44 1.05 21.24
N TRP A 253 0.56 2.33 21.61
CA TRP A 253 0.33 2.72 23.00
C TRP A 253 -1.15 2.71 23.38
N GLU A 254 -2.04 3.01 22.43
CA GLU A 254 -3.46 2.99 22.74
C GLU A 254 -3.96 1.56 22.94
N GLU A 255 -3.51 0.63 22.09
CA GLU A 255 -3.85 -0.77 22.28
C GLU A 255 -3.29 -1.28 23.61
N ALA A 256 -2.08 -0.83 23.92
CA ALA A 256 -1.45 -1.24 25.19
C ALA A 256 -2.37 -0.85 26.35
N LYS A 257 -2.85 0.39 26.35
CA LYS A 257 -3.66 0.84 27.51
C LYS A 257 -4.91 -0.02 27.58
N GLU A 258 -5.53 -0.31 26.43
CA GLU A 258 -6.79 -1.08 26.48
C GLU A 258 -6.51 -2.47 27.06
N LEU A 259 -5.42 -3.11 26.64
CA LEU A 259 -5.08 -4.42 27.20
C LEU A 259 -4.79 -4.27 28.69
N ALA A 260 -4.04 -3.23 29.05
CA ALA A 260 -3.67 -3.02 30.46
C ALA A 260 -4.93 -2.77 31.27
N GLN A 261 -5.84 -1.96 30.73
CA GLN A 261 -7.07 -1.60 31.48
C GLN A 261 -7.86 -2.88 31.70
N CYS A 262 -7.94 -3.72 30.68
CA CYS A 262 -8.65 -5.01 30.84
C CYS A 262 -7.93 -5.77 31.94
N ALA A 263 -6.61 -5.80 31.87
CA ALA A 263 -5.84 -6.56 32.86
C ALA A 263 -6.11 -6.06 34.27
N LYS A 264 -6.20 -4.74 34.46
CA LYS A 264 -6.52 -4.21 35.77
C LYS A 264 -7.94 -4.62 36.19
N ARG A 265 -8.86 -4.64 35.24
CA ARG A 265 -10.22 -5.10 35.53
C ARG A 265 -10.19 -6.56 36.00
N ASP A 266 -9.41 -7.40 35.32
CA ASP A 266 -9.30 -8.79 35.75
C ASP A 266 -8.67 -8.88 37.14
N TRP A 267 -7.64 -8.08 37.40
CA TRP A 267 -6.99 -8.09 38.71
C TRP A 267 -7.97 -7.69 39.81
N ASN A 268 -8.82 -6.69 39.53
CA ASN A 268 -9.83 -6.30 40.49
C ASN A 268 -10.90 -7.37 40.67
N ARG A 269 -11.22 -8.12 39.61
CA ARG A 269 -12.25 -9.15 39.72
C ARG A 269 -11.83 -10.28 40.66
N LEU A 270 -10.53 -10.57 40.72
CA LEU A 270 -10.00 -11.68 41.50
C LEU A 270 -9.52 -11.25 42.89
N LYS A 271 -10.00 -10.11 43.40
CA LYS A 271 -9.40 -9.51 44.57
C LYS A 271 -9.46 -10.42 45.80
N ASN A 272 -10.57 -11.12 45.99
CA ASN A 272 -10.77 -11.93 47.18
C ASN A 272 -10.64 -13.43 46.91
N HIS A 273 -9.98 -13.81 45.81
CA HIS A 273 -9.89 -15.21 45.46
C HIS A 273 -9.07 -15.94 46.51
N PRO A 274 -9.50 -17.11 47.00
CA PRO A 274 -8.80 -17.75 48.13
C PRO A 274 -7.35 -18.08 47.85
N SER A 275 -6.97 -18.31 46.59
CA SER A 275 -5.57 -18.57 46.28
C SER A 275 -4.68 -17.39 46.61
N LEU A 276 -5.22 -16.17 46.55
CA LEU A 276 -4.42 -14.99 46.85
C LEU A 276 -3.99 -14.96 48.31
N ARG A 277 -4.80 -15.52 49.22
CA ARG A 277 -4.47 -15.45 50.64
C ARG A 277 -3.16 -16.17 50.94
N CYS A 278 -2.85 -17.23 50.21
CA CYS A 278 -1.59 -17.93 50.39
C CYS A 278 -0.45 -17.33 49.58
N HIS A 279 -0.77 -16.70 48.44
CA HIS A 279 0.24 -15.92 47.74
C HIS A 279 0.80 -14.83 48.63
N GLU A 280 -0.04 -14.24 49.48
CA GLU A 280 0.40 -13.28 50.48
C GLU A 280 1.44 -13.86 51.43
N ASP A 281 1.39 -15.16 51.71
CA ASP A 281 2.28 -15.80 52.66
C ASP A 281 3.49 -16.45 51.99
N LEU A 282 3.60 -16.37 50.68
CA LEU A 282 4.80 -16.84 50.02
C LEU A 282 5.96 -15.90 50.33
N PRO A 283 7.18 -16.42 50.40
CA PRO A 283 8.33 -15.55 50.64
C PRO A 283 8.50 -14.55 49.50
N LEU A 284 9.21 -13.47 49.80
CA LEU A 284 9.32 -12.36 48.85
C LEU A 284 9.98 -12.79 47.55
N PHE A 285 11.02 -13.62 47.64
CA PHE A 285 11.71 -14.05 46.43
C PHE A 285 10.90 -15.03 45.60
N LEU A 286 9.95 -15.75 46.22
CA LEU A 286 9.05 -16.61 45.48
C LEU A 286 7.76 -15.91 45.09
N ARG A 287 7.42 -14.82 45.76
CA ARG A 287 6.17 -14.11 45.48
C ARG A 287 6.19 -13.44 44.12
N CYS A 288 7.36 -13.33 43.50
CA CYS A 288 7.45 -12.74 42.17
C CYS A 288 7.01 -13.68 41.07
N PHE A 289 6.44 -14.83 41.40
CA PHE A 289 5.98 -15.81 40.44
C PHE A 289 4.51 -16.16 40.67
N THR A 290 3.71 -15.16 41.04
CA THR A 290 2.31 -15.36 41.33
C THR A 290 1.48 -14.49 40.41
N VAL A 291 0.17 -14.78 40.39
CA VAL A 291 -0.74 -14.03 39.53
C VAL A 291 -0.80 -12.58 39.95
N GLY A 292 -0.89 -12.32 41.25
CA GLY A 292 -0.96 -10.96 41.71
C GLY A 292 0.31 -10.17 41.44
N TRP A 293 1.46 -10.84 41.51
CA TRP A 293 2.72 -10.16 41.20
C TRP A 293 2.74 -9.70 39.76
N ILE A 294 2.32 -10.56 38.84
CA ILE A 294 2.31 -10.17 37.44
C ILE A 294 1.25 -9.10 37.21
N TYR A 295 0.15 -9.12 37.95
CA TYR A 295 -0.81 -8.04 37.79
C TYR A 295 -0.30 -6.73 38.37
N THR A 296 0.53 -6.78 39.41
CA THR A 296 1.15 -5.55 39.90
C THR A 296 2.19 -5.04 38.91
N ARG A 297 2.91 -5.94 38.26
CA ARG A 297 3.81 -5.52 37.19
C ARG A 297 3.02 -4.95 36.02
N ILE A 298 1.86 -5.52 35.74
CA ILE A 298 0.99 -5.00 34.68
C ILE A 298 0.49 -3.62 35.05
N LEU A 299 0.22 -3.39 36.34
CA LEU A 299 -0.18 -2.05 36.77
C LEU A 299 0.99 -1.08 36.72
N SER A 300 2.21 -1.55 36.95
CA SER A 300 3.38 -0.70 36.75
C SER A 300 3.53 -0.31 35.29
N ARG A 301 3.32 -1.26 34.38
CA ARG A 301 3.31 -0.94 32.96
C ARG A 301 2.14 -0.02 32.62
N PHE A 302 1.04 -0.17 33.36
CA PHE A 302 -0.11 0.72 33.21
C PHE A 302 0.27 2.15 33.58
N VAL A 303 1.07 2.31 34.63
CA VAL A 303 1.59 3.62 34.97
C VAL A 303 2.53 4.11 33.88
N GLU A 304 3.32 3.21 33.31
CA GLU A 304 4.23 3.60 32.22
C GLU A 304 3.46 4.14 31.02
N ILE A 305 2.37 3.48 30.63
CA ILE A 305 1.59 3.96 29.49
C ILE A 305 0.84 5.23 29.86
N LEU A 306 0.23 5.21 31.04
CA LEU A 306 -0.46 6.44 31.48
C LEU A 306 0.55 7.58 31.31
N GLN A 307 1.79 7.40 31.78
CA GLN A 307 2.83 8.44 31.64
C GLN A 307 3.17 8.71 30.17
N ARG A 308 3.27 7.67 29.33
CA ARG A 308 3.52 7.93 27.89
C ARG A 308 2.34 8.71 27.33
N LEU A 309 1.15 8.34 27.75
CA LEU A 309 -0.08 9.07 27.34
C LEU A 309 -0.10 10.41 28.09
N HIS A 310 -0.88 11.36 27.60
CA HIS A 310 -0.91 12.70 28.22
C HIS A 310 -1.42 12.53 29.66
N MET A 311 -2.36 11.63 29.92
CA MET A 311 -2.99 11.57 31.25
C MET A 311 -1.91 11.31 32.32
N TYR A 312 -2.01 12.02 33.44
CA TYR A 312 -1.01 11.87 34.52
C TYR A 312 -1.78 11.82 35.83
N GLU A 313 -3.07 12.15 35.79
CA GLU A 313 -3.88 12.12 37.01
C GLU A 313 -4.24 10.68 37.38
N GLU A 314 -4.78 9.93 36.41
CA GLU A 314 -4.98 8.50 36.64
C GLU A 314 -3.65 7.82 36.90
N ALA A 315 -2.56 8.35 36.35
CA ALA A 315 -1.24 7.77 36.60
C ALA A 315 -0.86 7.88 38.06
N VAL A 316 -1.00 9.06 38.66
CA VAL A 316 -0.65 9.22 40.06
C VAL A 316 -1.65 8.47 40.93
N ARG A 317 -2.90 8.35 40.48
CA ARG A 317 -3.86 7.53 41.21
C ARG A 317 -3.40 6.08 41.26
N GLU A 318 -2.94 5.54 40.14
CA GLU A 318 -2.50 4.15 40.13
C GLU A 318 -1.19 3.98 40.90
N LEU A 319 -0.32 4.99 40.89
CA LEU A 319 0.85 4.94 41.75
C LEU A 319 0.45 4.90 43.22
N GLU A 320 -0.54 5.70 43.61
CA GLU A 320 -1.01 5.64 45.00
C GLU A 320 -1.59 4.28 45.32
N SER A 321 -2.31 3.69 44.37
CA SER A 321 -2.90 2.36 44.59
C SER A 321 -1.82 1.30 44.77
N LEU A 322 -0.81 1.30 43.88
CA LEU A 322 0.28 0.36 43.99
C LEU A 322 1.06 0.57 45.28
N LEU A 323 1.32 1.82 45.62
CA LEU A 323 2.04 2.16 46.84
C LEU A 323 1.25 1.76 48.09
N SER A 324 -0.07 1.66 47.97
CA SER A 324 -0.90 1.29 49.11
C SER A 324 -0.62 -0.12 49.60
N GLN A 325 -0.03 -0.97 48.77
CA GLN A 325 0.25 -2.35 49.13
C GLN A 325 1.74 -2.52 49.39
N ARG A 326 2.07 -3.14 50.51
CA ARG A 326 3.43 -3.52 50.84
C ARG A 326 3.72 -4.96 50.44
N ILE A 327 2.74 -5.64 49.86
CA ILE A 327 2.77 -7.09 49.79
C ILE A 327 2.98 -7.60 48.36
N TYR A 328 2.79 -6.73 47.37
CA TYR A 328 3.22 -7.03 46.01
C TYR A 328 4.21 -5.98 45.54
N CYS A 329 5.34 -6.45 45.02
CA CYS A 329 6.44 -5.67 44.47
C CYS A 329 6.91 -4.60 45.43
N PRO A 330 7.56 -4.97 46.53
CA PRO A 330 8.17 -3.95 47.41
C PRO A 330 9.54 -3.54 46.91
N ASP A 331 10.20 -4.45 46.18
CA ASP A 331 11.52 -4.16 45.64
C ASP A 331 11.50 -2.98 44.67
N SER A 332 10.35 -2.67 44.09
CA SER A 332 10.24 -1.58 43.13
C SER A 332 9.52 -0.37 43.70
N ARG A 333 9.30 -0.33 45.03
CA ARG A 333 8.63 0.83 45.60
C ARG A 333 9.45 2.10 45.42
N GLY A 334 10.76 1.98 45.28
CA GLY A 334 11.57 3.15 44.98
C GLY A 334 11.21 3.74 43.63
N ARG A 335 11.07 2.87 42.62
CA ARG A 335 10.72 3.35 41.29
C ARG A 335 9.37 4.04 41.30
N TRP A 336 8.39 3.43 41.96
CA TRP A 336 7.06 4.03 41.99
C TRP A 336 7.05 5.33 42.79
N TRP A 337 7.81 5.37 43.89
CA TRP A 337 7.89 6.60 44.68
C TRP A 337 8.48 7.73 43.86
N ASP A 338 9.57 7.45 43.15
CA ASP A 338 10.18 8.47 42.31
C ASP A 338 9.25 8.89 41.18
N ARG A 339 8.56 7.94 40.56
CA ARG A 339 7.63 8.30 39.50
C ARG A 339 6.46 9.12 40.03
N LEU A 340 5.94 8.79 41.21
CA LEU A 340 4.86 9.57 41.80
C LEU A 340 5.32 10.99 42.10
N ALA A 341 6.49 11.13 42.73
CA ALA A 341 7.01 12.46 43.01
C ALA A 341 7.25 13.25 41.72
N LEU A 342 7.85 12.60 40.72
CA LEU A 342 8.16 13.28 39.48
C LEU A 342 6.90 13.74 38.76
N ASN A 343 5.92 12.84 38.61
CA ASN A 343 4.67 13.21 37.96
C ASN A 343 3.98 14.32 38.73
N LEU A 344 3.87 14.17 40.05
CA LEU A 344 3.06 15.10 40.82
C LEU A 344 3.76 16.44 41.01
N HIS A 345 5.07 16.51 40.74
CA HIS A 345 5.80 17.77 40.83
C HIS A 345 5.97 18.46 39.47
N GLN A 346 6.64 17.79 38.52
CA GLN A 346 6.84 18.41 37.22
C GLN A 346 5.55 18.48 36.43
N HIS A 347 4.78 17.39 36.43
CA HIS A 347 3.65 17.30 35.50
C HIS A 347 2.37 17.85 36.14
N LEU A 348 2.35 17.97 37.46
CA LEU A 348 1.22 18.56 38.17
C LEU A 348 1.71 19.71 39.05
N LYS A 349 0.87 20.74 39.18
CA LYS A 349 1.31 21.99 39.78
C LYS A 349 1.54 21.84 41.28
N ARG A 350 0.77 20.95 41.93
CA ARG A 350 0.80 20.82 43.38
C ARG A 350 2.14 20.27 43.88
N LEU A 351 2.68 20.88 44.93
CA LEU A 351 3.95 20.42 45.49
C LEU A 351 3.86 20.00 46.95
N GLU A 352 2.84 20.44 47.69
CA GLU A 352 2.70 19.98 49.07
C GLU A 352 2.49 18.47 49.17
N PRO A 353 1.58 17.86 48.39
CA PRO A 353 1.55 16.39 48.36
C PRO A 353 2.84 15.79 47.84
N THR A 354 3.59 16.50 46.99
CA THR A 354 4.92 16.03 46.61
C THR A 354 5.82 15.95 47.84
N ILE A 355 5.76 16.97 48.70
CA ILE A 355 6.56 16.96 49.92
C ILE A 355 6.15 15.78 50.80
N LYS A 356 4.85 15.55 50.93
CA LYS A 356 4.38 14.41 51.72
C LYS A 356 4.89 13.09 51.14
N CYS A 357 4.81 12.95 49.82
CA CYS A 357 5.26 11.71 49.19
C CYS A 357 6.75 11.51 49.38
N ILE A 358 7.54 12.58 49.26
CA ILE A 358 8.98 12.45 49.42
C ILE A 358 9.33 12.09 50.85
N THR A 359 8.69 12.74 51.82
CA THR A 359 9.03 12.46 53.22
C THR A 359 8.56 11.07 53.62
N GLU A 360 7.54 10.54 52.94
CA GLU A 360 7.20 9.14 53.12
C GLU A 360 8.22 8.23 52.45
N GLY A 361 8.69 8.64 51.27
CA GLY A 361 9.60 7.79 50.51
C GLY A 361 10.92 7.55 51.21
N LEU A 362 11.53 8.63 51.72
CA LEU A 362 12.76 8.41 52.49
C LEU A 362 12.49 7.61 53.76
N ALA A 363 11.27 7.65 54.28
CA ALA A 363 10.93 6.83 55.43
C ALA A 363 10.74 5.36 55.07
N ASP A 364 10.37 5.07 53.83
CA ASP A 364 10.11 3.70 53.42
C ASP A 364 11.39 2.89 53.41
N PRO A 365 11.46 1.77 54.13
CA PRO A 365 12.70 0.98 54.13
C PRO A 365 13.01 0.32 52.81
N GLU A 366 12.03 0.16 51.93
CA GLU A 366 12.26 -0.54 50.68
C GLU A 366 12.94 0.34 49.63
N VAL A 367 12.81 1.67 49.76
CA VAL A 367 13.43 2.57 48.80
C VAL A 367 14.92 2.67 49.12
N ARG A 368 15.75 2.38 48.13
CA ARG A 368 17.18 2.26 48.41
C ARG A 368 18.01 2.54 47.17
N THR A 369 19.16 3.17 47.41
CA THR A 369 20.30 3.16 46.48
C THR A 369 19.92 3.70 45.10
N GLY A 370 19.63 4.99 45.08
CA GLY A 370 19.47 5.69 43.83
C GLY A 370 18.11 6.34 43.64
N HIS A 371 17.05 5.62 44.00
CA HIS A 371 15.76 6.28 44.06
C HIS A 371 15.61 7.03 45.38
N ARG A 372 16.27 6.55 46.42
CA ARG A 372 16.37 7.33 47.65
C ARG A 372 17.13 8.63 47.41
N LEU A 373 18.22 8.55 46.65
CA LEU A 373 18.95 9.76 46.30
C LEU A 373 18.11 10.66 45.40
N SER A 374 17.31 10.07 44.51
CA SER A 374 16.45 10.88 43.66
C SER A 374 15.41 11.62 44.47
N LEU A 375 14.80 10.94 45.44
CA LEU A 375 13.84 11.59 46.32
C LEU A 375 14.51 12.68 47.15
N TYR A 376 15.72 12.40 47.64
CA TYR A 376 16.47 13.41 48.39
C TYR A 376 16.75 14.63 47.53
N GLN A 377 17.16 14.41 46.28
CA GLN A 377 17.47 15.52 45.38
C GLN A 377 16.22 16.32 45.05
N ARG A 378 15.09 15.64 44.85
CA ARG A 378 13.83 16.36 44.68
C ARG A 378 13.52 17.18 45.91
N ALA A 379 13.76 16.62 47.09
CA ALA A 379 13.48 17.34 48.33
C ALA A 379 14.35 18.58 48.47
N VAL A 380 15.63 18.48 48.14
CA VAL A 380 16.51 19.63 48.27
C VAL A 380 16.19 20.67 47.20
N ARG A 381 15.76 20.22 46.02
CA ARG A 381 15.31 21.18 45.03
C ARG A 381 14.08 21.95 45.52
N LEU A 382 13.12 21.24 46.11
CA LEU A 382 11.94 21.91 46.64
C LEU A 382 12.31 22.86 47.77
N ARG A 383 13.23 22.43 48.64
CA ARG A 383 13.66 23.27 49.74
C ARG A 383 14.34 24.54 49.25
N GLU A 384 15.18 24.41 48.22
CA GLU A 384 15.87 25.58 47.67
C GLU A 384 14.94 26.41 46.79
N SER A 385 14.00 25.77 46.12
CA SER A 385 13.16 26.47 45.16
C SER A 385 12.31 27.52 45.88
N PRO A 386 12.17 28.73 45.32
CA PRO A 386 11.32 29.74 45.96
C PRO A 386 9.86 29.34 46.02
N SER A 387 9.43 28.41 45.16
CA SER A 387 8.03 28.00 45.15
C SER A 387 7.63 27.36 46.48
N CYS A 388 8.51 26.57 47.07
CA CYS A 388 8.24 25.88 48.32
C CYS A 388 8.86 26.58 49.52
N LYS A 389 9.40 27.79 49.33
CA LYS A 389 10.10 28.47 50.42
C LYS A 389 9.17 28.77 51.59
N LYS A 390 7.86 28.87 51.33
CA LYS A 390 6.92 29.10 52.41
C LYS A 390 6.79 27.86 53.30
N PHE A 391 6.80 26.67 52.70
CA PHE A 391 6.72 25.44 53.48
C PHE A 391 8.01 25.23 54.27
N LYS A 392 7.86 24.82 55.53
CA LYS A 392 8.99 24.52 56.39
C LYS A 392 9.01 23.09 56.91
N HIS A 393 7.92 22.35 56.75
CA HIS A 393 7.89 20.96 57.19
C HIS A 393 8.86 20.11 56.39
N LEU A 394 9.14 20.50 55.14
CA LEU A 394 10.05 19.74 54.30
C LEU A 394 11.45 19.72 54.89
N PHE A 395 11.93 20.87 55.36
CA PHE A 395 13.27 20.94 55.91
C PHE A 395 13.42 20.03 57.12
N GLN A 396 12.40 19.98 57.97
CA GLN A 396 12.44 19.11 59.14
C GLN A 396 12.29 17.66 58.73
N GLN A 397 12.92 16.77 59.52
CA GLN A 397 12.82 15.32 59.34
C GLN A 397 13.24 14.89 57.94
N LEU A 398 14.15 15.64 57.35
CA LEU A 398 14.68 15.23 56.01
C LEU A 398 15.99 14.53 56.30
N PRO A 399 16.12 13.21 56.07
CA PRO A 399 17.35 12.53 56.47
C PRO A 399 18.50 13.15 55.69
N GLU A 400 19.65 13.35 56.33
CA GLU A 400 20.72 14.04 55.58
C GLU A 400 21.77 13.03 55.14
N MET A 401 21.94 12.88 53.83
CA MET A 401 22.95 11.96 53.25
C MET A 401 23.69 12.75 52.17
N ALA A 402 24.53 13.70 52.56
CA ALA A 402 25.22 14.54 51.56
C ALA A 402 26.13 13.63 50.73
N VAL A 403 26.24 13.87 49.42
CA VAL A 403 27.03 12.95 48.56
C VAL A 403 28.36 13.63 48.24
N GLN A 404 29.47 12.94 48.53
CA GLN A 404 30.82 13.52 48.30
C GLN A 404 30.96 13.89 46.82
N ASP A 405 31.42 15.10 46.55
CA ASP A 405 31.69 15.50 45.14
C ASP A 405 32.76 14.58 44.57
N VAL A 406 32.68 14.29 43.28
CA VAL A 406 33.69 13.39 42.65
C VAL A 406 34.62 14.26 41.80
N LYS A 407 35.89 13.89 41.71
CA LYS A 407 36.82 14.66 40.85
C LYS A 407 36.34 14.52 39.41
N HIS A 408 36.41 15.62 38.65
CA HIS A 408 35.97 15.57 37.23
C HIS A 408 37.16 15.87 36.34
N VAL A 409 37.41 15.02 35.34
CA VAL A 409 38.51 15.23 34.37
C VAL A 409 37.90 15.25 32.98
N THR A 410 38.28 16.21 32.15
CA THR A 410 37.66 16.30 30.81
C THR A 410 38.72 15.98 29.77
N ILE A 411 38.41 15.07 28.85
CA ILE A 411 39.41 14.64 27.84
C ILE A 411 38.89 15.07 26.47
N THR A 412 39.74 15.74 25.68
CA THR A 412 39.31 16.14 24.32
C THR A 412 39.97 15.20 23.32
N GLY A 413 39.18 14.52 22.50
CA GLY A 413 39.74 13.61 21.52
C GLY A 413 38.64 12.97 20.69
N ARG A 414 39.05 12.40 19.57
CA ARG A 414 38.12 11.75 18.65
C ARG A 414 38.81 10.65 17.86
N LEU A 440 36.50 5.95 13.81
CA LEU A 440 35.38 5.96 14.75
C LEU A 440 35.56 4.90 15.84
N CYS A 441 35.63 5.36 17.08
CA CYS A 441 35.82 4.48 18.23
C CYS A 441 34.86 4.89 19.34
N SER A 442 34.53 3.92 20.20
CA SER A 442 33.64 4.20 21.32
C SER A 442 34.31 5.16 22.31
N VAL A 443 33.48 5.98 22.96
CA VAL A 443 33.99 7.00 23.88
C VAL A 443 34.82 6.36 24.99
N GLU A 444 34.33 5.25 25.54
CA GLU A 444 35.03 4.61 26.63
C GLU A 444 36.37 4.05 26.15
N GLU A 445 36.46 3.65 24.89
CA GLU A 445 37.75 3.25 24.34
C GLU A 445 38.72 4.43 24.30
N LEU A 446 38.23 5.62 23.95
CA LEU A 446 39.08 6.80 23.99
C LEU A 446 39.56 7.07 25.41
N ALA A 447 38.68 6.89 26.40
CA ALA A 447 39.10 7.05 27.79
C ALA A 447 40.15 6.00 28.17
N LEU A 448 39.96 4.75 27.73
CA LEU A 448 40.94 3.71 27.99
C LEU A 448 42.30 4.09 27.43
N ALA A 449 42.31 4.59 26.18
CA ALA A 449 43.57 5.01 25.58
C ALA A 449 44.19 6.17 26.35
N HIS A 450 43.36 7.12 26.78
CA HIS A 450 43.88 8.27 27.51
C HIS A 450 44.55 7.85 28.81
N TYR A 451 43.92 6.93 29.55
CA TYR A 451 44.51 6.48 30.79
C TYR A 451 45.71 5.58 30.54
N ARG A 452 45.78 4.99 29.34
CA ARG A 452 46.99 4.27 28.95
C ARG A 452 48.17 5.24 28.88
N ARG A 453 47.89 6.49 28.50
CA ARG A 453 48.94 7.49 28.43
C ARG A 453 49.45 7.89 29.81
N SER A 454 48.55 8.02 30.78
CA SER A 454 48.93 8.42 32.13
C SER A 454 49.31 7.24 33.01
N GLY A 455 49.73 6.13 32.43
CA GLY A 455 49.98 4.89 33.14
C GLY A 455 48.94 3.87 32.74
N PHE A 456 48.39 3.21 33.77
CA PHE A 456 47.13 2.46 33.66
C PHE A 456 46.98 1.75 32.32
N ASP A 457 48.02 1.03 31.92
CA ASP A 457 47.98 0.33 30.63
C ASP A 457 46.92 -0.76 30.60
N GLN A 458 46.85 -1.58 31.66
CA GLN A 458 45.78 -2.58 31.77
C GLN A 458 44.48 -1.90 32.14
N GLY A 459 43.49 -1.96 31.25
CA GLY A 459 42.16 -1.45 31.53
C GLY A 459 41.06 -2.18 30.79
N ILE A 460 39.97 -2.53 31.47
CA ILE A 460 38.83 -3.22 30.88
C ILE A 460 37.58 -2.39 31.04
N HIS A 461 36.76 -2.39 29.99
CA HIS A 461 35.39 -1.87 30.04
C HIS A 461 34.54 -2.86 30.84
N GLY A 462 34.41 -2.58 32.12
CA GLY A 462 33.58 -3.42 32.97
C GLY A 462 32.12 -3.08 32.88
N GLU A 463 31.82 -1.77 32.96
CA GLU A 463 30.47 -1.24 32.86
C GLU A 463 29.59 -1.80 33.98
N GLY A 464 30.23 -2.29 35.04
CA GLY A 464 29.55 -2.93 36.14
C GLY A 464 29.60 -4.44 36.10
N SER A 465 29.90 -5.03 34.96
CA SER A 465 30.08 -6.48 34.91
C SER A 465 31.40 -6.90 35.53
N THR A 466 32.38 -5.99 35.61
CA THR A 466 33.66 -6.36 36.20
C THR A 466 33.54 -6.58 37.70
N PHE A 467 32.85 -5.67 38.40
CA PHE A 467 32.72 -5.82 39.84
C PHE A 467 31.75 -6.93 40.19
N SER A 468 30.70 -7.12 39.39
CA SER A 468 29.85 -8.28 39.59
C SER A 468 30.62 -9.56 39.35
N THR A 469 31.53 -9.55 38.37
CA THR A 469 32.36 -10.73 38.10
C THR A 469 33.26 -11.04 39.29
N LEU A 470 33.92 -10.01 39.84
CA LEU A 470 34.78 -10.23 40.99
C LEU A 470 33.96 -10.65 42.22
N TYR A 471 32.76 -10.08 42.37
CA TYR A 471 31.86 -10.46 43.44
C TYR A 471 31.52 -11.94 43.35
N GLY A 472 31.15 -12.39 42.15
CA GLY A 472 30.87 -13.81 41.96
C GLY A 472 32.09 -14.67 42.20
N LEU A 473 33.24 -14.23 41.71
CA LEU A 473 34.45 -15.04 41.85
C LEU A 473 34.85 -15.20 43.31
N LEU A 474 34.69 -14.15 44.11
CA LEU A 474 35.09 -14.23 45.51
C LEU A 474 33.98 -14.70 46.44
N LEU A 475 32.75 -14.82 45.96
CA LEU A 475 31.65 -15.23 46.83
C LEU A 475 30.81 -16.35 46.23
N TRP A 476 31.35 -17.09 45.26
CA TRP A 476 30.63 -18.21 44.66
C TRP A 476 30.21 -19.24 45.70
N ASP A 477 30.99 -19.38 46.77
CA ASP A 477 30.66 -20.37 47.79
C ASP A 477 29.35 -20.05 48.49
N ILE A 478 29.12 -18.78 48.80
CA ILE A 478 27.92 -18.42 49.55
C ILE A 478 26.76 -17.97 48.66
N ILE A 479 27.05 -17.43 47.47
CA ILE A 479 25.94 -17.06 46.54
C ILE A 479 25.17 -18.33 46.18
N PHE A 480 25.87 -19.42 45.92
CA PHE A 480 25.24 -20.69 45.48
C PHE A 480 25.14 -21.65 46.67
N MET A 481 25.33 -21.15 47.89
CA MET A 481 25.40 -22.04 49.08
C MET A 481 24.12 -22.83 49.36
N ASP A 482 24.29 -24.06 49.80
CA ASP A 482 23.16 -24.97 50.15
C ASP A 482 22.56 -24.61 51.50
N GLY A 483 21.39 -25.15 51.80
CA GLY A 483 20.78 -24.92 53.12
C GLY A 483 19.94 -23.68 53.22
N ILE A 484 19.71 -23.00 52.10
CA ILE A 484 18.76 -21.86 52.14
C ILE A 484 17.49 -22.38 51.47
N PRO A 485 16.30 -22.29 52.12
CA PRO A 485 15.09 -22.92 51.57
C PRO A 485 14.36 -22.28 50.38
N ASP A 486 13.92 -23.10 49.41
CA ASP A 486 13.11 -22.62 48.30
C ASP A 486 13.84 -21.72 47.33
N VAL A 487 15.15 -21.54 47.47
CA VAL A 487 15.86 -20.62 46.60
C VAL A 487 16.55 -21.31 45.43
N PHE A 488 16.65 -22.64 45.47
CA PHE A 488 17.00 -23.43 44.29
C PHE A 488 15.86 -24.40 44.03
N ARG A 489 15.21 -24.27 42.89
CA ARG A 489 14.09 -25.13 42.53
C ARG A 489 14.42 -26.06 41.39
N ASN A 490 14.88 -25.54 40.26
CA ASN A 490 15.28 -26.36 39.14
C ASN A 490 16.80 -26.43 39.04
N ALA A 491 17.27 -27.45 38.33
CA ALA A 491 18.71 -27.60 38.12
C ALA A 491 19.24 -26.59 37.12
N CYS A 492 18.36 -25.94 36.35
CA CYS A 492 18.75 -24.96 35.35
C CYS A 492 18.51 -23.56 35.90
N GLN A 493 19.38 -23.13 36.82
CA GLN A 493 19.26 -21.83 37.48
C GLN A 493 20.61 -21.14 37.44
N ALA A 494 20.66 -19.98 36.77
CA ALA A 494 21.89 -19.20 36.76
C ALA A 494 22.14 -18.55 38.11
N PHE A 495 21.09 -18.04 38.74
CA PHE A 495 21.20 -17.32 39.99
C PHE A 495 20.21 -17.88 41.00
N PRO A 496 20.59 -17.95 42.27
CA PRO A 496 19.62 -18.30 43.31
C PRO A 496 18.54 -17.24 43.39
N LEU A 497 17.32 -17.67 43.67
CA LEU A 497 16.20 -16.74 43.67
C LEU A 497 16.30 -15.71 44.78
N ASP A 498 17.05 -16.00 45.86
CA ASP A 498 17.28 -14.99 46.88
C ASP A 498 18.06 -13.81 46.33
N LEU A 499 18.93 -14.04 45.35
CA LEU A 499 19.67 -12.94 44.73
C LEU A 499 18.69 -12.01 44.04
N CYS A 500 19.04 -10.73 43.99
CA CYS A 500 18.16 -9.64 43.58
C CYS A 500 16.99 -9.47 44.53
N THR A 501 17.07 -10.05 45.72
CA THR A 501 16.06 -9.90 46.76
C THR A 501 16.75 -9.69 48.09
N ASP A 502 16.12 -8.90 48.96
CA ASP A 502 16.74 -8.54 50.23
C ASP A 502 17.12 -9.76 51.06
N SER A 503 16.40 -10.87 50.90
CA SER A 503 16.61 -12.04 51.76
C SER A 503 17.97 -12.70 51.54
N PHE A 504 18.70 -12.33 50.49
CA PHE A 504 19.99 -12.98 50.23
C PHE A 504 20.98 -12.71 51.35
N PHE A 505 21.03 -11.47 51.84
CA PHE A 505 21.90 -11.16 52.97
C PHE A 505 21.41 -11.86 54.23
N THR A 506 20.11 -11.80 54.49
CA THR A 506 19.56 -12.34 55.73
C THR A 506 19.73 -13.84 55.81
N SER A 507 19.48 -14.54 54.70
CA SER A 507 19.54 -16.00 54.73
C SER A 507 20.95 -16.51 55.00
N ARG A 508 21.95 -15.81 54.50
CA ARG A 508 23.34 -16.24 54.61
C ARG A 508 24.18 -15.27 55.43
N ARG A 509 23.56 -14.62 56.42
CA ARG A 509 24.28 -13.60 57.18
C ARG A 509 25.56 -14.11 57.84
N PRO A 510 25.56 -15.28 58.52
CA PRO A 510 26.83 -15.76 59.09
C PRO A 510 27.94 -15.90 58.06
N ALA A 511 27.72 -16.72 57.05
CA ALA A 511 28.77 -17.01 56.07
C ALA A 511 29.15 -15.77 55.28
N LEU A 512 28.15 -14.99 54.84
CA LEU A 512 28.43 -13.80 54.06
C LEU A 512 29.24 -12.79 54.87
N GLU A 513 28.83 -12.55 56.12
CA GLU A 513 29.54 -11.61 56.97
C GLU A 513 30.95 -12.09 57.24
N ALA A 514 31.13 -13.39 57.52
CA ALA A 514 32.45 -13.92 57.81
C ALA A 514 33.36 -13.78 56.61
N ARG A 515 32.86 -14.12 55.42
CA ARG A 515 33.74 -14.07 54.21
C ARG A 515 34.04 -12.61 53.86
N LEU A 516 33.06 -11.73 54.03
CA LEU A 516 33.27 -10.30 53.68
C LEU A 516 34.36 -9.73 54.60
N GLN A 517 34.35 -10.12 55.88
CA GLN A 517 35.46 -9.66 56.75
C GLN A 517 36.76 -10.25 56.22
N LEU A 518 36.74 -11.52 55.81
CA LEU A 518 38.01 -12.16 55.40
C LEU A 518 38.61 -11.44 54.20
N ILE A 519 37.76 -11.09 53.23
CA ILE A 519 38.26 -10.40 52.01
C ILE A 519 38.84 -9.04 52.43
N HIS A 520 38.20 -8.36 53.38
CA HIS A 520 38.66 -7.00 53.74
C HIS A 520 40.08 -7.03 54.28
N ASP A 521 40.39 -8.04 55.10
CA ASP A 521 41.74 -8.11 55.73
C ASP A 521 42.51 -9.21 55.01
N ALA A 522 42.88 -8.99 53.76
CA ALA A 522 43.53 -10.08 53.07
C ALA A 522 44.73 -9.58 52.29
N PRO A 523 45.80 -10.37 52.22
CA PRO A 523 46.93 -10.00 51.38
C PRO A 523 46.62 -10.23 49.91
N GLU A 524 47.50 -9.70 49.06
CA GLU A 524 47.31 -9.83 47.62
C GLU A 524 47.35 -11.29 47.19
N GLU A 525 48.27 -12.07 47.76
CA GLU A 525 48.39 -13.48 47.38
C GLU A 525 47.13 -14.25 47.72
N SER A 526 46.55 -13.99 48.89
CA SER A 526 45.33 -14.70 49.29
C SER A 526 44.18 -14.38 48.35
N LEU A 527 44.03 -13.11 47.97
CA LEU A 527 42.98 -12.73 47.05
C LEU A 527 43.20 -13.36 45.67
N ARG A 528 44.45 -13.39 45.21
CA ARG A 528 44.74 -14.02 43.93
C ARG A 528 44.36 -15.49 43.96
N ALA A 529 44.73 -16.19 45.04
CA ALA A 529 44.38 -17.60 45.15
C ALA A 529 42.87 -17.78 45.20
N TRP A 530 42.18 -16.92 45.94
CA TRP A 530 40.73 -17.05 46.09
C TRP A 530 40.02 -16.86 44.76
N VAL A 531 40.45 -15.88 43.95
CA VAL A 531 39.82 -15.66 42.66
C VAL A 531 40.16 -16.79 41.70
N ALA A 532 41.42 -17.21 41.67
CA ALA A 532 41.85 -18.25 40.74
C ALA A 532 41.16 -19.58 41.06
N ALA A 533 40.89 -19.84 42.35
CA ALA A 533 40.24 -21.08 42.72
C ALA A 533 38.87 -21.20 42.08
N THR A 534 38.08 -20.13 42.14
CA THR A 534 36.75 -20.17 41.54
C THR A 534 36.82 -20.04 40.03
N TRP A 535 37.83 -19.36 39.48
CA TRP A 535 37.97 -19.33 38.04
C TRP A 535 38.31 -20.70 37.49
N HIS A 536 38.99 -21.53 38.29
CA HIS A 536 39.30 -22.89 37.86
C HIS A 536 38.12 -23.82 38.07
N GLU A 537 37.60 -23.87 39.30
CA GLU A 537 36.59 -24.85 39.64
C GLU A 537 35.29 -24.62 38.86
N GLN A 538 34.86 -23.37 38.74
CA GLN A 538 33.63 -23.03 38.05
C GLN A 538 33.88 -22.44 36.67
N GLU A 539 34.95 -22.87 36.00
CA GLU A 539 35.25 -22.35 34.67
C GLU A 539 34.16 -22.74 33.69
N GLY A 540 33.67 -21.75 32.93
CA GLY A 540 32.65 -22.00 31.94
C GLY A 540 31.23 -22.03 32.48
N ARG A 541 31.04 -21.88 33.78
CA ARG A 541 29.71 -21.89 34.35
C ARG A 541 28.95 -20.63 33.93
N VAL A 542 27.65 -20.65 34.17
CA VAL A 542 26.79 -19.53 33.80
C VAL A 542 26.18 -18.98 35.07
N ALA A 543 26.54 -17.74 35.39
CA ALA A 543 25.94 -17.02 36.51
C ALA A 543 25.55 -15.63 36.04
N SER A 544 24.47 -15.10 36.61
CA SER A 544 24.07 -13.73 36.29
C SER A 544 25.10 -12.73 36.80
N LEU A 545 26.00 -13.17 37.66
CA LEU A 545 27.00 -12.28 38.24
C LEU A 545 28.31 -12.35 37.48
N VAL A 546 28.70 -13.54 37.04
CA VAL A 546 30.02 -13.77 36.46
C VAL A 546 29.89 -13.78 34.95
N SER A 547 30.57 -12.86 34.29
CA SER A 547 30.69 -12.83 32.84
C SER A 547 32.13 -13.18 32.52
N TRP A 548 32.33 -14.34 31.89
CA TRP A 548 33.68 -14.86 31.71
C TRP A 548 34.43 -14.08 30.65
N ASP A 549 33.74 -13.64 29.60
CA ASP A 549 34.39 -12.87 28.55
C ASP A 549 34.76 -11.46 29.00
N ARG A 550 34.25 -11.02 30.15
CA ARG A 550 34.55 -9.66 30.62
C ARG A 550 36.03 -9.50 30.89
N PHE A 551 36.66 -10.49 31.51
CA PHE A 551 38.08 -10.49 31.76
C PHE A 551 38.77 -11.33 30.68
N THR A 552 39.73 -10.72 29.98
CA THR A 552 40.35 -11.40 28.85
C THR A 552 41.09 -12.67 29.30
N SER A 553 41.79 -12.60 30.43
CA SER A 553 42.50 -13.76 30.94
C SER A 553 42.44 -13.76 32.46
N LEU A 554 42.64 -14.94 33.04
CA LEU A 554 42.66 -15.06 34.50
C LEU A 554 43.80 -14.24 35.08
N GLN A 555 44.90 -14.07 34.34
CA GLN A 555 45.98 -13.23 34.82
C GLN A 555 45.53 -11.79 35.02
N GLN A 556 44.68 -11.30 34.11
CA GLN A 556 44.12 -9.96 34.29
C GLN A 556 43.22 -9.91 35.51
N ALA A 557 42.47 -10.98 35.77
CA ALA A 557 41.67 -11.04 36.98
C ALA A 557 42.56 -10.94 38.22
N GLN A 558 43.66 -11.68 38.23
CA GLN A 558 44.59 -11.63 39.36
C GLN A 558 45.15 -10.23 39.54
N ASP A 559 45.57 -9.61 38.43
CA ASP A 559 46.17 -8.28 38.51
C ASP A 559 45.16 -7.25 39.00
N LEU A 560 43.93 -7.30 38.49
CA LEU A 560 42.91 -6.34 38.90
C LEU A 560 42.54 -6.55 40.36
N VAL A 561 42.44 -7.80 40.81
CA VAL A 561 42.13 -8.08 42.20
C VAL A 561 43.24 -7.58 43.10
N SER A 562 44.48 -7.80 42.70
CA SER A 562 45.60 -7.30 43.49
C SER A 562 45.59 -5.78 43.57
N CYS A 563 45.27 -5.12 42.44
CA CYS A 563 45.31 -3.66 42.42
C CYS A 563 44.19 -3.04 43.23
N LEU A 564 42.98 -3.60 43.13
CA LEU A 564 41.86 -3.07 43.89
C LEU A 564 42.10 -3.19 45.38
N GLY A 565 42.65 -4.30 45.83
CA GLY A 565 42.98 -4.48 47.22
C GLY A 565 41.86 -5.12 48.02
N GLY A 566 42.12 -5.23 49.31
CA GLY A 566 41.19 -5.86 50.23
C GLY A 566 39.94 -5.05 50.47
N PRO A 567 40.08 -3.89 51.10
CA PRO A 567 38.88 -3.13 51.51
C PRO A 567 37.97 -2.73 50.36
N VAL A 568 38.52 -2.41 49.20
CA VAL A 568 37.68 -1.98 48.08
C VAL A 568 36.78 -3.13 47.63
N LEU A 569 37.37 -4.31 47.43
CA LEU A 569 36.59 -5.47 47.03
C LEU A 569 35.61 -5.87 48.12
N SER A 570 36.03 -5.75 49.39
CA SER A 570 35.13 -6.08 50.49
C SER A 570 33.89 -5.18 50.47
N GLY A 571 34.10 -3.87 50.29
CA GLY A 571 32.97 -2.97 50.27
C GLY A 571 32.06 -3.19 49.08
N VAL A 572 32.65 -3.39 47.90
CA VAL A 572 31.84 -3.62 46.71
C VAL A 572 31.03 -4.91 46.85
N CYS A 573 31.67 -5.98 47.33
CA CYS A 573 30.97 -7.24 47.51
C CYS A 573 29.91 -7.15 48.61
N ARG A 574 30.13 -6.31 49.63
CA ARG A 574 29.11 -6.15 50.66
C ARG A 574 27.91 -5.39 50.11
N HIS A 575 28.15 -4.35 49.31
CA HIS A 575 27.04 -3.61 48.74
C HIS A 575 26.29 -4.42 47.69
N LEU A 576 26.98 -5.33 47.00
CA LEU A 576 26.30 -6.20 46.06
C LEU A 576 25.57 -7.35 46.76
N ALA A 577 26.11 -7.85 47.88
CA ALA A 577 25.50 -8.97 48.56
C ALA A 577 24.15 -8.59 49.14
N ALA A 578 24.10 -7.51 49.89
CA ALA A 578 22.83 -6.95 50.35
C ALA A 578 22.22 -6.14 49.21
N ASP A 579 20.89 -6.13 49.15
CA ASP A 579 20.09 -5.37 48.18
C ASP A 579 20.77 -5.29 46.81
N PHE A 580 21.09 -6.45 46.24
CA PHE A 580 21.77 -6.50 44.96
C PHE A 580 20.99 -5.81 43.86
N ARG A 581 19.65 -5.77 43.96
CA ARG A 581 18.85 -5.20 42.89
C ARG A 581 19.15 -3.72 42.71
N HIS A 582 19.27 -2.97 43.80
CA HIS A 582 19.50 -1.54 43.73
C HIS A 582 20.97 -1.17 43.69
N CYS A 583 21.88 -2.13 43.77
CA CYS A 583 23.31 -1.86 43.71
C CYS A 583 23.99 -2.50 42.51
N ARG A 584 23.26 -3.24 41.67
CA ARG A 584 23.90 -3.91 40.55
C ARG A 584 24.25 -2.96 39.42
N GLY A 585 23.62 -1.79 39.37
CA GLY A 585 23.90 -0.85 38.30
C GLY A 585 24.55 0.40 38.79
N GLY A 586 25.08 1.21 37.88
CA GLY A 586 25.73 2.44 38.25
C GLY A 586 27.18 2.31 38.63
N LEU A 587 27.73 1.10 38.57
CA LEU A 587 29.14 0.88 38.94
C LEU A 587 30.00 1.68 37.95
N PRO A 588 31.27 2.03 38.25
CA PRO A 588 32.02 2.87 37.36
C PRO A 588 32.21 2.15 36.02
N ASP A 589 32.10 2.89 34.92
CA ASP A 589 32.21 2.29 33.56
C ASP A 589 33.59 1.67 33.31
N LEU A 590 34.67 2.31 33.74
CA LEU A 590 36.04 1.80 33.39
C LEU A 590 36.89 1.52 34.62
N VAL A 591 37.54 0.37 34.66
CA VAL A 591 38.52 0.10 35.76
C VAL A 591 39.88 0.05 35.08
N VAL A 592 40.83 0.87 35.55
CA VAL A 592 42.16 0.96 34.89
C VAL A 592 43.21 0.84 35.98
N TRP A 593 44.38 0.26 35.67
CA TRP A 593 45.46 0.17 36.68
C TRP A 593 46.84 0.03 36.03
N ASN A 594 47.85 0.67 36.61
CA ASN A 594 49.21 0.43 36.13
C ASN A 594 49.77 -0.78 36.85
N SER A 595 50.32 -1.73 36.06
CA SER A 595 50.79 -2.97 36.64
C SER A 595 51.91 -2.74 37.64
N GLN A 596 52.84 -1.85 37.31
CA GLN A 596 53.95 -1.57 38.22
C GLN A 596 53.49 -0.76 39.42
N SER A 597 52.63 0.23 39.20
CA SER A 597 52.26 1.15 40.28
C SER A 597 51.33 0.50 41.29
N ARG A 598 50.53 -0.48 40.87
CA ARG A 598 49.47 -1.06 41.68
C ARG A 598 48.49 0.01 42.16
N HIS A 599 48.28 1.02 41.32
CA HIS A 599 47.35 2.10 41.58
C HIS A 599 46.28 2.11 40.51
N PHE A 600 45.03 2.33 40.94
CA PHE A 600 43.87 2.20 40.06
C PHE A 600 43.09 3.51 40.04
N LYS A 601 42.17 3.62 39.09
CA LYS A 601 41.32 4.81 38.94
C LYS A 601 39.99 4.34 38.38
N LEU A 602 39.02 4.10 39.26
CA LEU A 602 37.69 3.72 38.83
C LEU A 602 37.01 4.92 38.21
N VAL A 603 36.96 4.95 36.87
CA VAL A 603 36.63 6.16 36.14
C VAL A 603 35.28 5.97 35.45
N GLU A 604 34.36 6.88 35.71
CA GLU A 604 33.10 6.93 34.99
C GLU A 604 33.30 7.79 33.74
N VAL A 605 32.95 7.24 32.59
CA VAL A 605 33.25 7.83 31.30
C VAL A 605 31.94 8.27 30.67
N LYS A 606 31.66 9.57 30.68
CA LYS A 606 30.41 10.10 30.17
C LYS A 606 30.68 11.00 28.97
N GLY A 607 29.87 10.84 27.92
CA GLY A 607 29.99 11.66 26.75
C GLY A 607 29.45 13.07 26.98
N PRO A 608 29.53 13.92 25.96
CA PRO A 608 29.07 15.30 26.16
C PRO A 608 27.58 15.40 26.44
N ASN A 609 26.77 14.52 25.87
CA ASN A 609 25.34 14.50 26.13
C ASN A 609 24.98 13.58 27.29
N ASP A 610 25.96 13.00 27.97
CA ASP A 610 25.74 12.04 29.04
C ASP A 610 25.75 12.72 30.39
N ARG A 611 25.23 12.01 31.39
CA ARG A 611 25.01 12.53 32.73
C ARG A 611 25.34 11.47 33.76
N LEU A 612 25.54 11.91 34.99
CA LEU A 612 25.74 10.98 36.09
C LEU A 612 24.40 10.45 36.59
N SER A 613 24.23 9.14 36.53
CA SER A 613 23.02 8.52 37.05
C SER A 613 23.06 8.50 38.58
N HIS A 614 21.88 8.39 39.18
CA HIS A 614 21.80 8.37 40.63
C HIS A 614 22.56 7.18 41.21
N LYS A 615 22.39 6.01 40.59
CA LYS A 615 23.14 4.84 41.02
C LYS A 615 24.64 5.08 40.86
N GLN A 616 25.03 5.75 39.77
CA GLN A 616 26.43 6.07 39.58
C GLN A 616 26.94 7.02 40.65
N MET A 617 26.13 8.01 41.03
CA MET A 617 26.52 8.91 42.11
C MET A 617 26.76 8.14 43.39
N ILE A 618 25.82 7.26 43.74
CA ILE A 618 25.94 6.48 44.96
C ILE A 618 27.19 5.63 44.92
N TRP A 619 27.46 4.99 43.77
CA TRP A 619 28.58 4.06 43.71
C TRP A 619 29.93 4.78 43.71
N LEU A 620 30.02 5.93 43.05
CA LEU A 620 31.24 6.72 43.14
C LEU A 620 31.48 7.20 44.56
N ALA A 621 30.42 7.65 45.24
CA ALA A 621 30.58 8.06 46.63
C ALA A 621 31.03 6.90 47.51
N GLU A 622 30.45 5.72 47.30
CA GLU A 622 30.80 4.57 48.12
C GLU A 622 32.24 4.13 47.86
N LEU A 623 32.66 4.12 46.59
CA LEU A 623 34.03 3.74 46.28
C LEU A 623 35.02 4.74 46.86
N GLN A 624 34.69 6.04 46.80
CA GLN A 624 35.54 7.03 47.44
C GLN A 624 35.62 6.78 48.94
N LYS A 625 34.50 6.42 49.57
CA LYS A 625 34.51 6.12 51.00
C LYS A 625 35.33 4.89 51.32
N LEU A 626 35.63 4.04 50.32
CA LEU A 626 36.34 2.81 50.55
C LEU A 626 37.85 2.95 50.40
N GLY A 627 38.35 4.13 50.04
CA GLY A 627 39.75 4.34 49.78
C GLY A 627 40.10 4.33 48.30
N ALA A 628 39.16 3.97 47.44
CA ALA A 628 39.41 3.98 46.01
C ALA A 628 39.50 5.40 45.49
N GLU A 629 40.20 5.57 44.37
CA GLU A 629 40.32 6.86 43.70
C GLU A 629 39.45 6.82 42.45
N VAL A 630 38.35 7.57 42.48
CA VAL A 630 37.42 7.60 41.37
C VAL A 630 37.36 9.02 40.81
N GLU A 631 37.04 9.11 39.53
CA GLU A 631 36.89 10.41 38.88
C GLU A 631 36.04 10.25 37.63
N VAL A 632 35.25 11.25 37.33
CA VAL A 632 34.39 11.23 36.14
C VAL A 632 35.17 11.77 34.96
N CYS A 633 35.13 11.05 33.84
CA CYS A 633 35.79 11.46 32.61
C CYS A 633 34.75 11.88 31.59
N HIS A 634 34.84 13.13 31.13
CA HIS A 634 34.01 13.65 30.06
C HIS A 634 34.84 13.73 28.79
N VAL A 635 34.34 13.11 27.73
CA VAL A 635 35.04 13.10 26.44
C VAL A 635 34.17 13.82 25.42
N VAL A 636 34.72 14.88 24.84
CA VAL A 636 34.00 15.68 23.85
C VAL A 636 34.58 15.45 22.45
N MET E 1 -23.84 -31.35 -33.14
CA MET E 1 -23.50 -30.23 -34.00
C MET E 1 -24.51 -29.09 -33.83
N PHE E 2 -24.02 -27.92 -33.45
CA PHE E 2 -24.85 -26.75 -33.19
C PHE E 2 -24.42 -25.63 -34.12
N GLU E 3 -25.38 -25.06 -34.84
CA GLU E 3 -25.13 -24.00 -35.82
C GLU E 3 -26.21 -22.93 -35.68
N ALA E 4 -25.81 -21.67 -35.62
CA ALA E 4 -26.74 -20.57 -35.47
C ALA E 4 -26.16 -19.31 -36.09
N ARG E 5 -26.75 -18.86 -37.19
CA ARG E 5 -26.31 -17.66 -37.89
C ARG E 5 -27.08 -16.46 -37.34
N LEU E 6 -26.36 -15.38 -37.05
CA LEU E 6 -26.96 -14.14 -36.58
C LEU E 6 -26.58 -13.00 -37.52
N VAL E 7 -27.58 -12.41 -38.18
CA VAL E 7 -27.33 -11.29 -39.07
C VAL E 7 -26.84 -10.08 -38.26
N GLN E 8 -27.48 -9.82 -37.13
CA GLN E 8 -27.09 -8.71 -36.26
C GLN E 8 -26.07 -9.23 -35.25
N GLY E 9 -24.81 -9.26 -35.69
CA GLY E 9 -23.75 -9.74 -34.83
C GLY E 9 -23.42 -8.82 -33.66
N SER E 10 -23.76 -7.54 -33.79
CA SER E 10 -23.59 -6.63 -32.67
C SER E 10 -24.36 -7.12 -31.46
N ILE E 11 -25.45 -7.87 -31.67
CA ILE E 11 -26.21 -8.41 -30.55
C ILE E 11 -25.32 -9.30 -29.70
N LEU E 12 -24.65 -10.26 -30.33
CA LEU E 12 -23.79 -11.18 -29.57
C LEU E 12 -22.57 -10.44 -29.03
N LYS E 13 -22.05 -9.48 -29.77
CA LYS E 13 -20.90 -8.72 -29.28
C LYS E 13 -21.22 -8.00 -27.99
N LYS E 14 -22.32 -7.24 -27.97
CA LYS E 14 -22.69 -6.52 -26.76
C LYS E 14 -23.12 -7.47 -25.65
N VAL E 15 -23.70 -8.61 -26.00
CA VAL E 15 -24.03 -9.62 -24.99
C VAL E 15 -22.77 -10.06 -24.25
N LEU E 16 -21.73 -10.43 -24.98
CA LEU E 16 -20.51 -10.88 -24.33
C LEU E 16 -19.82 -9.74 -23.60
N GLU E 17 -19.91 -8.52 -24.13
CA GLU E 17 -19.33 -7.38 -23.44
C GLU E 17 -20.02 -7.15 -22.09
N ALA E 18 -21.34 -7.31 -22.06
CA ALA E 18 -22.08 -7.14 -20.81
C ALA E 18 -21.75 -8.24 -19.82
N LEU E 19 -21.65 -9.47 -20.30
CA LEU E 19 -21.47 -10.61 -19.42
C LEU E 19 -20.02 -10.85 -19.01
N LYS E 20 -19.08 -10.16 -19.64
CA LYS E 20 -17.67 -10.47 -19.42
C LYS E 20 -17.25 -10.22 -17.97
N ASP E 21 -17.70 -9.12 -17.40
CA ASP E 21 -17.22 -8.75 -16.07
C ASP E 21 -17.80 -9.63 -14.98
N LEU E 22 -19.09 -9.95 -15.07
CA LEU E 22 -19.74 -10.73 -14.02
C LEU E 22 -19.21 -12.16 -13.99
N ILE E 23 -19.19 -12.83 -15.14
CA ILE E 23 -18.81 -14.23 -15.23
C ILE E 23 -17.52 -14.35 -16.02
N ASN E 24 -16.59 -15.14 -15.52
CA ASN E 24 -15.40 -15.48 -16.28
C ASN E 24 -15.56 -16.81 -17.00
N GLU E 25 -16.33 -17.74 -16.42
CA GLU E 25 -16.60 -19.03 -17.03
C GLU E 25 -18.07 -19.37 -16.79
N ALA E 26 -18.82 -19.57 -17.86
CA ALA E 26 -20.24 -19.82 -17.80
C ALA E 26 -20.62 -20.96 -18.73
N CYS E 27 -21.77 -21.56 -18.46
CA CYS E 27 -22.27 -22.66 -19.27
C CYS E 27 -23.32 -22.16 -20.25
N TRP E 28 -23.18 -22.57 -21.50
CA TRP E 28 -24.07 -22.13 -22.59
C TRP E 28 -24.95 -23.31 -22.99
N ASP E 29 -26.12 -23.42 -22.37
CA ASP E 29 -27.02 -24.52 -22.66
C ASP E 29 -27.47 -24.48 -24.11
N ILE E 30 -27.54 -25.64 -24.74
CA ILE E 30 -27.96 -25.77 -26.13
C ILE E 30 -29.30 -26.48 -26.15
N SER E 31 -30.29 -25.88 -26.80
CA SER E 31 -31.61 -26.47 -26.91
C SER E 31 -32.30 -25.94 -28.15
N SER E 32 -33.36 -26.64 -28.56
CA SER E 32 -34.15 -26.18 -29.70
C SER E 32 -34.75 -24.80 -29.44
N SER E 33 -35.08 -24.50 -28.18
CA SER E 33 -35.61 -23.19 -27.85
C SER E 33 -34.57 -22.10 -28.10
N GLY E 34 -33.31 -22.39 -27.78
CA GLY E 34 -32.25 -21.41 -27.95
C GLY E 34 -31.09 -21.75 -27.04
N VAL E 35 -30.34 -20.71 -26.67
CA VAL E 35 -29.21 -20.86 -25.76
C VAL E 35 -29.56 -20.18 -24.44
N ASN E 36 -29.32 -20.89 -23.34
CA ASN E 36 -29.60 -20.40 -21.99
C ASN E 36 -28.32 -20.39 -21.18
N LEU E 37 -28.03 -19.26 -20.53
CA LEU E 37 -26.82 -19.14 -19.73
C LEU E 37 -27.02 -19.73 -18.33
N GLN E 38 -27.87 -19.09 -17.55
CA GLN E 38 -28.21 -19.52 -16.19
C GLN E 38 -26.95 -19.78 -15.35
N SER E 39 -26.09 -18.77 -15.30
CA SER E 39 -24.91 -18.80 -14.46
C SER E 39 -24.85 -17.53 -13.63
N MET E 40 -24.08 -17.58 -12.54
CA MET E 40 -24.03 -16.50 -11.58
C MET E 40 -22.60 -16.03 -11.39
N ASP E 41 -22.47 -14.83 -10.82
CA ASP E 41 -21.15 -14.23 -10.68
C ASP E 41 -20.34 -15.00 -9.64
N SER E 42 -19.03 -14.73 -9.64
CA SER E 42 -18.14 -15.40 -8.69
C SER E 42 -18.49 -15.04 -7.26
N SER E 43 -19.05 -13.85 -7.04
CA SER E 43 -19.39 -13.44 -5.69
C SER E 43 -20.69 -14.05 -5.21
N HIS E 44 -21.45 -14.68 -6.10
CA HIS E 44 -22.76 -15.25 -5.82
C HIS E 44 -23.77 -14.21 -5.32
N VAL E 45 -23.40 -12.92 -5.35
CA VAL E 45 -24.34 -11.88 -4.98
C VAL E 45 -25.38 -11.68 -6.07
N SER E 46 -24.99 -11.87 -7.33
CA SER E 46 -25.84 -11.57 -8.47
C SER E 46 -25.96 -12.79 -9.37
N LEU E 47 -27.03 -12.82 -10.16
CA LEU E 47 -27.25 -13.91 -11.10
C LEU E 47 -27.78 -13.37 -12.41
N VAL E 48 -27.32 -13.96 -13.51
CA VAL E 48 -27.70 -13.54 -14.85
C VAL E 48 -28.26 -14.72 -15.62
N GLN E 49 -29.37 -14.48 -16.31
CA GLN E 49 -29.98 -15.49 -17.18
C GLN E 49 -30.06 -14.91 -18.59
N LEU E 50 -29.56 -15.66 -19.56
CA LEU E 50 -29.52 -15.24 -20.95
C LEU E 50 -30.26 -16.29 -21.78
N THR E 51 -31.53 -16.05 -22.02
CA THR E 51 -32.32 -16.92 -22.89
C THR E 51 -32.39 -16.23 -24.23
N LEU E 52 -31.70 -16.80 -25.22
CA LEU E 52 -31.63 -16.23 -26.56
C LEU E 52 -32.44 -17.16 -27.46
N ARG E 53 -33.69 -16.80 -27.74
CA ARG E 53 -34.59 -17.71 -28.43
C ARG E 53 -34.11 -17.98 -29.85
N SER E 54 -34.43 -19.18 -30.34
CA SER E 54 -33.96 -19.60 -31.66
C SER E 54 -34.72 -18.89 -32.78
N GLU E 55 -35.79 -18.17 -32.44
CA GLU E 55 -36.55 -17.47 -33.46
C GLU E 55 -35.69 -16.41 -34.13
N GLY E 56 -34.92 -15.65 -33.35
CA GLY E 56 -34.05 -14.65 -33.93
C GLY E 56 -32.95 -15.25 -34.79
N PHE E 57 -32.36 -16.34 -34.32
CA PHE E 57 -31.30 -16.99 -35.07
C PHE E 57 -31.84 -17.54 -36.40
N ASP E 58 -31.07 -17.37 -37.45
CA ASP E 58 -31.38 -17.91 -38.76
C ASP E 58 -30.55 -19.16 -39.02
N THR E 59 -31.20 -20.18 -39.57
CA THR E 59 -30.59 -21.50 -39.75
C THR E 59 -30.07 -22.04 -38.42
N TYR E 60 -30.99 -22.18 -37.48
CA TYR E 60 -30.67 -22.72 -36.15
C TYR E 60 -30.69 -24.23 -36.20
N ARG E 61 -29.63 -24.86 -35.70
CA ARG E 61 -29.52 -26.31 -35.71
C ARG E 61 -28.92 -26.78 -34.38
N CYS E 62 -29.50 -27.86 -33.85
CA CYS E 62 -29.02 -28.42 -32.59
C CYS E 62 -29.43 -29.89 -32.55
N ASP E 63 -28.45 -30.79 -32.73
CA ASP E 63 -28.74 -32.21 -32.68
C ASP E 63 -29.11 -32.66 -31.27
N ARG E 64 -28.32 -32.24 -30.28
CA ARG E 64 -28.53 -32.65 -28.90
C ARG E 64 -28.07 -31.53 -27.99
N ASN E 65 -28.51 -31.58 -26.74
CA ASN E 65 -28.16 -30.55 -25.78
C ASN E 65 -26.66 -30.57 -25.51
N LEU E 66 -26.04 -29.39 -25.55
CA LEU E 66 -24.60 -29.24 -25.36
C LEU E 66 -24.34 -28.25 -24.23
N ALA E 67 -23.38 -28.59 -23.36
CA ALA E 67 -23.10 -27.76 -22.20
C ALA E 67 -22.43 -26.45 -22.62
N MET E 68 -21.42 -26.53 -23.48
CA MET E 68 -20.69 -25.36 -23.99
C MET E 68 -20.23 -24.45 -22.87
N GLY E 69 -19.33 -24.95 -22.04
CA GLY E 69 -18.66 -24.12 -21.06
C GLY E 69 -17.63 -23.24 -21.74
N VAL E 70 -17.87 -21.93 -21.78
CA VAL E 70 -17.03 -21.00 -22.52
C VAL E 70 -16.39 -20.01 -21.56
N ASN E 71 -15.08 -19.84 -21.68
CA ASN E 71 -14.37 -18.83 -20.91
C ASN E 71 -14.75 -17.47 -21.50
N LEU E 72 -15.60 -16.74 -20.79
CA LEU E 72 -16.24 -15.56 -21.38
C LEU E 72 -15.25 -14.45 -21.68
N THR E 73 -14.13 -14.37 -20.97
CA THR E 73 -13.12 -13.38 -21.34
C THR E 73 -12.50 -13.69 -22.69
N SER E 74 -12.20 -14.97 -22.93
CA SER E 74 -11.66 -15.37 -24.22
C SER E 74 -12.67 -15.17 -25.34
N MET E 75 -13.94 -15.50 -25.09
CA MET E 75 -14.96 -15.25 -26.10
C MET E 75 -15.17 -13.77 -26.34
N SER E 76 -15.03 -12.95 -25.30
CA SER E 76 -15.12 -11.50 -25.48
C SER E 76 -13.99 -11.00 -26.36
N LYS E 77 -12.78 -11.50 -26.14
CA LYS E 77 -11.65 -11.14 -26.99
C LYS E 77 -11.89 -11.60 -28.43
N ILE E 78 -12.46 -12.78 -28.62
CA ILE E 78 -12.67 -13.30 -29.96
C ILE E 78 -13.77 -12.52 -30.67
N LEU E 79 -14.82 -12.14 -29.94
CA LEU E 79 -15.91 -11.37 -30.56
C LEU E 79 -15.49 -9.94 -30.83
N LYS E 80 -14.58 -9.39 -30.02
CA LYS E 80 -14.04 -8.06 -30.33
C LYS E 80 -13.34 -8.05 -31.67
N CYS E 81 -12.90 -9.22 -32.14
CA CYS E 81 -12.39 -9.34 -33.50
C CYS E 81 -13.44 -9.00 -34.54
N ALA E 82 -14.68 -9.36 -34.24
CA ALA E 82 -15.75 -9.22 -35.25
C ALA E 82 -16.11 -7.77 -35.53
N GLY E 83 -16.35 -7.47 -36.80
CA GLY E 83 -16.86 -6.13 -37.15
C GLY E 83 -18.29 -6.06 -36.64
N ASN E 84 -18.76 -4.87 -36.27
CA ASN E 84 -20.12 -4.79 -35.68
C ASN E 84 -21.09 -5.32 -36.73
N GLU E 85 -20.87 -4.95 -37.98
CA GLU E 85 -21.72 -5.39 -39.12
C GLU E 85 -21.68 -6.91 -39.35
N ASP E 86 -20.53 -7.57 -39.18
CA ASP E 86 -20.39 -8.98 -39.64
C ASP E 86 -21.35 -9.98 -39.02
N ILE E 87 -21.91 -10.87 -39.86
CA ILE E 87 -22.79 -11.97 -39.38
C ILE E 87 -21.93 -13.05 -38.72
N ILE E 88 -22.48 -13.82 -37.76
CA ILE E 88 -21.66 -14.82 -37.01
C ILE E 88 -22.41 -16.14 -36.85
N THR E 89 -21.92 -17.25 -37.41
CA THR E 89 -22.53 -18.53 -37.10
C THR E 89 -21.60 -19.30 -36.17
N LEU E 90 -22.18 -19.88 -35.12
CA LEU E 90 -21.42 -20.60 -34.11
C LEU E 90 -21.54 -22.09 -34.41
N ARG E 91 -20.45 -22.67 -34.91
CA ARG E 91 -20.43 -24.08 -35.30
C ARG E 91 -19.82 -24.89 -34.17
N ALA E 92 -20.66 -25.49 -33.35
CA ALA E 92 -20.17 -26.37 -32.30
C ALA E 92 -19.58 -27.63 -32.91
N GLU E 93 -18.45 -28.09 -32.37
CA GLU E 93 -17.88 -29.35 -32.80
C GLU E 93 -18.86 -30.48 -32.47
N ASP E 94 -18.87 -31.50 -33.32
CA ASP E 94 -19.82 -32.60 -33.16
C ASP E 94 -19.72 -33.22 -31.77
N ASN E 95 -18.51 -33.59 -31.36
CA ASN E 95 -18.30 -34.17 -30.04
C ASN E 95 -17.13 -33.57 -29.28
N ALA E 96 -16.17 -32.92 -29.93
CA ALA E 96 -15.04 -32.33 -29.23
C ALA E 96 -15.44 -30.98 -28.66
N ASP E 97 -14.47 -30.25 -28.11
CA ASP E 97 -14.73 -28.97 -27.45
C ASP E 97 -13.99 -27.87 -28.21
N THR E 98 -14.62 -27.36 -29.26
CA THR E 98 -14.02 -26.22 -30.00
C THR E 98 -15.17 -25.42 -30.58
N LEU E 99 -15.73 -24.48 -29.81
CA LEU E 99 -16.78 -23.61 -30.40
C LEU E 99 -16.11 -22.89 -31.56
N ALA E 100 -16.70 -23.00 -32.75
CA ALA E 100 -16.12 -22.25 -33.87
C ALA E 100 -17.03 -21.06 -34.16
N LEU E 101 -16.45 -19.87 -34.15
CA LEU E 101 -17.24 -18.67 -34.48
C LEU E 101 -16.66 -18.17 -35.79
N VAL E 102 -17.50 -17.99 -36.80
CA VAL E 102 -16.99 -17.44 -38.09
C VAL E 102 -17.69 -16.10 -38.32
N PHE E 103 -16.92 -15.05 -38.60
CA PHE E 103 -17.51 -13.71 -38.82
C PHE E 103 -17.33 -13.37 -40.30
N GLU E 104 -18.41 -13.01 -40.98
CA GLU E 104 -18.33 -12.70 -42.42
C GLU E 104 -18.82 -11.27 -42.65
N ALA E 105 -18.05 -10.47 -43.39
CA ALA E 105 -18.43 -9.07 -43.67
C ALA E 105 -19.62 -9.05 -44.64
N PRO E 106 -20.54 -8.07 -44.54
CA PRO E 106 -21.63 -7.96 -45.53
C PRO E 106 -21.12 -7.86 -46.95
N ASN E 107 -19.97 -7.23 -47.15
CA ASN E 107 -19.35 -7.17 -48.47
C ASN E 107 -18.83 -8.53 -48.94
N GLN E 108 -18.76 -9.52 -48.04
CA GLN E 108 -18.45 -10.91 -48.33
C GLN E 108 -17.00 -11.13 -48.76
N GLU E 109 -16.17 -10.09 -48.79
CA GLU E 109 -14.78 -10.28 -49.17
C GLU E 109 -14.01 -10.96 -48.03
N LYS E 110 -14.26 -10.53 -46.80
CA LYS E 110 -13.53 -11.02 -45.63
C LYS E 110 -14.35 -12.05 -44.88
N VAL E 111 -13.71 -13.18 -44.55
CA VAL E 111 -14.27 -14.16 -43.63
C VAL E 111 -13.24 -14.39 -42.54
N SER E 112 -13.69 -14.50 -41.30
CA SER E 112 -12.81 -14.65 -40.14
C SER E 112 -13.29 -15.82 -39.28
N ASP E 113 -12.55 -16.92 -39.32
CA ASP E 113 -12.91 -18.14 -38.62
C ASP E 113 -11.99 -18.29 -37.42
N TYR E 114 -12.58 -18.52 -36.25
CA TYR E 114 -11.82 -18.79 -35.04
C TYR E 114 -12.43 -19.95 -34.26
N GLU E 115 -11.57 -20.66 -33.55
CA GLU E 115 -11.96 -21.73 -32.65
C GLU E 115 -11.67 -21.31 -31.21
N MET E 116 -12.30 -22.00 -30.27
CA MET E 116 -12.15 -21.72 -28.86
C MET E 116 -11.73 -22.98 -28.11
N LYS E 117 -11.08 -22.77 -26.97
CA LYS E 117 -10.70 -23.90 -26.13
C LYS E 117 -11.93 -24.66 -25.64
N LEU E 118 -12.97 -23.93 -25.24
CA LEU E 118 -14.25 -24.50 -24.84
C LEU E 118 -14.05 -25.50 -23.69
N MET E 119 -13.62 -24.97 -22.55
CA MET E 119 -13.33 -25.79 -21.39
C MET E 119 -14.62 -26.34 -20.78
N ASP E 120 -14.46 -27.18 -19.77
CA ASP E 120 -15.59 -27.79 -19.08
C ASP E 120 -15.66 -27.27 -17.66
N LEU E 121 -16.83 -26.75 -17.28
CA LEU E 121 -17.05 -26.21 -15.95
C LEU E 121 -18.11 -27.02 -15.21
N ASP E 122 -18.00 -27.04 -13.89
CA ASP E 122 -18.96 -27.75 -13.07
C ASP E 122 -20.36 -27.19 -13.28
N VAL E 123 -21.26 -28.03 -13.80
CA VAL E 123 -22.61 -27.58 -14.09
C VAL E 123 -23.36 -27.35 -12.79
N GLU E 124 -24.04 -26.20 -12.70
CA GLU E 124 -24.81 -25.85 -11.51
C GLU E 124 -25.95 -24.95 -11.94
N GLN E 125 -27.16 -25.27 -11.49
CA GLN E 125 -28.36 -24.52 -11.85
C GLN E 125 -29.02 -23.98 -10.60
N LEU E 126 -29.22 -22.66 -10.56
CA LEU E 126 -29.94 -22.06 -9.44
C LEU E 126 -31.43 -22.36 -9.53
N GLY E 127 -32.02 -22.20 -10.72
CA GLY E 127 -33.43 -22.47 -10.92
C GLY E 127 -34.33 -21.62 -10.06
N ILE E 128 -34.10 -20.31 -10.04
CA ILE E 128 -34.90 -19.44 -9.18
C ILE E 128 -36.34 -19.47 -9.63
N PRO E 129 -37.31 -19.54 -8.72
CA PRO E 129 -38.71 -19.57 -9.13
C PRO E 129 -39.17 -18.24 -9.69
N GLU E 130 -40.18 -18.31 -10.57
CA GLU E 130 -40.71 -17.12 -11.24
C GLU E 130 -41.68 -16.42 -10.29
N GLN E 131 -41.12 -15.87 -9.22
CA GLN E 131 -41.92 -15.16 -8.23
C GLN E 131 -42.49 -13.89 -8.83
N GLU E 132 -43.79 -13.68 -8.65
CA GLU E 132 -44.41 -12.45 -9.11
C GLU E 132 -43.82 -11.27 -8.34
N TYR E 133 -43.65 -10.15 -9.03
CA TYR E 133 -42.93 -9.01 -8.47
C TYR E 133 -43.88 -7.83 -8.33
N SER E 134 -43.71 -7.07 -7.25
CA SER E 134 -44.44 -5.83 -7.08
C SER E 134 -43.67 -4.68 -7.72
N CYS E 135 -44.32 -3.51 -7.76
CA CYS E 135 -43.72 -2.24 -8.16
C CYS E 135 -42.75 -2.39 -9.34
N VAL E 136 -43.24 -3.02 -10.41
CA VAL E 136 -42.47 -3.14 -11.63
C VAL E 136 -42.28 -1.77 -12.27
N VAL E 137 -41.05 -1.45 -12.64
CA VAL E 137 -40.69 -0.15 -13.21
C VAL E 137 -40.07 -0.39 -14.57
N LYS E 138 -40.40 0.49 -15.52
CA LYS E 138 -39.86 0.42 -16.88
C LYS E 138 -39.31 1.78 -17.24
N MET E 139 -38.01 1.87 -17.43
CA MET E 139 -37.29 3.12 -17.63
C MET E 139 -36.24 2.92 -18.69
N PRO E 140 -35.76 4.00 -19.32
CA PRO E 140 -34.72 3.85 -20.34
C PRO E 140 -33.45 3.25 -19.77
N SER E 141 -32.76 2.45 -20.59
CA SER E 141 -31.57 1.76 -20.13
C SER E 141 -30.44 2.73 -19.83
N GLY E 142 -30.20 3.68 -20.74
CA GLY E 142 -29.11 4.62 -20.53
C GLY E 142 -29.30 5.45 -19.27
N GLU E 143 -30.54 5.81 -18.96
CA GLU E 143 -30.82 6.52 -17.72
C GLU E 143 -30.36 5.70 -16.52
N PHE E 144 -30.73 4.43 -16.47
CA PHE E 144 -30.37 3.59 -15.33
C PHE E 144 -28.86 3.41 -15.24
N ALA E 145 -28.20 3.27 -16.39
CA ALA E 145 -26.74 3.19 -16.39
C ALA E 145 -26.13 4.45 -15.79
N ARG E 146 -26.67 5.61 -16.15
CA ARG E 146 -26.14 6.87 -15.63
C ARG E 146 -26.38 6.97 -14.13
N ILE E 147 -27.56 6.56 -13.65
CA ILE E 147 -27.81 6.58 -12.21
C ILE E 147 -26.81 5.69 -11.49
N CYS E 148 -26.56 4.50 -12.02
CA CYS E 148 -25.60 3.61 -11.37
C CYS E 148 -24.22 4.24 -11.34
N ARG E 149 -23.77 4.85 -12.44
CA ARG E 149 -22.45 5.46 -12.45
C ARG E 149 -22.36 6.59 -11.42
N ASP E 150 -23.36 7.47 -11.39
CA ASP E 150 -23.32 8.61 -10.49
C ASP E 150 -23.31 8.16 -9.04
N LEU E 151 -24.23 7.26 -8.67
CA LEU E 151 -24.27 6.79 -7.30
C LEU E 151 -23.03 5.98 -6.95
N SER E 152 -22.40 5.32 -7.92
CA SER E 152 -21.15 4.63 -7.63
C SER E 152 -20.04 5.63 -7.32
N HIS E 153 -20.06 6.78 -7.99
CA HIS E 153 -19.19 7.88 -7.57
C HIS E 153 -19.52 8.33 -6.15
N ILE E 154 -20.80 8.40 -5.82
CA ILE E 154 -21.19 8.93 -4.51
C ILE E 154 -20.98 7.90 -3.41
N GLY E 155 -21.66 6.75 -3.50
CA GLY E 155 -21.67 5.81 -2.40
C GLY E 155 -21.40 4.39 -2.87
N ASP E 156 -21.26 3.50 -1.88
CA ASP E 156 -20.97 2.10 -2.14
C ASP E 156 -22.22 1.26 -2.31
N ALA E 157 -23.29 1.57 -1.61
CA ALA E 157 -24.54 0.83 -1.71
C ALA E 157 -25.66 1.76 -2.13
N VAL E 158 -26.67 1.19 -2.77
CA VAL E 158 -27.83 1.93 -3.25
C VAL E 158 -29.08 1.31 -2.64
N VAL E 159 -29.99 2.14 -2.16
CA VAL E 159 -31.27 1.68 -1.65
C VAL E 159 -32.35 2.16 -2.61
N ILE E 160 -33.32 1.29 -2.88
CA ILE E 160 -34.39 1.59 -3.83
C ILE E 160 -35.73 1.43 -3.14
N SER E 161 -36.51 2.51 -3.13
CA SER E 161 -37.87 2.50 -2.61
C SER E 161 -38.79 2.92 -3.76
N CYS E 162 -39.81 2.11 -4.01
CA CYS E 162 -40.71 2.34 -5.13
C CYS E 162 -42.12 2.64 -4.63
N ALA E 163 -42.72 3.67 -5.21
CA ALA E 163 -44.11 4.01 -4.97
C ALA E 163 -44.81 4.22 -6.30
N LYS E 164 -46.14 4.29 -6.25
CA LYS E 164 -46.90 4.58 -7.47
C LYS E 164 -46.53 5.94 -8.04
N ASP E 165 -46.09 6.86 -7.19
CA ASP E 165 -45.62 8.15 -7.69
C ASP E 165 -44.30 8.00 -8.43
N GLY E 166 -43.38 7.21 -7.90
CA GLY E 166 -42.10 7.05 -8.55
C GLY E 166 -41.20 6.07 -7.84
N VAL E 167 -40.01 5.88 -8.41
CA VAL E 167 -38.97 5.02 -7.86
C VAL E 167 -37.76 5.88 -7.52
N LYS E 168 -37.23 5.70 -6.32
CA LYS E 168 -36.18 6.56 -5.79
C LYS E 168 -34.91 5.75 -5.56
N PHE E 169 -33.82 6.17 -6.20
CA PHE E 169 -32.51 5.59 -6.00
C PHE E 169 -31.68 6.55 -5.15
N SER E 170 -31.21 6.08 -4.00
CA SER E 170 -30.46 6.91 -3.08
C SER E 170 -29.25 6.16 -2.55
N ALA E 171 -28.14 6.88 -2.38
CA ALA E 171 -26.92 6.32 -1.82
C ALA E 171 -26.34 7.31 -0.81
N SER E 172 -25.79 6.79 0.27
CA SER E 172 -25.13 7.59 1.28
C SER E 172 -23.69 7.11 1.44
N GLY E 173 -22.76 8.06 1.56
CA GLY E 173 -21.37 7.69 1.67
C GLY E 173 -20.54 8.66 2.48
N GLU E 174 -19.25 8.41 2.56
CA GLU E 174 -18.36 9.28 3.34
C GLU E 174 -18.31 10.68 2.75
N LEU E 175 -18.24 10.79 1.42
CA LEU E 175 -18.05 12.10 0.81
C LEU E 175 -19.37 12.83 0.64
N GLY E 176 -20.49 12.13 0.80
CA GLY E 176 -21.78 12.80 0.68
C GLY E 176 -22.92 11.81 0.74
N ASN E 177 -24.12 12.35 0.61
CA ASN E 177 -25.35 11.55 0.57
C ASN E 177 -26.15 12.04 -0.63
N GLY E 178 -26.67 11.10 -1.41
CA GLY E 178 -27.38 11.47 -2.62
C GLY E 178 -28.58 10.61 -2.95
N ASN E 179 -29.56 11.18 -3.63
CA ASN E 179 -30.78 10.49 -4.00
C ASN E 179 -31.27 10.97 -5.36
N ILE E 180 -31.70 10.03 -6.20
CA ILE E 180 -32.32 10.33 -7.48
C ILE E 180 -33.65 9.61 -7.56
N LYS E 181 -34.67 10.32 -8.04
CA LYS E 181 -36.03 9.78 -8.13
C LYS E 181 -36.59 10.03 -9.51
N LEU E 182 -37.28 9.04 -10.06
CA LEU E 182 -37.94 9.15 -11.35
C LEU E 182 -39.42 8.81 -11.20
N SER E 183 -40.25 9.51 -11.97
CA SER E 183 -41.69 9.35 -11.92
C SER E 183 -42.22 9.06 -13.32
N GLN E 184 -43.35 8.36 -13.37
CA GLN E 184 -43.95 7.98 -14.64
C GLN E 184 -44.28 9.21 -15.48
N THR E 185 -43.57 9.40 -16.58
CA THR E 185 -43.74 10.57 -17.42
C THR E 185 -44.98 10.49 -18.29
N SER E 186 -45.39 9.28 -18.69
CA SER E 186 -46.56 9.08 -19.55
C SER E 186 -46.50 9.95 -20.80
N ASN E 187 -45.32 9.99 -21.43
CA ASN E 187 -45.14 10.79 -22.63
C ASN E 187 -46.00 10.26 -23.77
N VAL E 188 -46.60 11.17 -24.53
CA VAL E 188 -47.47 10.78 -25.63
C VAL E 188 -46.68 10.07 -26.72
N ASP E 189 -45.52 10.64 -27.08
CA ASP E 189 -44.71 10.05 -28.15
C ASP E 189 -44.17 8.68 -27.75
N LYS E 190 -43.59 8.58 -26.55
CA LYS E 190 -43.21 7.30 -25.95
C LYS E 190 -42.23 6.52 -26.83
N GLU E 191 -41.08 7.12 -27.15
CA GLU E 191 -40.03 6.41 -27.89
C GLU E 191 -39.07 5.77 -26.89
N GLU E 192 -39.65 5.09 -25.89
CA GLU E 192 -38.97 4.40 -24.81
C GLU E 192 -38.36 5.36 -23.78
N GLU E 193 -38.78 6.63 -23.76
CA GLU E 193 -38.48 7.47 -22.60
C GLU E 193 -39.50 7.29 -21.48
N ALA E 194 -40.50 6.44 -21.68
CA ALA E 194 -41.54 6.27 -20.67
C ALA E 194 -40.94 5.73 -19.38
N VAL E 195 -41.50 6.18 -18.26
CA VAL E 195 -41.03 5.77 -16.93
C VAL E 195 -42.19 5.06 -16.25
N THR E 196 -42.98 4.32 -17.03
CA THR E 196 -44.19 3.70 -16.52
C THR E 196 -43.89 2.75 -15.36
N ILE E 197 -44.70 2.88 -14.29
CA ILE E 197 -44.59 2.03 -13.11
C ILE E 197 -45.97 1.49 -12.76
N GLU E 198 -46.01 0.18 -12.52
CA GLU E 198 -47.18 -0.46 -11.93
C GLU E 198 -46.83 -0.86 -10.51
N MET E 199 -47.62 -0.40 -9.54
CA MET E 199 -47.35 -0.63 -8.13
C MET E 199 -48.37 -1.60 -7.56
N ASN E 200 -47.91 -2.51 -6.70
CA ASN E 200 -48.78 -3.40 -5.95
C ASN E 200 -48.64 -3.24 -4.44
N GLU E 201 -47.46 -2.89 -3.95
CA GLU E 201 -47.23 -2.69 -2.52
C GLU E 201 -45.92 -1.94 -2.35
N PRO E 202 -45.78 -1.15 -1.28
CA PRO E 202 -44.53 -0.39 -1.08
C PRO E 202 -43.39 -1.32 -0.69
N VAL E 203 -42.34 -1.33 -1.52
CA VAL E 203 -41.20 -2.23 -1.36
C VAL E 203 -39.93 -1.41 -1.36
N GLN E 204 -39.07 -1.64 -0.36
CA GLN E 204 -37.81 -0.93 -0.22
C GLN E 204 -36.70 -1.95 0.02
N LEU E 205 -35.60 -1.83 -0.71
CA LEU E 205 -34.49 -2.75 -0.60
C LEU E 205 -33.18 -1.97 -0.71
N THR E 206 -32.10 -2.59 -0.25
CA THR E 206 -30.77 -2.01 -0.34
C THR E 206 -29.88 -2.97 -1.12
N PHE E 207 -29.14 -2.44 -2.09
CA PHE E 207 -28.42 -3.29 -3.03
C PHE E 207 -26.98 -2.81 -3.17
N ALA E 208 -26.11 -3.74 -3.54
CA ALA E 208 -24.72 -3.41 -3.83
C ALA E 208 -24.63 -2.70 -5.17
N LEU E 209 -23.73 -1.74 -5.25
CA LEU E 209 -23.66 -0.89 -6.44
C LEU E 209 -22.59 -1.32 -7.43
N ARG E 210 -21.61 -2.10 -7.01
CA ARG E 210 -20.62 -2.61 -7.95
C ARG E 210 -21.27 -3.51 -8.98
N TYR E 211 -22.03 -4.50 -8.52
CA TYR E 211 -22.74 -5.38 -9.44
C TYR E 211 -23.78 -4.62 -10.24
N LEU E 212 -24.41 -3.60 -9.63
CA LEU E 212 -25.38 -2.82 -10.37
C LEU E 212 -24.73 -2.08 -11.53
N ASN E 213 -23.52 -1.54 -11.31
CA ASN E 213 -22.78 -0.95 -12.42
C ASN E 213 -22.42 -2.00 -13.45
N PHE E 214 -22.06 -3.21 -13.01
CA PHE E 214 -21.79 -4.29 -13.96
C PHE E 214 -23.03 -4.62 -14.78
N PHE E 215 -24.22 -4.41 -14.20
CA PHE E 215 -25.44 -4.67 -14.96
C PHE E 215 -25.63 -3.64 -16.07
N THR E 216 -25.17 -2.42 -15.87
CA THR E 216 -25.36 -1.36 -16.86
C THR E 216 -24.59 -1.62 -18.14
N LYS E 217 -23.64 -2.54 -18.13
CA LYS E 217 -22.84 -2.80 -19.32
C LYS E 217 -23.65 -3.42 -20.44
N ALA E 218 -24.87 -3.87 -20.16
CA ALA E 218 -25.77 -4.38 -21.19
C ALA E 218 -26.58 -3.27 -21.84
N THR E 219 -26.16 -2.03 -21.70
CA THR E 219 -26.92 -0.91 -22.27
C THR E 219 -27.08 -1.01 -23.79
N PRO E 220 -26.05 -1.32 -24.58
CA PRO E 220 -26.25 -1.30 -26.04
C PRO E 220 -27.26 -2.34 -26.54
N LEU E 221 -27.53 -3.39 -25.76
CA LEU E 221 -28.49 -4.39 -26.20
C LEU E 221 -29.89 -3.80 -26.36
N SER E 222 -30.39 -3.13 -25.33
CA SER E 222 -31.77 -2.68 -25.29
C SER E 222 -31.84 -1.23 -24.83
N SER E 223 -32.79 -0.50 -25.38
CA SER E 223 -32.99 0.89 -24.98
C SER E 223 -33.78 1.01 -23.68
N THR E 224 -34.40 -0.09 -23.22
CA THR E 224 -35.25 -0.06 -22.05
C THR E 224 -34.78 -1.09 -21.03
N VAL E 225 -34.98 -0.77 -19.76
CA VAL E 225 -34.69 -1.68 -18.66
C VAL E 225 -35.90 -1.75 -17.75
N THR E 226 -36.25 -2.97 -17.38
CA THR E 226 -37.41 -3.15 -16.48
C THR E 226 -36.87 -3.50 -15.10
N LEU E 227 -37.23 -2.73 -14.08
CA LEU E 227 -36.82 -3.10 -12.72
C LEU E 227 -38.05 -3.62 -12.00
N SER E 228 -37.99 -4.86 -11.49
CA SER E 228 -39.13 -5.40 -10.71
C SER E 228 -38.64 -5.70 -9.30
N MET E 229 -39.33 -5.20 -8.28
CA MET E 229 -38.81 -5.37 -6.90
C MET E 229 -39.92 -5.81 -5.93
N SER E 230 -39.69 -6.89 -5.20
CA SER E 230 -40.65 -7.35 -4.16
C SER E 230 -39.83 -7.59 -2.90
N ALA E 231 -40.40 -7.39 -1.72
CA ALA E 231 -39.56 -7.48 -0.49
C ALA E 231 -39.00 -8.88 -0.32
N ASP E 232 -37.71 -8.98 0.03
CA ASP E 232 -37.07 -10.29 0.33
C ASP E 232 -36.86 -11.06 -0.98
N VAL E 233 -37.06 -10.39 -2.12
CA VAL E 233 -36.90 -11.04 -3.45
C VAL E 233 -35.83 -10.26 -4.21
N PRO E 234 -34.84 -10.91 -4.83
CA PRO E 234 -33.75 -10.18 -5.47
C PRO E 234 -34.22 -9.29 -6.64
N LEU E 235 -33.61 -8.10 -6.77
CA LEU E 235 -33.97 -7.14 -7.86
C LEU E 235 -33.87 -7.82 -9.21
N VAL E 236 -34.78 -7.48 -10.13
CA VAL E 236 -34.72 -8.02 -11.48
C VAL E 236 -34.59 -6.85 -12.43
N VAL E 237 -33.46 -6.76 -13.13
CA VAL E 237 -33.27 -5.82 -14.22
C VAL E 237 -33.11 -6.61 -15.49
N GLU E 238 -33.99 -6.36 -16.47
CA GLU E 238 -34.12 -7.18 -17.65
C GLU E 238 -33.93 -6.34 -18.90
N TYR E 239 -33.19 -6.87 -19.86
CA TYR E 239 -32.94 -6.20 -21.13
C TYR E 239 -33.44 -7.07 -22.27
N LYS E 240 -34.47 -6.61 -22.95
CA LYS E 240 -34.98 -7.31 -24.12
C LYS E 240 -33.95 -7.26 -25.24
N ILE E 241 -33.46 -8.41 -25.65
CA ILE E 241 -32.37 -8.45 -26.62
C ILE E 241 -32.94 -8.47 -28.03
N ALA E 242 -33.27 -7.29 -28.56
CA ALA E 242 -33.62 -7.10 -29.97
C ALA E 242 -34.74 -8.04 -30.42
N ASP E 243 -35.72 -8.27 -29.55
CA ASP E 243 -36.88 -9.10 -29.85
C ASP E 243 -36.48 -10.52 -30.24
N MET E 244 -35.22 -10.86 -30.03
CA MET E 244 -34.70 -12.21 -30.26
C MET E 244 -34.59 -13.03 -28.99
N GLY E 245 -34.36 -12.39 -27.85
CA GLY E 245 -34.27 -13.09 -26.58
C GLY E 245 -34.38 -12.11 -25.43
N HIS E 246 -33.69 -12.40 -24.32
CA HIS E 246 -33.76 -11.54 -23.15
C HIS E 246 -32.61 -11.86 -22.20
N LEU E 247 -32.06 -10.82 -21.59
CA LEU E 247 -30.99 -10.92 -20.61
C LEU E 247 -31.41 -10.24 -19.32
N LYS E 248 -31.39 -10.97 -18.22
CA LYS E 248 -31.85 -10.45 -16.94
C LYS E 248 -30.78 -10.60 -15.88
N TYR E 249 -30.62 -9.56 -15.08
CA TYR E 249 -29.69 -9.55 -13.95
C TYR E 249 -30.49 -9.56 -12.66
N TYR E 250 -30.12 -10.45 -11.75
CA TYR E 250 -30.70 -10.52 -10.41
C TYR E 250 -29.67 -10.05 -9.40
N LEU E 251 -30.14 -9.39 -8.32
CA LEU E 251 -29.22 -8.93 -7.25
C LEU E 251 -29.88 -9.08 -5.88
N ALA E 252 -29.29 -9.88 -5.00
CA ALA E 252 -29.89 -10.15 -3.68
C ALA E 252 -29.81 -8.92 -2.78
N PRO E 253 -30.81 -8.62 -1.92
CA PRO E 253 -30.78 -7.40 -1.12
C PRO E 253 -29.64 -7.36 -0.09
N LYS E 254 -28.98 -6.22 0.04
CA LYS E 254 -27.90 -6.06 1.06
C LYS E 254 -28.51 -6.12 2.45
N ILE E 255 -27.77 -6.70 3.41
CA ILE E 255 -28.29 -6.84 4.79
C ILE E 255 -27.45 -5.96 5.70
N GLU E 256 -28.10 -5.10 6.50
CA GLU E 256 -27.38 -4.17 7.41
C GLU E 256 -28.37 -3.56 8.40
N MET F 1 23.80 23.13 -44.94
CA MET F 1 22.70 24.00 -45.46
C MET F 1 21.67 23.13 -46.20
N PHE F 2 20.71 22.57 -45.46
CA PHE F 2 19.64 21.74 -46.09
C PHE F 2 18.30 22.42 -45.85
N GLU F 3 17.52 22.62 -46.92
CA GLU F 3 16.17 23.21 -46.73
C GLU F 3 15.12 22.25 -47.30
N ALA F 4 14.10 21.91 -46.51
CA ALA F 4 12.98 21.10 -47.03
C ALA F 4 11.67 21.83 -46.74
N ARG F 5 10.78 21.95 -47.73
CA ARG F 5 9.44 22.52 -47.46
C ARG F 5 8.41 21.44 -47.75
N LEU F 6 7.54 21.10 -46.79
CA LEU F 6 6.58 20.00 -47.00
C LEU F 6 5.16 20.57 -46.93
N VAL F 7 4.45 20.57 -48.06
CA VAL F 7 3.14 21.22 -48.05
C VAL F 7 2.28 20.70 -46.91
N GLN F 8 2.26 19.39 -46.72
CA GLN F 8 1.49 18.76 -45.65
C GLN F 8 2.47 18.28 -44.58
N GLY F 9 2.73 19.13 -43.59
CA GLY F 9 3.60 18.71 -42.50
C GLY F 9 3.05 17.50 -41.77
N SER F 10 1.75 17.25 -41.93
CA SER F 10 1.15 16.05 -41.38
C SER F 10 1.86 14.80 -41.88
N ILE F 11 2.36 14.81 -43.12
CA ILE F 11 3.04 13.63 -43.65
C ILE F 11 4.27 13.31 -42.80
N LEU F 12 5.13 14.29 -42.58
CA LEU F 12 6.31 14.04 -41.77
C LEU F 12 5.95 13.76 -40.32
N LYS F 13 4.85 14.37 -39.84
CA LYS F 13 4.38 14.10 -38.49
C LYS F 13 4.04 12.62 -38.31
N LYS F 14 3.20 12.08 -39.20
CA LYS F 14 2.86 10.66 -39.11
C LYS F 14 4.09 9.80 -39.34
N VAL F 15 4.99 10.19 -40.25
CA VAL F 15 6.19 9.39 -40.47
C VAL F 15 6.95 9.23 -39.16
N LEU F 16 7.22 10.34 -38.48
CA LEU F 16 8.02 10.29 -37.27
C LEU F 16 7.26 9.59 -36.15
N GLU F 17 5.96 9.84 -36.02
CA GLU F 17 5.20 9.20 -34.95
C GLU F 17 5.14 7.70 -35.13
N ALA F 18 4.83 7.25 -36.35
CA ALA F 18 4.74 5.81 -36.61
C ALA F 18 6.10 5.14 -36.48
N LEU F 19 7.16 5.80 -36.92
CA LEU F 19 8.49 5.22 -36.85
C LEU F 19 9.16 5.46 -35.50
N LYS F 20 8.47 6.15 -34.58
CA LYS F 20 9.08 6.52 -33.31
C LYS F 20 9.41 5.29 -32.46
N ASP F 21 8.41 4.46 -32.19
CA ASP F 21 8.58 3.40 -31.20
C ASP F 21 9.40 2.25 -31.74
N LEU F 22 9.51 2.12 -33.06
CA LEU F 22 10.20 0.97 -33.63
C LEU F 22 11.70 1.05 -33.40
N ILE F 23 12.31 2.19 -33.69
CA ILE F 23 13.77 2.33 -33.67
C ILE F 23 14.15 3.49 -32.78
N ASN F 24 14.93 3.20 -31.74
CA ASN F 24 15.44 4.21 -30.82
C ASN F 24 16.90 4.47 -31.12
N GLU F 25 17.31 5.73 -30.97
CA GLU F 25 18.69 6.16 -31.23
C GLU F 25 19.13 5.75 -32.63
N ALA F 26 18.25 5.99 -33.60
CA ALA F 26 18.51 5.60 -34.98
C ALA F 26 19.43 6.62 -35.64
N CYS F 27 19.58 6.52 -36.96
CA CYS F 27 20.46 7.39 -37.72
C CYS F 27 19.72 7.99 -38.90
N TRP F 28 20.30 9.05 -39.46
CA TRP F 28 19.73 9.75 -40.61
C TRP F 28 20.81 9.92 -41.66
N ASP F 29 20.51 9.55 -42.90
CA ASP F 29 21.46 9.58 -44.00
C ASP F 29 20.82 10.25 -45.22
N ILE F 30 20.18 11.39 -44.96
CA ILE F 30 19.49 12.13 -46.01
C ILE F 30 20.45 12.41 -47.16
N SER F 31 19.98 12.17 -48.39
CA SER F 31 20.76 12.37 -49.59
C SER F 31 20.60 13.78 -50.13
N SER F 32 21.49 14.15 -51.05
CA SER F 32 21.38 15.44 -51.71
C SER F 32 20.12 15.53 -52.57
N SER F 33 19.58 14.38 -52.97
CA SER F 33 18.33 14.32 -53.74
C SER F 33 17.36 13.43 -52.98
N GLY F 34 16.58 14.03 -52.10
CA GLY F 34 15.57 13.30 -51.34
C GLY F 34 16.05 12.89 -49.96
N VAL F 35 15.14 12.24 -49.23
CA VAL F 35 15.38 11.81 -47.86
C VAL F 35 15.35 10.28 -47.81
N ASN F 36 16.38 9.69 -47.23
CA ASN F 36 16.52 8.25 -47.13
C ASN F 36 17.01 7.88 -45.73
N LEU F 37 16.30 6.95 -45.09
CA LEU F 37 16.55 6.55 -43.72
C LEU F 37 16.48 5.03 -43.63
N GLN F 38 17.22 4.46 -42.70
CA GLN F 38 17.26 3.02 -42.58
C GLN F 38 17.91 2.68 -41.24
N SER F 39 17.24 1.87 -40.45
CA SER F 39 17.84 1.49 -39.18
C SER F 39 17.25 0.17 -38.69
N MET F 40 18.07 -0.61 -37.99
CA MET F 40 17.58 -1.81 -37.34
C MET F 40 16.81 -1.43 -36.08
N ASP F 41 15.88 -2.30 -35.69
CA ASP F 41 15.04 -2.02 -34.53
C ASP F 41 15.87 -2.07 -33.25
N SER F 42 15.28 -1.56 -32.17
CA SER F 42 15.98 -1.49 -30.89
C SER F 42 16.44 -2.87 -30.43
N SER F 43 15.71 -3.92 -30.81
CA SER F 43 16.14 -5.28 -30.54
C SER F 43 16.91 -5.90 -31.69
N HIS F 44 17.11 -5.15 -32.78
CA HIS F 44 17.91 -5.59 -33.93
C HIS F 44 17.37 -6.86 -34.57
N VAL F 45 16.07 -7.11 -34.44
CA VAL F 45 15.46 -8.30 -35.05
C VAL F 45 14.73 -7.94 -36.33
N SER F 46 14.20 -6.72 -36.42
CA SER F 46 13.53 -6.23 -37.61
C SER F 46 14.36 -5.11 -38.23
N LEU F 47 13.87 -4.61 -39.36
CA LEU F 47 14.52 -3.49 -40.04
C LEU F 47 13.45 -2.59 -40.65
N VAL F 48 13.77 -1.31 -40.73
CA VAL F 48 12.86 -0.31 -41.32
C VAL F 48 13.63 0.49 -42.36
N GLN F 49 12.98 0.79 -43.47
CA GLN F 49 13.59 1.57 -44.54
C GLN F 49 12.64 2.70 -44.92
N LEU F 50 13.17 3.92 -44.93
CA LEU F 50 12.39 5.10 -45.26
C LEU F 50 12.98 5.77 -46.49
N THR F 51 12.09 6.29 -47.34
CA THR F 51 12.52 7.01 -48.53
C THR F 51 11.54 8.14 -48.78
N LEU F 52 12.07 9.34 -49.03
CA LEU F 52 11.27 10.53 -49.28
C LEU F 52 11.90 11.25 -50.47
N ARG F 53 11.15 11.36 -51.58
CA ARG F 53 11.72 11.95 -52.79
C ARG F 53 11.90 13.45 -52.62
N SER F 54 12.92 13.99 -53.31
CA SER F 54 13.20 15.42 -53.25
C SER F 54 12.07 16.23 -53.87
N GLU F 55 11.55 15.77 -55.01
CA GLU F 55 10.53 16.53 -55.72
C GLU F 55 9.22 16.63 -54.95
N GLY F 56 8.97 15.72 -54.01
CA GLY F 56 7.72 15.76 -53.27
C GLY F 56 7.57 17.02 -52.44
N PHE F 57 8.66 17.44 -51.79
CA PHE F 57 8.63 18.69 -51.04
C PHE F 57 8.45 19.86 -52.01
N ASP F 58 7.83 20.94 -51.52
CA ASP F 58 7.64 22.11 -52.36
C ASP F 58 8.97 22.70 -52.81
N THR F 59 9.91 22.84 -51.88
CA THR F 59 11.27 23.24 -52.18
C THR F 59 12.24 22.31 -51.47
N TYR F 60 13.40 22.11 -52.09
CA TYR F 60 14.40 21.19 -51.55
C TYR F 60 15.78 21.55 -52.09
N ARG F 61 16.69 21.96 -51.22
CA ARG F 61 18.00 22.43 -51.64
C ARG F 61 19.02 22.07 -50.56
N CYS F 62 19.83 21.04 -50.82
CA CYS F 62 20.79 20.52 -49.86
C CYS F 62 22.15 20.42 -50.51
N ASP F 63 23.19 20.59 -49.72
CA ASP F 63 24.56 20.69 -50.21
C ASP F 63 25.39 19.44 -49.99
N ARG F 64 25.45 18.94 -48.76
CA ARG F 64 26.29 17.79 -48.45
C ARG F 64 25.52 16.82 -47.56
N ASN F 65 25.98 15.58 -47.53
CA ASN F 65 25.44 14.62 -46.58
C ASN F 65 25.84 15.02 -45.16
N LEU F 66 24.97 14.68 -44.21
CA LEU F 66 25.25 14.92 -42.81
C LEU F 66 24.68 13.79 -41.97
N ALA F 67 25.31 13.55 -40.82
CA ALA F 67 24.79 12.54 -39.91
C ALA F 67 23.41 12.92 -39.37
N MET F 68 23.24 14.19 -39.01
CA MET F 68 21.96 14.69 -38.46
C MET F 68 21.52 13.83 -37.27
N GLY F 69 22.32 13.93 -36.20
CA GLY F 69 22.03 13.25 -34.95
C GLY F 69 20.59 13.44 -34.54
N VAL F 70 19.89 12.35 -34.26
CA VAL F 70 18.45 12.39 -34.06
C VAL F 70 18.10 11.72 -32.74
N ASN F 71 17.16 12.31 -32.02
CA ASN F 71 16.46 11.65 -30.92
C ASN F 71 15.00 11.66 -31.33
N LEU F 72 14.57 10.55 -31.94
CA LEU F 72 13.27 10.51 -32.62
C LEU F 72 12.12 10.88 -31.69
N THR F 73 12.24 10.60 -30.40
CA THR F 73 11.23 11.06 -29.44
C THR F 73 11.19 12.58 -29.36
N SER F 74 12.38 13.21 -29.37
CA SER F 74 12.43 14.67 -29.39
C SER F 74 11.78 15.21 -30.65
N MET F 75 12.07 14.60 -31.80
CA MET F 75 11.40 15.02 -33.02
C MET F 75 9.90 14.79 -32.94
N SER F 76 9.47 13.74 -32.23
CA SER F 76 8.04 13.48 -32.11
C SER F 76 7.35 14.62 -31.38
N LYS F 77 7.82 14.97 -30.17
CA LYS F 77 7.25 16.16 -29.53
C LYS F 77 7.44 17.42 -30.37
N ILE F 78 8.44 17.44 -31.26
CA ILE F 78 8.51 18.60 -32.14
C ILE F 78 7.32 18.65 -33.10
N LEU F 79 7.02 17.53 -33.76
CA LEU F 79 5.91 17.54 -34.70
C LEU F 79 4.56 17.53 -33.99
N LYS F 80 4.56 17.38 -32.67
CA LYS F 80 3.34 17.69 -31.93
C LYS F 80 3.09 19.19 -31.94
N CYS F 81 1.84 19.56 -31.77
CA CYS F 81 1.29 20.91 -31.85
C CYS F 81 1.35 21.44 -33.28
N ALA F 82 1.96 20.70 -34.19
CA ALA F 82 1.94 21.04 -35.61
C ALA F 82 0.60 20.63 -36.18
N GLY F 83 -0.10 21.57 -36.80
CA GLY F 83 -1.41 21.27 -37.35
C GLY F 83 -1.33 20.25 -38.48
N ASN F 84 -2.40 19.50 -38.66
CA ASN F 84 -2.48 18.58 -39.80
C ASN F 84 -2.44 19.36 -41.10
N GLU F 85 -3.13 20.49 -41.16
CA GLU F 85 -3.09 21.35 -42.33
C GLU F 85 -1.87 22.27 -42.34
N ASP F 86 -1.10 22.31 -41.26
CA ASP F 86 0.02 23.23 -41.14
C ASP F 86 1.12 22.88 -42.14
N ILE F 87 1.77 23.92 -42.66
CA ILE F 87 2.89 23.75 -43.57
C ILE F 87 4.18 23.78 -42.76
N ILE F 88 5.00 22.75 -42.94
CA ILE F 88 6.20 22.56 -42.14
C ILE F 88 7.42 22.60 -43.04
N THR F 89 8.40 23.42 -42.68
CA THR F 89 9.65 23.54 -43.41
C THR F 89 10.82 23.26 -42.47
N LEU F 90 11.73 22.41 -42.91
CA LEU F 90 12.92 22.07 -42.14
C LEU F 90 14.13 22.70 -42.80
N ARG F 91 14.81 23.58 -42.07
CA ARG F 91 16.06 24.19 -42.52
C ARG F 91 17.13 23.94 -41.48
N ALA F 92 18.30 23.46 -41.93
CA ALA F 92 19.39 23.12 -41.04
C ALA F 92 20.70 23.63 -41.63
N GLU F 93 21.53 24.24 -40.79
CA GLU F 93 22.84 24.68 -41.22
C GLU F 93 23.80 23.50 -41.28
N ASP F 94 25.04 23.79 -41.65
CA ASP F 94 26.07 22.75 -41.73
C ASP F 94 26.62 22.45 -40.34
N ASN F 95 27.73 21.70 -40.32
CA ASN F 95 28.46 21.33 -39.10
C ASN F 95 27.54 20.84 -37.99
N ALA F 96 26.55 20.04 -38.38
CA ALA F 96 25.60 19.43 -37.43
C ALA F 96 24.93 20.47 -36.55
N ASP F 97 24.54 21.59 -37.16
CA ASP F 97 23.82 22.62 -36.44
C ASP F 97 22.40 22.14 -36.13
N THR F 98 21.81 22.72 -35.08
CA THR F 98 20.49 22.30 -34.63
C THR F 98 19.46 22.43 -35.75
N LEU F 99 18.67 21.37 -35.93
CA LEU F 99 17.66 21.35 -36.98
C LEU F 99 16.46 22.19 -36.55
N ALA F 100 16.23 23.29 -37.26
CA ALA F 100 15.17 24.22 -36.94
C ALA F 100 13.99 24.01 -37.87
N LEU F 101 12.81 23.81 -37.29
CA LEU F 101 11.60 23.54 -38.04
C LEU F 101 10.62 24.69 -37.83
N VAL F 102 9.99 25.13 -38.91
CA VAL F 102 9.04 26.23 -38.88
C VAL F 102 7.70 25.71 -39.35
N PHE F 103 6.67 25.86 -38.52
CA PHE F 103 5.31 25.44 -38.82
C PHE F 103 4.46 26.67 -39.05
N GLU F 104 3.90 26.80 -40.24
CA GLU F 104 3.06 27.95 -40.59
C GLU F 104 1.68 27.43 -40.96
N ALA F 105 0.69 27.79 -40.17
CA ALA F 105 -0.67 27.39 -40.47
C ALA F 105 -1.18 28.14 -41.70
N PRO F 106 -2.01 27.51 -42.53
CA PRO F 106 -2.56 28.22 -43.71
C PRO F 106 -3.35 29.46 -43.33
N ASN F 107 -3.94 29.49 -42.14
CA ASN F 107 -4.59 30.70 -41.68
C ASN F 107 -3.60 31.85 -41.53
N GLN F 108 -2.34 31.54 -41.25
CA GLN F 108 -1.23 32.49 -41.12
C GLN F 108 -1.43 33.45 -39.96
N GLU F 109 -2.47 33.26 -39.14
CA GLU F 109 -2.66 34.12 -37.97
C GLU F 109 -1.59 33.87 -36.92
N LYS F 110 -1.03 32.66 -36.90
CA LYS F 110 0.04 32.33 -35.97
C LYS F 110 1.07 31.47 -36.67
N VAL F 111 2.34 31.67 -36.33
CA VAL F 111 3.45 30.90 -36.89
C VAL F 111 4.39 30.54 -35.75
N SER F 112 4.99 29.35 -35.81
CA SER F 112 5.87 28.88 -34.72
C SER F 112 7.13 28.22 -35.25
N ASP F 113 8.28 28.45 -34.62
CA ASP F 113 9.53 27.77 -35.02
C ASP F 113 10.13 27.03 -33.83
N TYR F 114 10.48 25.76 -34.00
CA TYR F 114 11.14 24.99 -32.91
C TYR F 114 12.43 24.37 -33.44
N GLU F 115 13.53 24.48 -32.69
CA GLU F 115 14.81 23.87 -33.12
C GLU F 115 15.27 22.85 -32.06
N MET F 116 15.65 21.66 -32.50
CA MET F 116 16.11 20.60 -31.56
C MET F 116 17.56 20.23 -31.89
N LYS F 117 18.40 20.19 -30.86
CA LYS F 117 19.84 19.92 -31.10
C LYS F 117 20.03 18.52 -31.67
N LEU F 118 20.93 18.36 -32.63
CA LEU F 118 21.25 17.01 -33.15
C LEU F 118 22.15 16.34 -32.11
N MET F 119 21.90 15.06 -31.78
CA MET F 119 22.67 14.42 -30.69
C MET F 119 23.76 13.54 -31.30
N ASP F 120 24.83 13.22 -30.55
CA ASP F 120 25.90 12.45 -31.16
C ASP F 120 25.33 11.21 -31.84
N LEU F 121 25.78 10.98 -33.09
CA LEU F 121 25.23 9.91 -33.91
C LEU F 121 26.35 9.19 -34.65
N ASP F 122 26.12 7.91 -34.91
CA ASP F 122 27.02 7.08 -35.70
C ASP F 122 26.23 6.36 -36.78
N VAL F 123 26.80 6.30 -37.98
CA VAL F 123 26.15 5.69 -39.13
C VAL F 123 26.82 4.36 -39.40
N GLU F 124 26.08 3.26 -39.20
CA GLU F 124 26.62 1.94 -39.48
C GLU F 124 26.41 1.54 -40.93
N GLN F 125 25.31 1.96 -41.54
CA GLN F 125 25.06 1.80 -42.98
C GLN F 125 25.11 0.33 -43.40
N LEU F 126 24.13 -0.44 -42.90
CA LEU F 126 24.04 -1.85 -43.30
C LEU F 126 23.80 -1.99 -44.80
N GLY F 127 22.87 -1.21 -45.35
CA GLY F 127 22.61 -1.24 -46.77
C GLY F 127 22.18 -2.59 -47.32
N ILE F 128 21.15 -3.17 -46.71
CA ILE F 128 20.67 -4.48 -47.16
C ILE F 128 20.19 -4.39 -48.61
N PRO F 129 20.67 -5.24 -49.50
CA PRO F 129 20.32 -5.10 -50.92
C PRO F 129 18.87 -5.43 -51.20
N GLU F 130 18.34 -4.81 -52.25
CA GLU F 130 16.96 -5.04 -52.66
C GLU F 130 16.88 -6.30 -53.52
N GLN F 131 15.80 -7.06 -53.34
CA GLN F 131 15.60 -8.31 -54.05
C GLN F 131 14.14 -8.48 -54.41
N GLU F 132 13.85 -9.33 -55.39
CA GLU F 132 12.43 -9.60 -55.78
C GLU F 132 11.72 -10.42 -54.69
N TYR F 133 10.39 -10.33 -54.61
CA TYR F 133 9.59 -11.06 -53.58
C TYR F 133 8.57 -11.99 -54.24
N SER F 134 8.46 -13.24 -53.77
CA SER F 134 7.58 -14.21 -54.46
C SER F 134 6.10 -13.79 -54.46
N CYS F 135 5.55 -13.29 -53.34
CA CYS F 135 4.15 -12.79 -53.42
C CYS F 135 4.02 -11.36 -52.88
N VAL F 136 3.40 -10.47 -53.65
CA VAL F 136 3.14 -9.09 -53.15
C VAL F 136 1.62 -8.92 -53.11
N VAL F 137 1.08 -8.52 -51.96
CA VAL F 137 -0.40 -8.38 -51.82
C VAL F 137 -0.72 -6.93 -51.50
N LYS F 138 -1.65 -6.36 -52.23
CA LYS F 138 -2.08 -4.96 -51.97
C LYS F 138 -3.36 -5.01 -51.16
N MET F 139 -3.31 -4.61 -49.90
CA MET F 139 -4.54 -4.54 -49.13
C MET F 139 -4.66 -3.17 -48.50
N PRO F 140 -5.87 -2.76 -48.12
CA PRO F 140 -6.03 -1.47 -47.44
C PRO F 140 -5.23 -1.41 -46.15
N SER F 141 -4.68 -0.24 -45.86
CA SER F 141 -3.88 -0.07 -44.64
C SER F 141 -4.72 -0.29 -43.39
N GLY F 142 -5.93 0.26 -43.38
CA GLY F 142 -6.80 0.08 -42.23
C GLY F 142 -7.15 -1.37 -42.00
N GLU F 143 -7.44 -2.10 -43.08
CA GLU F 143 -7.77 -3.51 -42.96
C GLU F 143 -6.59 -4.30 -42.40
N PHE F 144 -5.38 -4.01 -42.88
CA PHE F 144 -4.20 -4.70 -42.37
C PHE F 144 -3.97 -4.38 -40.89
N ALA F 145 -4.15 -3.10 -40.52
CA ALA F 145 -3.96 -2.71 -39.14
C ALA F 145 -4.97 -3.42 -38.23
N ARG F 146 -6.23 -3.50 -38.68
CA ARG F 146 -7.23 -4.21 -37.90
C ARG F 146 -6.91 -5.70 -37.81
N ILE F 147 -6.43 -6.28 -38.91
CA ILE F 147 -6.10 -7.70 -38.92
C ILE F 147 -5.01 -7.99 -37.91
N CYS F 148 -3.98 -7.15 -37.88
CA CYS F 148 -2.87 -7.37 -36.95
C CYS F 148 -3.31 -7.14 -35.51
N ARG F 149 -4.01 -6.03 -35.26
CA ARG F 149 -4.48 -5.74 -33.91
C ARG F 149 -5.46 -6.80 -33.44
N ASP F 150 -6.05 -7.54 -34.38
CA ASP F 150 -7.00 -8.58 -34.03
C ASP F 150 -6.29 -9.88 -33.71
N LEU F 151 -5.37 -10.31 -34.56
CA LEU F 151 -4.60 -11.51 -34.29
C LEU F 151 -3.67 -11.35 -33.09
N SER F 152 -3.38 -10.11 -32.67
CA SER F 152 -2.49 -9.92 -31.53
C SER F 152 -3.03 -10.59 -30.29
N HIS F 153 -4.34 -10.42 -30.02
CA HIS F 153 -4.93 -11.02 -28.82
C HIS F 153 -4.94 -12.54 -28.91
N ILE F 154 -5.28 -13.09 -30.07
CA ILE F 154 -5.50 -14.52 -30.18
C ILE F 154 -4.23 -15.28 -30.56
N GLY F 155 -3.19 -14.59 -31.02
CA GLY F 155 -1.98 -15.25 -31.45
C GLY F 155 -0.76 -14.39 -31.24
N ASP F 156 0.39 -15.05 -31.13
CA ASP F 156 1.67 -14.37 -31.04
C ASP F 156 2.38 -14.31 -32.39
N ALA F 157 1.99 -15.15 -33.34
CA ALA F 157 2.57 -15.17 -34.67
C ALA F 157 1.46 -15.26 -35.70
N VAL F 158 1.73 -14.73 -36.89
CA VAL F 158 0.76 -14.67 -37.97
C VAL F 158 1.30 -15.47 -39.16
N VAL F 159 0.46 -16.35 -39.70
CA VAL F 159 0.80 -17.13 -40.88
C VAL F 159 0.21 -16.43 -42.09
N ILE F 160 1.09 -16.02 -43.01
CA ILE F 160 0.66 -15.17 -44.12
C ILE F 160 -0.30 -15.92 -45.03
N SER F 161 0.07 -17.12 -45.46
CA SER F 161 -0.75 -17.97 -46.32
C SER F 161 -1.35 -17.19 -47.48
N CYS F 162 -0.48 -16.70 -48.37
CA CYS F 162 -0.94 -16.00 -49.55
C CYS F 162 -1.17 -16.97 -50.70
N ALA F 163 -2.16 -16.67 -51.52
CA ALA F 163 -2.51 -17.49 -52.66
C ALA F 163 -3.14 -16.61 -53.72
N LYS F 164 -3.22 -17.16 -54.94
CA LYS F 164 -3.77 -16.38 -56.06
C LYS F 164 -5.23 -16.04 -55.83
N ASP F 165 -6.00 -16.98 -55.27
CA ASP F 165 -7.40 -16.70 -54.99
C ASP F 165 -7.53 -15.64 -53.91
N GLY F 166 -6.64 -15.65 -52.92
CA GLY F 166 -6.70 -14.66 -51.87
C GLY F 166 -5.64 -14.93 -50.82
N VAL F 167 -5.72 -14.17 -49.74
CA VAL F 167 -4.79 -14.25 -48.62
C VAL F 167 -5.56 -14.64 -47.37
N LYS F 168 -4.88 -15.32 -46.45
CA LYS F 168 -5.51 -15.79 -45.22
C LYS F 168 -4.51 -15.68 -44.08
N PHE F 169 -4.73 -14.71 -43.20
CA PHE F 169 -3.88 -14.55 -42.02
C PHE F 169 -4.39 -15.48 -40.93
N SER F 170 -3.58 -16.46 -40.56
CA SER F 170 -3.96 -17.48 -39.59
C SER F 170 -3.16 -17.28 -38.31
N ALA F 171 -3.82 -17.42 -37.17
CA ALA F 171 -3.18 -17.24 -35.87
C ALA F 171 -3.60 -18.37 -34.94
N SER F 172 -2.64 -18.92 -34.23
CA SER F 172 -2.89 -19.96 -33.22
C SER F 172 -2.35 -19.50 -31.87
N GLY F 173 -3.11 -19.77 -30.82
CA GLY F 173 -2.71 -19.30 -29.51
C GLY F 173 -3.47 -19.99 -28.41
N GLU F 174 -3.37 -19.40 -27.21
CA GLU F 174 -3.98 -20.02 -26.04
C GLU F 174 -5.49 -20.07 -26.17
N LEU F 175 -6.11 -18.99 -26.64
CA LEU F 175 -7.57 -18.93 -26.76
C LEU F 175 -8.03 -19.39 -28.15
N GLY F 176 -7.59 -20.57 -28.54
CA GLY F 176 -7.98 -21.12 -29.82
C GLY F 176 -7.12 -20.66 -30.98
N ASN F 177 -7.54 -21.06 -32.17
CA ASN F 177 -6.86 -20.71 -33.41
C ASN F 177 -7.81 -19.95 -34.31
N GLY F 178 -7.30 -18.92 -34.96
CA GLY F 178 -8.12 -18.07 -35.81
C GLY F 178 -7.48 -17.83 -37.15
N ASN F 179 -8.32 -17.65 -38.16
CA ASN F 179 -7.87 -17.39 -39.53
C ASN F 179 -8.86 -16.44 -40.21
N ILE F 180 -8.34 -15.33 -40.71
CA ILE F 180 -9.12 -14.37 -41.49
C ILE F 180 -8.60 -14.34 -42.91
N LYS F 181 -9.50 -14.52 -43.86
CA LYS F 181 -9.15 -14.69 -45.26
C LYS F 181 -9.71 -13.54 -46.08
N LEU F 182 -8.85 -12.95 -46.91
CA LEU F 182 -9.25 -11.95 -47.89
C LEU F 182 -8.97 -12.51 -49.29
N SER F 183 -10.03 -12.78 -50.03
CA SER F 183 -9.90 -13.35 -51.37
C SER F 183 -9.44 -12.28 -52.36
N GLN F 184 -9.38 -12.67 -53.63
CA GLN F 184 -9.21 -11.68 -54.69
C GLN F 184 -10.41 -10.75 -54.70
N THR F 185 -10.16 -9.46 -54.88
CA THR F 185 -11.23 -8.47 -54.69
C THR F 185 -12.36 -8.68 -55.67
N SER F 186 -12.04 -8.77 -56.97
CA SER F 186 -13.04 -8.94 -58.03
C SER F 186 -14.14 -7.87 -57.93
N ASN F 187 -13.74 -6.65 -57.59
CA ASN F 187 -14.67 -5.54 -57.40
C ASN F 187 -14.59 -4.59 -58.58
N VAL F 188 -15.75 -4.13 -59.05
CA VAL F 188 -15.80 -3.26 -60.22
C VAL F 188 -15.16 -1.91 -59.91
N ASP F 189 -15.33 -1.41 -58.67
CA ASP F 189 -14.90 -0.06 -58.34
C ASP F 189 -13.40 0.13 -58.49
N LYS F 190 -12.62 -0.95 -58.36
CA LYS F 190 -11.16 -0.87 -58.37
C LYS F 190 -10.66 0.11 -57.31
N GLU F 191 -11.35 0.13 -56.17
CA GLU F 191 -11.07 1.10 -55.12
C GLU F 191 -9.82 0.70 -54.34
N GLU F 192 -9.40 1.61 -53.46
CA GLU F 192 -8.31 1.30 -52.53
C GLU F 192 -8.72 0.21 -51.55
N GLU F 193 -10.03 0.00 -51.38
CA GLU F 193 -10.50 -1.05 -50.50
C GLU F 193 -10.26 -2.43 -51.09
N ALA F 194 -10.01 -2.49 -52.40
CA ALA F 194 -9.79 -3.76 -53.07
C ALA F 194 -8.49 -4.41 -52.59
N VAL F 195 -8.44 -5.73 -52.64
CA VAL F 195 -7.25 -6.50 -52.30
C VAL F 195 -6.82 -7.29 -53.53
N THR F 196 -5.61 -7.04 -54.00
CA THR F 196 -5.08 -7.70 -55.19
C THR F 196 -3.79 -8.42 -54.84
N ILE F 197 -3.65 -9.64 -55.35
CA ILE F 197 -2.52 -10.51 -55.05
C ILE F 197 -1.74 -10.71 -56.35
N GLU F 198 -0.52 -10.20 -56.39
CA GLU F 198 0.39 -10.44 -57.51
C GLU F 198 1.44 -11.42 -56.98
N MET F 199 1.38 -12.67 -57.45
CA MET F 199 2.25 -13.71 -56.94
C MET F 199 2.50 -14.74 -58.03
N ASN F 200 3.69 -15.35 -57.98
CA ASN F 200 4.05 -16.42 -58.89
C ASN F 200 4.08 -17.80 -58.25
N GLU F 201 4.28 -17.90 -56.93
CA GLU F 201 4.27 -19.17 -56.24
C GLU F 201 3.79 -18.98 -54.81
N PRO F 202 3.01 -19.91 -54.28
CA PRO F 202 2.53 -19.75 -52.90
C PRO F 202 3.67 -19.85 -51.90
N VAL F 203 3.54 -19.12 -50.80
CA VAL F 203 4.55 -19.11 -49.76
C VAL F 203 3.87 -19.08 -48.40
N GLN F 204 4.58 -19.56 -47.38
CA GLN F 204 4.06 -19.71 -46.02
C GLN F 204 5.19 -19.44 -45.04
N LEU F 205 5.19 -18.27 -44.42
CA LEU F 205 6.13 -17.99 -43.34
C LEU F 205 5.42 -17.26 -42.21
N THR F 206 5.70 -17.69 -40.98
CA THR F 206 5.15 -17.06 -39.79
C THR F 206 5.99 -15.85 -39.44
N PHE F 207 5.34 -14.77 -39.01
CA PHE F 207 6.02 -13.52 -38.70
C PHE F 207 5.66 -13.07 -37.30
N ALA F 208 6.59 -12.36 -36.66
CA ALA F 208 6.37 -11.86 -35.32
C ALA F 208 5.21 -10.88 -35.33
N LEU F 209 4.10 -11.26 -34.69
CA LEU F 209 2.93 -10.40 -34.68
C LEU F 209 3.19 -9.11 -33.92
N ARG F 210 4.07 -9.13 -32.93
CA ARG F 210 4.36 -7.91 -32.18
C ARG F 210 4.95 -6.84 -33.11
N TYR F 211 5.96 -7.20 -33.88
CA TYR F 211 6.60 -6.22 -34.73
C TYR F 211 5.70 -5.83 -35.90
N LEU F 212 4.82 -6.73 -36.34
CA LEU F 212 3.81 -6.34 -37.32
C LEU F 212 2.89 -5.29 -36.73
N ASN F 213 2.49 -5.45 -35.46
CA ASN F 213 1.71 -4.42 -34.80
C ASN F 213 2.48 -3.11 -34.74
N PHE F 214 3.78 -3.19 -34.51
CA PHE F 214 4.62 -1.99 -34.58
C PHE F 214 4.55 -1.37 -35.97
N PHE F 215 4.44 -2.20 -37.01
CA PHE F 215 4.42 -1.68 -38.37
C PHE F 215 3.12 -0.97 -38.70
N THR F 216 2.00 -1.43 -38.16
CA THR F 216 0.70 -0.90 -38.55
C THR F 216 0.51 0.54 -38.11
N LYS F 217 1.40 1.07 -37.27
CA LYS F 217 1.25 2.44 -36.81
C LYS F 217 1.32 3.45 -37.94
N ALA F 218 1.87 3.08 -39.09
CA ALA F 218 1.93 3.94 -40.26
C ALA F 218 0.65 3.93 -41.07
N THR F 219 -0.39 3.32 -40.50
CA THR F 219 -1.68 3.21 -41.23
C THR F 219 -2.17 4.57 -41.69
N PRO F 220 -2.10 5.67 -40.92
CA PRO F 220 -2.68 6.94 -41.35
C PRO F 220 -2.01 7.44 -42.63
N LEU F 221 -0.71 7.25 -42.75
CA LEU F 221 0.04 7.81 -43.91
C LEU F 221 -0.46 7.22 -45.23
N SER F 222 -0.76 5.92 -45.29
CA SER F 222 -1.08 5.28 -46.59
C SER F 222 -2.50 4.72 -46.66
N SER F 223 -3.23 4.99 -47.75
CA SER F 223 -4.56 4.37 -47.92
C SER F 223 -4.44 2.84 -48.03
N THR F 224 -3.42 2.34 -48.73
CA THR F 224 -3.25 0.88 -48.94
C THR F 224 -1.81 0.46 -48.62
N VAL F 225 -1.60 -0.78 -48.19
CA VAL F 225 -0.22 -1.27 -47.93
C VAL F 225 0.07 -2.52 -48.76
N THR F 226 1.18 -2.53 -49.51
CA THR F 226 1.58 -3.74 -50.27
C THR F 226 2.51 -4.54 -49.37
N LEU F 227 2.27 -5.85 -49.27
CA LEU F 227 3.14 -6.71 -48.44
C LEU F 227 3.89 -7.63 -49.40
N SER F 228 5.22 -7.70 -49.28
CA SER F 228 5.99 -8.55 -50.24
C SER F 228 6.61 -9.72 -49.49
N MET F 229 6.35 -10.95 -49.96
CA MET F 229 6.85 -12.15 -49.25
C MET F 229 7.72 -13.01 -50.17
N SER F 230 8.91 -13.40 -49.72
CA SER F 230 9.76 -14.35 -50.50
C SER F 230 10.31 -15.37 -49.51
N ALA F 231 10.59 -16.60 -49.94
CA ALA F 231 11.01 -17.61 -48.94
C ALA F 231 12.33 -17.19 -48.29
N ASP F 232 12.44 -17.34 -46.97
CA ASP F 232 13.67 -16.95 -46.23
C ASP F 232 14.09 -15.51 -46.58
N VAL F 233 13.14 -14.61 -46.86
CA VAL F 233 13.49 -13.22 -47.10
C VAL F 233 12.62 -12.36 -46.20
N PRO F 234 13.16 -11.33 -45.54
CA PRO F 234 12.32 -10.50 -44.67
C PRO F 234 11.19 -9.84 -45.45
N LEU F 235 10.00 -9.91 -44.88
CA LEU F 235 8.81 -9.45 -45.59
C LEU F 235 8.83 -7.93 -45.68
N VAL F 236 8.19 -7.41 -46.72
CA VAL F 236 8.19 -5.98 -47.03
C VAL F 236 6.82 -5.44 -46.64
N VAL F 237 6.80 -4.47 -45.74
CA VAL F 237 5.57 -3.76 -45.37
C VAL F 237 5.67 -2.37 -45.96
N GLU F 238 5.17 -2.18 -47.17
CA GLU F 238 5.36 -0.95 -47.91
C GLU F 238 4.11 -0.08 -47.81
N TYR F 239 4.30 1.16 -47.37
CA TYR F 239 3.23 2.14 -47.34
C TYR F 239 3.56 3.29 -48.28
N LYS F 240 2.65 3.56 -49.22
CA LYS F 240 2.82 4.71 -50.09
C LYS F 240 2.76 6.00 -49.28
N ILE F 241 3.63 6.95 -49.63
CA ILE F 241 3.67 8.21 -48.90
C ILE F 241 3.37 9.35 -49.87
N ALA F 242 2.09 9.67 -50.01
CA ALA F 242 1.58 10.81 -50.78
C ALA F 242 2.21 10.96 -52.15
N ASP F 243 2.70 9.87 -52.74
CA ASP F 243 3.53 9.82 -53.95
C ASP F 243 4.89 10.46 -53.70
N MET F 244 5.19 10.91 -52.48
CA MET F 244 6.43 11.61 -52.22
C MET F 244 7.51 10.66 -51.72
N GLY F 245 7.12 9.49 -51.21
CA GLY F 245 8.10 8.52 -50.76
C GLY F 245 7.48 7.16 -50.57
N HIS F 246 8.32 6.21 -50.15
CA HIS F 246 7.88 4.86 -49.81
C HIS F 246 8.56 4.42 -48.53
N LEU F 247 7.78 3.86 -47.60
CA LEU F 247 8.28 3.36 -46.33
C LEU F 247 8.08 1.86 -46.26
N LYS F 248 9.12 1.14 -45.89
CA LYS F 248 9.11 -0.31 -45.88
C LYS F 248 9.64 -0.84 -44.56
N TYR F 249 8.95 -1.85 -44.02
CA TYR F 249 9.34 -2.50 -42.77
C TYR F 249 9.84 -3.89 -43.11
N TYR F 250 11.06 -4.21 -42.69
CA TYR F 250 11.70 -5.48 -43.01
C TYR F 250 11.79 -6.32 -41.73
N LEU F 251 11.01 -7.40 -41.68
CA LEU F 251 11.02 -8.31 -40.54
C LEU F 251 11.38 -9.70 -41.02
N ALA F 252 12.38 -10.30 -40.39
CA ALA F 252 12.82 -11.64 -40.76
C ALA F 252 11.94 -12.68 -40.08
N PRO F 253 11.27 -13.55 -40.83
CA PRO F 253 10.43 -14.62 -40.28
C PRO F 253 11.23 -15.65 -39.49
N MET G 1 -31.67 29.53 4.77
CA MET G 1 -31.07 28.75 3.66
C MET G 1 -30.70 29.70 2.51
N PHE G 2 -29.64 29.35 1.75
CA PHE G 2 -29.19 30.21 0.62
C PHE G 2 -29.29 29.39 -0.68
N GLU G 3 -29.94 29.95 -1.70
CA GLU G 3 -30.17 29.20 -2.96
C GLU G 3 -29.53 29.92 -4.14
N ALA G 4 -28.79 29.17 -4.98
CA ALA G 4 -28.21 29.77 -6.20
C ALA G 4 -28.59 28.91 -7.40
N ARG G 5 -29.76 29.15 -8.00
CA ARG G 5 -30.17 28.32 -9.13
C ARG G 5 -29.43 28.74 -10.39
N LEU G 6 -28.91 27.76 -11.12
CA LEU G 6 -28.15 27.99 -12.34
C LEU G 6 -28.88 27.31 -13.49
N VAL G 7 -29.49 28.12 -14.36
CA VAL G 7 -30.24 27.58 -15.48
C VAL G 7 -29.32 26.81 -16.41
N GLN G 8 -28.17 27.37 -16.73
CA GLN G 8 -27.13 26.70 -17.51
C GLN G 8 -26.01 26.35 -16.54
N GLY G 9 -26.14 25.20 -15.88
CA GLY G 9 -25.16 24.77 -14.91
C GLY G 9 -23.91 24.18 -15.49
N SER G 10 -23.79 24.15 -16.81
CA SER G 10 -22.61 23.56 -17.45
C SER G 10 -21.34 24.30 -17.05
N ILE G 11 -21.40 25.64 -17.01
CA ILE G 11 -20.21 26.41 -16.70
C ILE G 11 -19.77 26.17 -15.25
N LEU G 12 -20.74 25.94 -14.36
CA LEU G 12 -20.39 25.54 -12.99
C LEU G 12 -19.64 24.22 -13.01
N LYS G 13 -20.11 23.26 -13.79
CA LYS G 13 -19.41 22.00 -13.92
C LYS G 13 -17.99 22.21 -14.38
N LYS G 14 -17.80 23.04 -15.42
CA LYS G 14 -16.47 23.23 -15.99
C LYS G 14 -15.51 23.90 -15.01
N VAL G 15 -15.99 24.94 -14.30
CA VAL G 15 -15.10 25.59 -13.34
C VAL G 15 -14.75 24.63 -12.23
N LEU G 16 -15.69 23.76 -11.86
CA LEU G 16 -15.36 22.75 -10.86
C LEU G 16 -14.30 21.79 -11.38
N GLU G 17 -14.36 21.42 -12.66
CA GLU G 17 -13.34 20.55 -13.21
C GLU G 17 -11.97 21.20 -13.16
N ALA G 18 -11.90 22.50 -13.47
CA ALA G 18 -10.62 23.20 -13.39
C ALA G 18 -10.10 23.24 -11.95
N LEU G 19 -10.97 23.62 -11.03
CA LEU G 19 -10.51 23.88 -9.67
C LEU G 19 -10.22 22.59 -8.90
N LYS G 20 -10.85 21.46 -9.27
CA LYS G 20 -10.48 20.23 -8.57
C LYS G 20 -9.02 19.91 -8.85
N ASP G 21 -8.59 20.10 -10.10
CA ASP G 21 -7.22 19.82 -10.47
C ASP G 21 -6.28 20.84 -9.85
N LEU G 22 -6.70 22.11 -9.83
CA LEU G 22 -5.78 23.13 -9.32
C LEU G 22 -5.76 23.16 -7.79
N ILE G 23 -6.90 23.47 -7.17
CA ILE G 23 -6.97 23.69 -5.73
C ILE G 23 -7.57 22.45 -5.07
N ASN G 24 -7.23 22.27 -3.79
CA ASN G 24 -7.68 21.10 -3.04
C ASN G 24 -8.87 21.43 -2.13
N GLU G 25 -8.72 22.40 -1.23
CA GLU G 25 -9.82 22.89 -0.42
C GLU G 25 -10.01 24.38 -0.66
N ALA G 26 -11.28 24.81 -0.63
CA ALA G 26 -11.61 26.21 -0.76
C ALA G 26 -12.97 26.46 -0.13
N CYS G 27 -13.26 27.72 0.15
CA CYS G 27 -14.50 28.13 0.80
C CYS G 27 -15.25 29.12 -0.09
N TRP G 28 -16.51 28.81 -0.39
CA TRP G 28 -17.33 29.66 -1.24
C TRP G 28 -17.95 30.77 -0.41
N ASP G 29 -17.45 32.00 -0.58
CA ASP G 29 -17.99 33.13 0.15
C ASP G 29 -19.23 33.66 -0.57
N ILE G 30 -20.36 33.71 0.13
CA ILE G 30 -21.63 34.16 -0.43
C ILE G 30 -21.95 35.53 0.16
N SER G 31 -22.06 36.52 -0.72
CA SER G 31 -22.54 37.84 -0.37
C SER G 31 -23.75 38.16 -1.23
N SER G 32 -24.61 39.06 -0.74
CA SER G 32 -25.80 39.43 -1.49
C SER G 32 -25.44 39.96 -2.88
N SER G 33 -24.24 40.54 -3.03
CA SER G 33 -23.76 40.92 -4.35
C SER G 33 -23.54 39.69 -5.23
N GLY G 34 -22.99 38.62 -4.67
CA GLY G 34 -22.74 37.43 -5.43
C GLY G 34 -21.89 36.45 -4.67
N VAL G 35 -21.49 35.39 -5.37
CA VAL G 35 -20.69 34.30 -4.82
C VAL G 35 -19.26 34.44 -5.33
N ASN G 36 -18.32 34.65 -4.43
CA ASN G 36 -16.92 34.79 -4.80
C ASN G 36 -16.13 33.65 -4.16
N LEU G 37 -15.30 32.98 -4.97
CA LEU G 37 -14.49 31.85 -4.53
C LEU G 37 -13.05 32.13 -4.94
N GLN G 38 -12.31 32.78 -4.06
CA GLN G 38 -10.88 32.98 -4.23
C GLN G 38 -10.18 32.30 -3.06
N SER G 39 -9.14 31.53 -3.36
CA SER G 39 -8.42 30.82 -2.31
C SER G 39 -7.03 30.48 -2.79
N MET G 40 -6.24 29.90 -1.89
CA MET G 40 -4.83 29.65 -2.11
C MET G 40 -4.62 28.23 -2.61
N ASP G 41 -3.84 28.09 -3.68
CA ASP G 41 -3.53 26.78 -4.22
C ASP G 41 -2.74 25.95 -3.21
N SER G 42 -2.95 24.64 -3.24
CA SER G 42 -2.16 23.74 -2.41
C SER G 42 -0.68 23.82 -2.78
N SER G 43 -0.43 24.43 -3.94
CA SER G 43 0.97 24.67 -4.37
C SER G 43 1.29 26.14 -4.11
N HIS G 44 2.53 26.44 -3.74
CA HIS G 44 2.94 27.83 -3.38
C HIS G 44 2.82 28.81 -4.55
N VAL G 45 3.13 28.39 -5.77
CA VAL G 45 3.25 29.35 -6.91
C VAL G 45 1.98 30.14 -7.24
N SER G 46 0.80 29.53 -7.19
CA SER G 46 -0.39 30.26 -7.71
C SER G 46 -1.58 30.27 -6.75
N LEU G 47 -2.49 31.23 -6.92
CA LEU G 47 -3.75 31.27 -6.14
C LEU G 47 -4.86 31.54 -7.17
N VAL G 48 -6.10 31.19 -6.88
CA VAL G 48 -7.14 31.33 -7.95
C VAL G 48 -8.33 32.16 -7.45
N GLN G 49 -9.02 32.82 -8.36
CA GLN G 49 -10.18 33.68 -7.96
C GLN G 49 -11.39 33.39 -8.83
N LEU G 50 -12.45 32.81 -8.25
CA LEU G 50 -13.69 32.61 -8.98
C LEU G 50 -14.72 33.61 -8.48
N THR G 51 -15.32 34.35 -9.41
CA THR G 51 -16.30 35.38 -9.08
C THR G 51 -17.62 35.04 -9.75
N LEU G 52 -18.69 35.00 -8.95
CA LEU G 52 -20.04 34.84 -9.44
C LEU G 52 -20.91 35.93 -8.84
N ARG G 53 -21.79 36.50 -9.65
CA ARG G 53 -22.68 37.56 -9.21
C ARG G 53 -24.07 37.01 -8.94
N SER G 54 -24.79 37.69 -8.06
CA SER G 54 -26.14 37.26 -7.71
C SER G 54 -27.08 37.37 -8.91
N GLU G 55 -26.93 38.43 -9.70
CA GLU G 55 -27.85 38.67 -10.81
C GLU G 55 -27.77 37.59 -11.87
N GLY G 56 -26.58 37.04 -12.11
CA GLY G 56 -26.43 36.00 -13.12
C GLY G 56 -27.23 34.76 -12.80
N PHE G 57 -27.16 34.31 -11.54
CA PHE G 57 -27.96 33.17 -11.10
C PHE G 57 -29.44 33.52 -11.14
N ASP G 58 -30.27 32.53 -11.48
CA ASP G 58 -31.71 32.75 -11.54
C ASP G 58 -32.27 33.12 -10.18
N THR G 59 -31.83 32.43 -9.13
CA THR G 59 -32.27 32.69 -7.77
C THR G 59 -31.07 33.06 -6.91
N TYR G 60 -31.26 34.05 -6.04
CA TYR G 60 -30.16 34.53 -5.20
C TYR G 60 -30.75 34.96 -3.85
N ARG G 61 -30.56 34.11 -2.84
CA ARG G 61 -30.95 34.41 -1.47
C ARG G 61 -29.70 34.32 -0.60
N CYS G 62 -29.39 35.40 0.12
CA CYS G 62 -28.20 35.43 0.96
C CYS G 62 -28.43 36.43 2.09
N ASP G 63 -28.75 35.92 3.28
CA ASP G 63 -28.90 36.75 4.47
C ASP G 63 -27.68 36.71 5.36
N ARG G 64 -26.97 35.59 5.41
CA ARG G 64 -25.76 35.45 6.22
C ARG G 64 -24.64 34.91 5.35
N ASN G 65 -23.45 35.47 5.51
CA ASN G 65 -22.30 35.00 4.74
C ASN G 65 -21.80 33.68 5.32
N LEU G 66 -21.64 32.69 4.44
CA LEU G 66 -21.13 31.38 4.82
C LEU G 66 -19.87 31.10 4.02
N ALA G 67 -18.82 30.64 4.70
CA ALA G 67 -17.61 30.25 3.99
C ALA G 67 -17.82 28.94 3.23
N MET G 68 -18.44 27.95 3.88
CA MET G 68 -18.70 26.65 3.28
C MET G 68 -17.44 26.04 2.69
N GLY G 69 -16.43 25.83 3.54
CA GLY G 69 -15.23 25.15 3.11
C GLY G 69 -15.56 23.74 2.65
N VAL G 70 -15.25 23.43 1.39
CA VAL G 70 -15.58 22.14 0.81
C VAL G 70 -14.36 21.60 0.09
N ASN G 71 -14.03 20.34 0.37
CA ASN G 71 -12.98 19.64 -0.36
C ASN G 71 -13.43 19.48 -1.80
N LEU G 72 -12.81 20.24 -2.70
CA LEU G 72 -13.27 20.24 -4.10
C LEU G 72 -13.08 18.88 -4.76
N THR G 73 -12.22 18.02 -4.21
CA THR G 73 -12.09 16.67 -4.74
C THR G 73 -13.42 15.93 -4.69
N SER G 74 -14.13 16.03 -3.56
CA SER G 74 -15.44 15.40 -3.46
C SER G 74 -16.50 16.19 -4.22
N MET G 75 -16.42 17.52 -4.18
CA MET G 75 -17.49 18.33 -4.74
C MET G 75 -17.51 18.22 -6.26
N SER G 76 -16.33 18.05 -6.88
CA SER G 76 -16.27 17.88 -8.32
C SER G 76 -16.95 16.57 -8.74
N LYS G 77 -16.71 15.50 -8.01
CA LYS G 77 -17.42 14.25 -8.27
C LYS G 77 -18.92 14.42 -8.09
N ILE G 78 -19.33 15.15 -7.05
CA ILE G 78 -20.75 15.40 -6.86
C ILE G 78 -21.33 16.16 -8.06
N LEU G 79 -20.65 17.21 -8.51
CA LEU G 79 -21.15 17.94 -9.66
C LEU G 79 -20.93 17.20 -10.98
N LYS G 80 -20.07 16.19 -10.99
CA LYS G 80 -19.87 15.42 -12.22
C LYS G 80 -21.14 14.68 -12.61
N CYS G 81 -21.92 14.25 -11.62
CA CYS G 81 -23.16 13.53 -11.90
C CYS G 81 -24.18 14.37 -12.64
N ALA G 82 -24.03 15.69 -12.63
CA ALA G 82 -24.98 16.55 -13.31
C ALA G 82 -24.76 16.53 -14.81
N GLY G 83 -25.85 16.53 -15.57
CA GLY G 83 -25.75 16.57 -17.01
C GLY G 83 -25.37 17.94 -17.53
N ASN G 84 -24.93 17.96 -18.79
CA ASN G 84 -24.56 19.22 -19.41
C ASN G 84 -25.75 20.16 -19.55
N GLU G 85 -26.91 19.62 -19.92
CA GLU G 85 -28.12 20.41 -19.99
C GLU G 85 -28.90 20.44 -18.69
N ASP G 86 -28.41 19.74 -17.66
CA ASP G 86 -29.11 19.68 -16.38
C ASP G 86 -29.09 21.03 -15.69
N ILE G 87 -30.21 21.36 -15.05
CA ILE G 87 -30.32 22.60 -14.27
C ILE G 87 -29.77 22.35 -12.87
N ILE G 88 -28.75 23.11 -12.50
CA ILE G 88 -28.02 22.89 -11.24
C ILE G 88 -28.38 24.01 -10.28
N THR G 89 -28.82 23.63 -9.07
CA THR G 89 -29.10 24.58 -8.01
C THR G 89 -28.33 24.16 -6.76
N LEU G 90 -27.85 25.14 -6.01
CA LEU G 90 -27.15 24.89 -4.75
C LEU G 90 -27.96 25.49 -3.61
N ARG G 91 -28.31 24.65 -2.63
CA ARG G 91 -29.08 25.06 -1.47
C ARG G 91 -28.27 24.80 -0.21
N ALA G 92 -28.17 25.81 0.65
CA ALA G 92 -27.41 25.70 1.89
C ALA G 92 -28.08 26.58 2.94
N GLU G 93 -28.60 25.95 4.00
CA GLU G 93 -29.17 26.69 5.10
C GLU G 93 -28.07 27.36 5.90
N ASP G 94 -28.39 28.50 6.52
CA ASP G 94 -27.40 29.24 7.31
C ASP G 94 -26.84 28.38 8.44
N ASN G 95 -27.60 27.41 8.92
CA ASN G 95 -27.16 26.46 9.94
C ASN G 95 -27.14 25.03 9.40
N ALA G 96 -26.67 24.87 8.17
CA ALA G 96 -26.61 23.57 7.52
C ALA G 96 -25.19 23.03 7.58
N ASP G 97 -25.03 21.83 8.13
CA ASP G 97 -23.71 21.21 8.21
C ASP G 97 -23.20 20.81 6.83
N THR G 98 -24.11 20.52 5.89
CA THR G 98 -23.77 20.08 4.55
C THR G 98 -24.47 20.95 3.52
N LEU G 99 -23.73 21.34 2.48
CA LEU G 99 -24.36 22.04 1.36
C LEU G 99 -25.09 21.01 0.49
N ALA G 100 -26.18 21.45 -0.12
CA ALA G 100 -27.02 20.56 -0.92
C ALA G 100 -27.14 21.12 -2.33
N LEU G 101 -27.16 20.23 -3.32
CA LEU G 101 -27.42 20.59 -4.70
C LEU G 101 -28.49 19.67 -5.28
N VAL G 102 -29.29 20.20 -6.20
CA VAL G 102 -30.38 19.46 -6.82
C VAL G 102 -30.24 19.60 -8.33
N PHE G 103 -30.33 18.47 -9.03
CA PHE G 103 -30.21 18.45 -10.48
C PHE G 103 -31.55 18.06 -11.08
N GLU G 104 -32.03 18.86 -12.02
CA GLU G 104 -33.29 18.60 -12.72
C GLU G 104 -33.02 18.62 -14.21
N ALA G 105 -33.29 17.50 -14.87
CA ALA G 105 -33.03 17.38 -16.29
C ALA G 105 -33.99 18.28 -17.08
N PRO G 106 -33.62 18.67 -18.29
CA PRO G 106 -34.53 19.51 -19.09
C PRO G 106 -35.89 18.89 -19.33
N ASN G 107 -35.95 17.57 -19.48
CA ASN G 107 -37.25 16.91 -19.63
C ASN G 107 -38.02 16.86 -18.32
N GLN G 108 -37.37 17.15 -17.20
CA GLN G 108 -37.97 17.24 -15.87
C GLN G 108 -38.52 15.92 -15.36
N GLU G 109 -38.33 14.82 -16.09
CA GLU G 109 -38.76 13.53 -15.59
C GLU G 109 -37.87 13.04 -14.46
N LYS G 110 -36.57 13.24 -14.58
CA LYS G 110 -35.59 12.83 -13.58
C LYS G 110 -35.26 13.99 -12.67
N VAL G 111 -35.33 13.76 -11.37
CA VAL G 111 -34.88 14.73 -10.38
C VAL G 111 -33.80 14.06 -9.52
N SER G 112 -32.70 14.77 -9.32
CA SER G 112 -31.58 14.26 -8.54
C SER G 112 -31.23 15.26 -7.44
N ASP G 113 -30.84 14.74 -6.29
CA ASP G 113 -30.50 15.59 -5.16
C ASP G 113 -29.43 14.90 -4.33
N TYR G 114 -28.26 15.53 -4.23
CA TYR G 114 -27.18 15.04 -3.38
C TYR G 114 -26.79 16.13 -2.41
N GLU G 115 -26.51 15.74 -1.17
CA GLU G 115 -25.93 16.63 -0.19
C GLU G 115 -24.49 16.22 0.08
N MET G 116 -23.58 17.19 0.08
CA MET G 116 -22.16 16.94 0.33
C MET G 116 -21.71 17.69 1.57
N LYS G 117 -20.82 17.06 2.33
CA LYS G 117 -20.34 17.63 3.58
C LYS G 117 -19.39 18.79 3.32
N LEU G 118 -19.48 19.81 4.16
CA LEU G 118 -18.60 20.97 4.09
C LEU G 118 -17.75 21.03 5.34
N MET G 119 -16.51 21.49 5.18
CA MET G 119 -15.59 21.64 6.31
C MET G 119 -16.11 22.64 7.33
N ILE G 128 -4.54 39.68 -3.44
CA ILE G 128 -3.73 40.21 -4.53
C ILE G 128 -4.27 41.57 -4.95
N PRO G 129 -3.58 42.64 -4.58
CA PRO G 129 -4.02 43.99 -4.95
C PRO G 129 -3.99 44.19 -6.45
N GLU G 130 -4.94 44.97 -6.95
CA GLU G 130 -5.03 45.23 -8.38
C GLU G 130 -3.85 46.09 -8.82
N GLN G 131 -3.23 45.69 -9.93
CA GLN G 131 -2.16 46.45 -10.56
C GLN G 131 -2.53 46.69 -12.02
N GLU G 132 -2.50 47.94 -12.45
CA GLU G 132 -2.86 48.28 -13.81
C GLU G 132 -1.86 47.68 -14.79
N TYR G 133 -2.31 46.71 -15.57
CA TYR G 133 -1.48 46.01 -16.53
C TYR G 133 -1.42 46.82 -17.82
N SER G 134 -0.28 47.47 -18.06
CA SER G 134 -0.15 48.35 -19.21
C SER G 134 -0.31 47.60 -20.53
N CYS G 135 0.31 46.42 -20.62
CA CYS G 135 0.20 45.58 -21.81
C CYS G 135 -0.63 44.34 -21.49
N VAL G 136 -1.51 43.96 -22.41
CA VAL G 136 -2.36 42.75 -22.20
C VAL G 136 -2.33 41.93 -23.50
N VAL G 137 -2.20 40.60 -23.39
CA VAL G 137 -2.25 39.75 -24.62
C VAL G 137 -3.48 38.85 -24.55
N LYS G 138 -4.30 38.87 -25.60
CA LYS G 138 -5.47 37.97 -25.65
C LYS G 138 -5.29 37.04 -26.84
N MET G 139 -5.44 35.73 -26.63
CA MET G 139 -5.26 34.72 -27.71
C MET G 139 -6.41 33.71 -27.59
N PRO G 140 -6.78 32.94 -28.63
CA PRO G 140 -7.84 31.96 -28.45
C PRO G 140 -7.35 30.99 -27.38
N SER G 141 -8.22 30.60 -26.45
CA SER G 141 -7.75 29.76 -25.33
C SER G 141 -7.25 28.42 -25.86
N GLY G 142 -7.96 27.84 -26.82
CA GLY G 142 -7.53 26.55 -27.38
C GLY G 142 -6.12 26.70 -27.89
N GLU G 143 -5.84 27.85 -28.50
CA GLU G 143 -4.49 28.12 -28.96
C GLU G 143 -3.52 28.12 -27.80
N PHE G 144 -3.80 28.93 -26.78
CA PHE G 144 -2.93 28.99 -25.60
C PHE G 144 -2.78 27.61 -24.97
N ALA G 145 -3.83 26.82 -24.99
CA ALA G 145 -3.72 25.43 -24.55
C ALA G 145 -2.65 24.70 -25.37
N ARG G 146 -2.65 24.94 -26.68
CA ARG G 146 -1.70 24.24 -27.54
C ARG G 146 -0.27 24.67 -27.24
N ILE G 147 -0.01 25.97 -27.10
CA ILE G 147 1.35 26.40 -26.72
C ILE G 147 1.74 25.82 -25.37
N CYS G 148 0.83 25.85 -24.39
CA CYS G 148 1.16 25.30 -23.09
C CYS G 148 1.57 23.83 -23.19
N ARG G 149 0.76 23.03 -23.88
CA ARG G 149 1.04 21.60 -23.96
C ARG G 149 2.36 21.35 -24.72
N ASP G 150 2.55 22.05 -25.84
CA ASP G 150 3.75 21.81 -26.64
C ASP G 150 5.01 22.20 -25.87
N LEU G 151 5.00 23.37 -25.24
CA LEU G 151 6.19 23.83 -24.54
C LEU G 151 6.40 23.07 -23.24
N SER G 152 5.35 22.45 -22.69
CA SER G 152 5.56 21.56 -21.57
C SER G 152 6.18 20.25 -22.03
N HIS G 153 5.86 19.82 -23.25
CA HIS G 153 6.61 18.71 -23.83
C HIS G 153 8.07 19.07 -24.02
N ILE G 154 8.34 20.27 -24.55
CA ILE G 154 9.71 20.66 -24.83
C ILE G 154 10.49 20.92 -23.55
N GLY G 155 9.88 21.67 -22.61
CA GLY G 155 10.59 22.03 -21.40
C GLY G 155 9.69 22.32 -20.21
N ASP G 156 10.18 23.13 -19.28
CA ASP G 156 9.45 23.43 -18.05
C ASP G 156 9.18 24.91 -17.84
N ALA G 157 9.87 25.80 -18.55
CA ALA G 157 9.67 27.23 -18.40
C ALA G 157 9.51 27.89 -19.77
N VAL G 158 8.69 28.93 -19.81
CA VAL G 158 8.46 29.69 -21.03
C VAL G 158 8.68 31.17 -20.74
N VAL G 159 9.42 31.84 -21.62
CA VAL G 159 9.65 33.27 -21.53
C VAL G 159 8.80 33.96 -22.59
N ILE G 160 7.88 34.81 -22.14
CA ILE G 160 6.92 35.48 -23.02
C ILE G 160 7.47 36.84 -23.39
N SER G 161 7.22 37.27 -24.63
CA SER G 161 7.75 38.53 -25.13
C SER G 161 6.71 39.23 -25.99
N CYS G 162 6.89 40.53 -26.17
CA CYS G 162 6.00 41.34 -26.98
C CYS G 162 6.59 41.56 -28.37
N ALA G 163 5.75 42.04 -29.28
CA ALA G 163 6.16 42.30 -30.66
C ALA G 163 7.17 43.45 -30.72
N VAL G 167 3.60 38.67 -30.19
CA VAL G 167 3.17 37.67 -29.23
C VAL G 167 4.09 36.47 -29.32
N LYS G 168 5.09 36.40 -28.45
CA LYS G 168 6.13 35.39 -28.52
C LYS G 168 6.12 34.55 -27.26
N PHE G 169 6.09 33.23 -27.42
CA PHE G 169 6.35 32.28 -26.35
C PHE G 169 7.56 31.45 -26.72
N SER G 170 8.58 31.49 -25.88
CA SER G 170 9.84 30.80 -26.14
C SER G 170 9.96 29.59 -25.23
N ALA G 171 10.45 28.49 -25.79
CA ALA G 171 10.57 27.23 -25.07
C ALA G 171 12.04 26.97 -24.77
N SER G 172 12.34 26.79 -23.49
CA SER G 172 13.71 26.56 -23.04
C SER G 172 13.74 25.23 -22.30
N GLY G 173 14.18 24.19 -22.99
CA GLY G 173 14.40 22.90 -22.36
C GLY G 173 15.75 22.35 -22.77
N GLU G 174 16.25 21.40 -21.97
CA GLU G 174 17.54 20.81 -22.26
C GLU G 174 17.52 20.03 -23.57
N LEU G 175 16.33 19.59 -24.01
CA LEU G 175 16.23 18.96 -25.31
C LEU G 175 16.44 19.97 -26.44
N GLY G 176 15.77 21.11 -26.37
CA GLY G 176 15.85 22.07 -27.46
C GLY G 176 15.06 23.32 -27.16
N ASN G 177 14.97 24.18 -28.17
CA ASN G 177 14.37 25.49 -28.07
C ASN G 177 13.15 25.58 -28.97
N GLY G 178 12.15 26.36 -28.54
CA GLY G 178 10.97 26.52 -29.34
C GLY G 178 10.30 27.88 -29.18
N ASN G 179 9.98 28.52 -30.29
CA ASN G 179 9.31 29.82 -30.30
C ASN G 179 8.02 29.71 -31.11
N ILE G 180 6.97 30.36 -30.62
CA ILE G 180 5.72 30.49 -31.35
C ILE G 180 5.36 31.96 -31.42
N LYS G 181 4.86 32.40 -32.57
CA LYS G 181 4.51 33.79 -32.80
C LYS G 181 3.03 33.89 -33.16
N LEU G 182 2.35 34.87 -32.57
CA LEU G 182 0.95 35.13 -32.87
C LEU G 182 0.82 36.58 -33.32
N SER G 183 0.00 36.81 -34.34
CA SER G 183 -0.22 38.14 -34.89
C SER G 183 -1.71 38.45 -34.93
N GLN G 184 -2.04 39.73 -34.83
CA GLN G 184 -3.42 40.16 -34.90
C GLN G 184 -4.00 39.90 -36.28
N THR G 185 -5.31 39.68 -36.32
CA THR G 185 -6.00 39.43 -37.58
C THR G 185 -7.45 39.93 -37.50
N GLU G 193 -10.71 33.86 -31.30
CA GLU G 193 -10.16 33.78 -32.65
C GLU G 193 -9.20 34.95 -32.91
N ALA G 194 -9.43 36.07 -32.23
CA ALA G 194 -8.63 37.26 -32.43
C ALA G 194 -7.50 37.33 -31.41
N VAL G 195 -6.37 37.88 -31.83
CA VAL G 195 -5.21 38.07 -30.97
C VAL G 195 -4.92 39.56 -30.88
N THR G 196 -4.87 40.08 -29.66
CA THR G 196 -4.61 41.49 -29.42
C THR G 196 -3.57 41.63 -28.31
N ILE G 197 -2.51 42.38 -28.59
CA ILE G 197 -1.46 42.66 -27.61
C ILE G 197 -1.24 44.16 -27.58
N GLU G 198 -1.24 44.74 -26.37
CA GLU G 198 -1.10 46.19 -26.26
C GLU G 198 0.30 46.65 -26.63
N MET G 199 1.31 45.88 -26.25
CA MET G 199 2.72 46.22 -26.53
C MET G 199 3.10 47.58 -25.94
N ASN G 200 2.57 47.90 -24.76
CA ASN G 200 2.87 49.20 -24.17
C ASN G 200 4.30 49.25 -23.63
N GLU G 201 4.79 48.16 -23.04
CA GLU G 201 6.20 48.07 -22.68
C GLU G 201 6.74 46.76 -23.21
N PRO G 202 8.04 46.68 -23.47
CA PRO G 202 8.65 45.37 -23.71
C PRO G 202 8.54 44.48 -22.49
N VAL G 203 8.32 43.19 -22.73
CA VAL G 203 8.07 42.22 -21.66
C VAL G 203 8.98 41.01 -21.85
N GLN G 204 9.71 40.66 -20.79
CA GLN G 204 10.45 39.41 -20.72
C GLN G 204 10.17 38.77 -19.36
N LEU G 205 9.08 38.01 -19.28
CA LEU G 205 8.65 37.37 -18.05
C LEU G 205 8.62 35.87 -18.22
N THR G 206 9.32 35.16 -17.34
CA THR G 206 9.40 33.70 -17.40
C THR G 206 8.47 33.10 -16.36
N PHE G 207 7.84 31.98 -16.71
CA PHE G 207 6.91 31.28 -15.83
C PHE G 207 7.11 29.79 -15.97
N ALA G 208 6.91 29.06 -14.87
CA ALA G 208 6.95 27.62 -14.92
C ALA G 208 5.75 27.08 -15.70
N LEU G 209 6.02 26.16 -16.62
CA LEU G 209 4.97 25.63 -17.49
C LEU G 209 4.08 24.61 -16.81
N ARG G 210 4.50 24.06 -15.67
CA ARG G 210 3.67 23.08 -14.96
C ARG G 210 2.33 23.70 -14.59
N TYR G 211 2.37 24.84 -13.90
CA TYR G 211 1.13 25.50 -13.52
C TYR G 211 0.43 26.07 -14.74
N LEU G 212 1.19 26.45 -15.77
CA LEU G 212 0.58 26.97 -16.97
C LEU G 212 -0.30 25.93 -17.64
N ASN G 213 0.14 24.68 -17.69
CA ASN G 213 -0.74 23.62 -18.18
C ASN G 213 -1.80 23.27 -17.15
N PHE G 214 -1.61 23.60 -15.88
CA PHE G 214 -2.73 23.37 -14.91
C PHE G 214 -3.83 24.39 -15.24
N PHE G 215 -3.43 25.60 -15.60
CA PHE G 215 -4.37 26.68 -16.00
C PHE G 215 -5.10 26.28 -17.27
N THR G 216 -4.43 25.57 -18.17
CA THR G 216 -4.98 25.23 -19.50
C THR G 216 -6.27 24.42 -19.33
N LYS G 217 -6.39 23.59 -18.31
CA LYS G 217 -7.54 22.66 -18.17
C LYS G 217 -8.81 23.51 -18.12
N ALA G 218 -8.73 24.73 -17.63
CA ALA G 218 -9.88 25.64 -17.49
C ALA G 218 -10.45 26.10 -18.84
N THR G 219 -9.76 25.89 -19.96
CA THR G 219 -10.20 26.54 -21.24
C THR G 219 -11.61 26.18 -21.71
N PRO G 220 -12.17 24.97 -21.65
CA PRO G 220 -13.53 24.73 -22.18
C PRO G 220 -14.50 25.80 -21.69
N LEU G 221 -14.17 26.51 -20.62
CA LEU G 221 -15.04 27.49 -19.99
C LEU G 221 -15.15 28.76 -20.83
N SER G 222 -14.04 29.26 -21.36
CA SER G 222 -13.99 30.53 -22.06
C SER G 222 -13.44 30.31 -23.46
N SER G 223 -14.02 30.99 -24.44
CA SER G 223 -13.52 30.90 -25.81
C SER G 223 -12.23 31.69 -25.98
N THR G 224 -12.06 32.75 -25.20
CA THR G 224 -10.87 33.61 -25.26
C THR G 224 -10.23 33.70 -23.90
N VAL G 225 -8.90 33.66 -23.86
CA VAL G 225 -8.14 33.79 -22.63
C VAL G 225 -7.38 35.11 -22.66
N THR G 226 -7.20 35.70 -21.49
CA THR G 226 -6.52 36.99 -21.36
C THR G 226 -5.27 36.82 -20.51
N LEU G 227 -4.13 37.26 -21.04
CA LEU G 227 -2.87 37.22 -20.33
C LEU G 227 -2.23 38.60 -20.39
N SER G 228 -2.08 39.24 -19.23
CA SER G 228 -1.56 40.59 -19.13
C SER G 228 -0.23 40.58 -18.40
N MET G 229 0.79 41.17 -19.00
CA MET G 229 2.14 41.18 -18.44
C MET G 229 2.51 42.56 -17.93
N SER G 230 3.11 42.61 -16.76
CA SER G 230 3.77 43.80 -16.24
C SER G 230 5.05 43.35 -15.54
N ALA G 231 6.14 44.09 -15.75
CA ALA G 231 7.44 43.67 -15.27
C ALA G 231 7.41 43.39 -13.77
N ASP G 232 7.99 42.25 -13.39
CA ASP G 232 8.03 41.77 -12.00
C ASP G 232 6.68 41.89 -11.31
N VAL G 233 5.60 41.77 -12.08
CA VAL G 233 4.24 41.83 -11.55
C VAL G 233 3.55 40.52 -11.87
N PRO G 234 2.80 39.94 -10.93
CA PRO G 234 2.18 38.63 -11.18
C PRO G 234 1.24 38.65 -12.38
N LEU G 235 1.26 37.55 -13.12
CA LEU G 235 0.41 37.37 -14.29
C LEU G 235 -0.90 36.71 -13.91
N VAL G 236 -1.97 37.12 -14.58
CA VAL G 236 -3.31 36.58 -14.35
C VAL G 236 -3.84 36.05 -15.68
N VAL G 237 -4.30 34.80 -15.67
CA VAL G 237 -5.02 34.24 -16.81
C VAL G 237 -6.51 34.32 -16.52
N GLU G 238 -7.12 35.42 -16.93
CA GLU G 238 -8.55 35.61 -16.69
C GLU G 238 -9.39 34.93 -17.76
N TYR G 239 -10.41 34.21 -17.33
CA TYR G 239 -11.35 33.55 -18.23
C TYR G 239 -12.73 34.14 -18.03
N LYS G 240 -13.31 34.65 -19.12
CA LYS G 240 -14.61 35.29 -19.07
C LYS G 240 -15.69 34.21 -19.17
N ILE G 241 -16.45 34.03 -18.09
CA ILE G 241 -17.48 33.01 -18.06
C ILE G 241 -18.79 33.58 -18.59
N ALA G 242 -18.94 33.63 -19.91
CA ALA G 242 -20.16 34.07 -20.58
C ALA G 242 -20.66 35.41 -20.02
N ASP G 243 -19.72 36.28 -19.66
CA ASP G 243 -20.02 37.57 -19.03
C ASP G 243 -20.79 37.39 -17.73
N MET G 244 -20.86 36.17 -17.22
CA MET G 244 -21.56 35.90 -15.98
C MET G 244 -20.62 36.03 -14.80
N GLY G 245 -19.38 35.58 -14.95
CA GLY G 245 -18.35 35.74 -13.95
C GLY G 245 -16.99 35.71 -14.61
N HIS G 246 -15.95 35.75 -13.78
CA HIS G 246 -14.59 35.65 -14.28
C HIS G 246 -13.80 34.64 -13.46
N LEU G 247 -12.80 34.04 -14.11
CA LEU G 247 -11.96 33.01 -13.50
C LEU G 247 -10.50 33.49 -13.59
N LYS G 248 -9.99 34.00 -12.47
CA LYS G 248 -8.65 34.55 -12.42
C LYS G 248 -7.71 33.57 -11.73
N TYR G 249 -6.67 33.14 -12.45
CA TYR G 249 -5.57 32.38 -11.87
C TYR G 249 -4.34 33.26 -11.85
N TYR G 250 -3.75 33.44 -10.68
CA TYR G 250 -2.69 34.42 -10.47
C TYR G 250 -1.34 33.71 -10.56
N LEU G 251 -0.53 34.11 -11.53
CA LEU G 251 0.77 33.50 -11.79
C LEU G 251 1.87 34.33 -11.14
N ALA G 252 2.64 33.70 -10.26
CA ALA G 252 3.81 34.35 -9.69
C ALA G 252 5.03 34.01 -10.54
N PRO G 253 5.65 34.99 -11.20
CA PRO G 253 6.79 34.69 -12.05
C PRO G 253 7.96 34.12 -11.26
N LYS G 254 8.76 33.32 -11.95
CA LYS G 254 9.92 32.66 -11.34
C LYS G 254 10.94 33.67 -10.84
#